data_1W5Y
# 
_entry.id   1W5Y 
# 
_audit_conform.dict_name       mmcif_pdbx.dic 
_audit_conform.dict_version    5.391 
_audit_conform.dict_location   http://mmcif.pdb.org/dictionaries/ascii/mmcif_pdbx.dic 
# 
loop_
_database_2.database_id 
_database_2.database_code 
_database_2.pdbx_database_accession 
_database_2.pdbx_DOI 
PDB   1W5Y         pdb_00001w5y 10.2210/pdb1w5y/pdb 
PDBE  EBI-20739    ?            ?                   
WWPDB D_1290020739 ?            ?                   
# 
loop_
_pdbx_audit_revision_history.ordinal 
_pdbx_audit_revision_history.data_content_type 
_pdbx_audit_revision_history.major_revision 
_pdbx_audit_revision_history.minor_revision 
_pdbx_audit_revision_history.revision_date 
1 'Structure model' 1 0 2004-10-07 
2 'Structure model' 1 1 2011-05-08 
3 'Structure model' 1 2 2011-07-13 
4 'Structure model' 1 3 2018-01-17 
5 'Structure model' 1 4 2024-05-08 
# 
_pdbx_audit_revision_details.ordinal             1 
_pdbx_audit_revision_details.revision_ordinal    1 
_pdbx_audit_revision_details.data_content_type   'Structure model' 
_pdbx_audit_revision_details.provider            repository 
_pdbx_audit_revision_details.type                'Initial release' 
_pdbx_audit_revision_details.description         ? 
_pdbx_audit_revision_details.details             ? 
# 
loop_
_pdbx_audit_revision_group.ordinal 
_pdbx_audit_revision_group.revision_ordinal 
_pdbx_audit_revision_group.data_content_type 
_pdbx_audit_revision_group.group 
1 2 'Structure model' 'Version format compliance' 
2 3 'Structure model' 'Version format compliance' 
3 4 'Structure model' 'Data collection'           
4 5 'Structure model' 'Data collection'           
5 5 'Structure model' 'Database references'       
# 
loop_
_pdbx_audit_revision_category.ordinal 
_pdbx_audit_revision_category.revision_ordinal 
_pdbx_audit_revision_category.data_content_type 
_pdbx_audit_revision_category.category 
1 4 'Structure model' diffrn_source  
2 5 'Structure model' chem_comp_atom 
3 5 'Structure model' chem_comp_bond 
4 5 'Structure model' database_2     
# 
loop_
_pdbx_audit_revision_item.ordinal 
_pdbx_audit_revision_item.revision_ordinal 
_pdbx_audit_revision_item.data_content_type 
_pdbx_audit_revision_item.item 
1 4 'Structure model' '_diffrn_source.pdbx_synchrotron_site' 
2 5 'Structure model' '_database_2.pdbx_DOI'                 
3 5 'Structure model' '_database_2.pdbx_database_accession'  
# 
_pdbx_database_status.status_code                     REL 
_pdbx_database_status.entry_id                        1W5Y 
_pdbx_database_status.deposit_site                    PDBE 
_pdbx_database_status.process_site                    PDBE 
_pdbx_database_status.SG_entry                        . 
_pdbx_database_status.recvd_initial_deposition_date   2004-08-10 
_pdbx_database_status.pdb_format_compatible           Y 
_pdbx_database_status.status_code_sf                  ? 
_pdbx_database_status.status_code_mr                  ? 
_pdbx_database_status.status_code_cs                  ? 
_pdbx_database_status.methods_development_category    ? 
_pdbx_database_status.status_code_nmr_data            ? 
# 
loop_
_pdbx_database_related.db_name 
_pdbx_database_related.db_id 
_pdbx_database_related.content_type 
_pdbx_database_related.details 
PDB 1AJV unspecified 'HIV-1 PROTEASE IN COMPLEX WITH THE CYCLIC SULFAMIDE INHIBITOR AHA006' 
PDB 1AJX unspecified 'HIV-1 PROTEASE IN COMPLEX WITH THE CYCLIC UREA INHIBITOR AHA001' 
PDB 1AXA unspecified 
'ACTIVE-SITE MOBILITY IN HUMAN IMMUNODEFICIENCY VIRUS TYPE 1 PROTEASE AS DEMONSTRATED BY CRYSTAL STRUCTURE OF A28S MUTANT'       
PDB 1BQM unspecified 'HIV-1 RT/HBY 097' 
PDB 1BQN unspecified 'TYR 188 LEU HIV-1 RT/HBY 097' 
PDB 1D4H unspecified 'HIV-1 PROTEASE IN COMPLEX WITH THE INHIBITOR BEA435' 
PDB 1D4I unspecified 'HIV-1 PROTEASE IN COMPLEX WITH THE INHIBITOR BEA425' 
PDB 1D4J unspecified 'HIV-1 PROTEASE IN COMPLEX WITH THE INHIBITOR MSL370' 
PDB 1DLO unspecified 'HUMAN IMMUNODEFICIENCY VIRUS TYPE 1' 
PDB 1DW6 unspecified 'STRUCTURAL AND KINETIC ANALYSIS OF DRUG RESISTANT MUTANTS OF HIV-1 PROTEASE' 
PDB 1EBK unspecified 'STRUCTURAL AND KINETIC ANALYSIS OF DRUG RESISTANT MUTANTS OF HIV-1 PROTEASE' 
PDB 1EBW unspecified 'HIV-1 PROTEASE IN COMPLEX WITH THE INHIBITOR BEA322' 
PDB 1EBY unspecified 'HIV-1 PROTEASE IN COMPLEX WITH THE INHIBITOR BEA369' 
PDB 1EBZ unspecified 'HIV-1 PROTEASE IN COMPLEX WITH THE INHIBITOR BEA388' 
PDB 1EC0 unspecified 'HIV-1 PROTEASE IN COMPLEX WITH THE INHIBITOR BEA403' 
PDB 1EC1 unspecified 'HIV-1 PROTEASE IN COMPLEX WITH THE INHIBITOR BEA409' 
PDB 1EC2 unspecified 'HIV-1 PROTEASE IN COMPLEX WITH THE INHIBITOR BEA428' 
PDB 1EC3 unspecified 'HIV-1 PROTEASE IN COMPLEX WITH THE INHIBITOR MSA367' 
PDB 1EET unspecified 'HIV-1 REVERSE TRANSCRIPTASE IN COMPLEX WITH THE INHIBITOR MSC204' 
PDB 1HBV unspecified 'HIV-1 PROTEASE COMPLEXED WITH SB203238' 
PDB 1HEF unspecified 'HIV-1 PROTEASE COMPLEXED WITH SKF 108738 (HEF)' 
PDB 1HEG unspecified 'HIV-1 PROTEASE COMPLEXED WITH SKF 107457 (HEG)' 
PDB 1HIH unspecified 'HIV-1 PROTEASE COMPLEXED WITH INHIBITOR CGP 53820' 
PDB 1HMV unspecified 'HIV-1 REVERSE TRANSCRIPTASE' 
PDB 1HNI unspecified 
'HUMAN IMMUNODEFICIENCY VIRUS TYPE 1 REVERSE TRANSCRIPTASE (HIV-1RT) MUTANT WITH CYS 280 REPLACED BY SER (C280S)'                
PDB 1HNV unspecified 'HIV-1 REVERSE TRANSCRIPTASE (HIV-1 RT) MUTANT WITH CYS 280 REPLACED BY SER (C280S)' 
PDB 1HOS unspecified 'HIV-1 PROTEASE COMPLEX WITH SB204144' 
PDB 1HPS unspecified 'HIV-1 PROTEASE COMPLEXED WITH SB206343' 
PDB 1HPZ unspecified 'HUMAN IMMUNODEFICIENCY VIRUS TYPE 1' 
PDB 1HQE unspecified 'HUMAN IMMUNODEFICIENCY VIRUS TYPE 1' 
PDB 1HQU unspecified 'HUMAN IMMUNODEFICIENCY VIRUS TYPE 1' 
PDB 1HRH unspecified 'RIBONUCLEASE H DOMAIN OF HIV-1 REVERSE TRANSCRIPTASE' 
PDB 1HTE unspecified 'HIV-1 PROTEASE COMPLEXED WITH GR123976' 
PDB 1HTF unspecified 'HIV-1 PROTEASE COMPLEXED WITH GR126045' 
PDB 1HTG unspecified 'HIV-1 PROTEASE COMPLEXED WITH GR137615' 
PDB 1HVK unspecified 'HIV-1 PROTEASE COMPLEXED WITH THE INHIBITOR A76928 (S,S)' 
PDB 1HVP unspecified 'HIV-1 PROTEASE COMPLEX WITH SUBSTRATE (THEORETICAL MODEL)' 
PDB 1HVU unspecified 
'HUMAN IMMUNODEFICIENCY VIRUS TYPE 1 REVERSE TRANSCRIPTASE COMPLEXED WITH A 33-BASE NUCLEOTIDE RIBONUCLEIC ACID PSEUDOKNOT'      
PDB 1HYS unspecified 'CRYSTAL STRUCTURE OF HIV-1 REVERSE TRANSCRIPTASE IN COMPLEXWITH A POLYPURINE TRACT RNA:DNA' 
PDB 1IKV unspecified 'K103N MUTANT HIV-1 REVERSE TRANSCRIPTASE IN COMPLEX WITHEFIVARENZ' 
PDB 1IKW unspecified 'WILD TYPE HIV-1 REVERSE TRANSCRIPTASE IN COMPLEX WITHEFAVIRENZ' 
PDB 1IKX unspecified 'K103N MUTANT HIV-1 REVERSE TRANSCRIPTASE IN COMPLEX WITHTHE INHIBITOR PNU142721' 
PDB 1IKY unspecified 'HIV-1 REVERSE TRANSCRIPTASE IN COMPLEX WITH THE INHIBITORMSC194' 
PDB 1J5O unspecified 
'CRYSTAL STRUCTURE OF MET184ILE MUTANT OF HIV -1 REVERSETRANSCRIPTASE IN COMPLEX WITH DOUBLE STRANDED DNA TEMPLATE-PRIMER'       
PDB 1MER unspecified 'HIV-1 MUTANT (I84V) PROTEASE COMPLEXED WITH DMP450' 
PDB 1MES unspecified 'HIV-1 MUTANT (I84V) PROTEASE COMPLEXED WITH DMP323' 
PDB 1MET unspecified 'HIV-1 MUTANT (V82F) PROTEASE COMPLEXED WITH DMP323' 
PDB 1MEU unspecified 'HIV-1 MUTANT (V82F, I84V) PROTEASE COMPLEXED WITH DMP323' 
PDB 1N5Y unspecified 'HIV-1 REVERSE TRANSCRIPTASE CROSSLINKED TO POST-TRANSLOCATION AZTMP-TERMINATED DNA (COMPLEX P)' 
PDB 1N6Q unspecified 'HIV-1 REVERSE TRANSCRIPTASE CROSSLINKED TO PRE-TRANSLOCATION AZTMP-TERMINATED DNA (COMPLEX N)' 
PDB 1QE1 unspecified 'CRYSTAL STRUCTURE OF 3TC-RESISTANT M184I MUTANT OF HIV-1 REVERSE TRANSCRIPTASE' 
PDB 1QMC unspecified 'C-TERMINAL DNA-BINDING DOMAIN OF HIV-1 INTEGRASE, NMR, 42 STRUCTURES' 
PDB 1R0A unspecified 
'CRYSTAL STRUCTURE OF HIV-1 REVERSE TRANSCRIPTASE COVALENTLYTETHERED TO DNA TEMPLATE -PRIMER SOLVED TO 2.8 ANGSTROMS'            
PDB 1RDH unspecified 'HIV-1 REVERSE TRANSCRIPTASE (RIBONUCLEASE H DOMAIN)' 
PDB 1RTD unspecified 
'STRUCTURE OF A CATALYTIC COMPLEX OF HIV-1 REVERSE TRANSCRIPTASE: IMPLICATIONS FOR NUCLEOSIDE ANALOG DRUG RESISTANCE'            
PDB 1RVL unspecified 'REVERSE TRANSCRIPTASE NON-NUCLEOSIDE BINDING SITE COMPLEXED WITH ALPHA-APA (R89439) (THEORETICAL MODEL)' 
PDB 1RVM unspecified 'REVERSE TRANSCRIPTASE NON-NUCLEOSIDE BINDING SITE COMPLEXED WITH HEPT (THEORETICAL MODEL)' 
PDB 1RVN unspecified 'REVERSE TRANSCRIPTASE NON-NUCLEOSIDE BINDING SITE COMPLEXED WITH PHENYL-ISOINDOLINONE (THEORETICAL MODEL)' 
PDB 1RVO unspecified 'REVERSE TRANSCRIPTASE NON-NUCLEOSIDE BINDING SITE COMPLEXED WITH NEVIRAPINE (THEORETICAL MODEL)' 
PDB 1RVP unspecified 'REVERSE TRANSCRIPTASE NON-NUCLEOSIDE BINDING SITE COMPLEXED WITH THIAZOLOISOINDOLINONE (THEORETICAL MODEL)' 
PDB 1RVQ unspecified 'REVERSE TRANSCRIPTASE NON-NUCLEOSIDE BINDING SITE COMPLEXED WITH TIBO (THEORETICAL MODEL)' 
PDB 1RVR unspecified 
'REVERSE TRANSCRIPTASE NON-NUCLEOSIDE BINDING SITE COMPLEXED WITH IMIDAZODIPYRIDODIAZEPINE (UK -129,485) (THEORETICAL MODEL)'    
PDB 1S6P unspecified 
'CRYSTAL STRUCTURE OF HUMAN IMMUNODEFICIENCY VIRUS TYPE 1REVERSE TRANSCRIPTASE (RT) IN COMPLEX WITH JANSSEN-R100943'             
PDB 1S6Q unspecified 'CRYSTAL STRUCTURE OF HIV-1 REVERSE TRANSCRIPTASE (RT) INCOMPLEX WITH JANSSEN- R147681' 
PDB 1S9E unspecified 'CRYSTAL STRUCTURE OF HIV-1 REVERSE TRANSCRIPTASE (RT) INCOMPLEX WITH JANSSEN- R129385' 
PDB 1S9G unspecified 'CRYSTAL STRUCTURE OF HIV-1 REVERSE TRANSCRIPTASE (RT) INCOMPLEX WITH JANSSEN- R120394.' 
PDB 1SBG unspecified 'HIV-1 PROTEASE COMPLEXED WITH THE INHIBITOR SB203386' 
PDB 1SUQ unspecified 'CRYSTAL STRUCTURE OF HIV-1 REVERSE TRANSCRIPTASE (RT) INCOMPLEX WITH JANSSEN- R185545' 
PDB 1SV5 unspecified 'CRYSTAL STRUCTURE OF K103N MUTANT HIV-1 REVERSETRANSCRIPTASE (RT) IN COMPLEX WITH JANSSEN-R165335' 
PDB 1T03 unspecified 'HIV-1 REVERSE TRANSCRIPTASE CROSSLINKED TO TENOFOVIRTERMINATED TEMPLATE-PRIMER (COMPLEX P)' 
PDB 1T05 unspecified 
'HIV-1 REVERSE TRANSCRIPTASE CROSSLINKED TO TEMPLATE-PRIMERWITH TENOFOVIR-DIPHOSPHATE BOUND AS THE INCOMINGNUCLEOTIDE SUBSTRATE' 
PDB 1TV6 unspecified 'HIV-1 REVERSE TRANSCRIPTASE COMPLEXED WITH CP-94,707' 
PDB 1TVR unspecified 'HIV-1 RT/9-CL TIBO' 
PDB 1UWB unspecified 'TYR 181 CYS HIV-1 RT/8-CL TIBO' 
PDB 1W5V unspecified 'HIV-1 PROTEASE IN COMPLEX WITH FLUORO SUBSTITUTED DIOL-BASED C2-SYMMETRIC INHIBITOR' 
PDB 1W5W unspecified 'HIV-1 PROTEASE IN COMPLEX WITH FLUORO SUBSTITUTED DIOL-BASED C2-SYMMETRIC INHIBITOR' 
PDB 1W5X unspecified 'HIV-1 PROTEASE IN COMPLEX WITH FLUORO SUBSTITUTED DIOL-BASED C2-SYMMETRIC INHIBITOR' 
PDB 2HMI unspecified 'HIV-1 REVERSE TRANSCRIPTASE COMPLEXED WITH A DOUBLE-STRANDED DEOXYRIBONUCLEIC ACID AND FAB28' 
PDB 3HVT unspecified 'REVERSE TRANSCRIPTASE' 
PDB 3TLH unspecified 'STRUCTURAL STUDIES OF HIV AND FIV PROTEASES COMPLEXED WITHAN EFFICIENT INHIBITOR OF FIV PR' 
# 
loop_
_audit_author.name 
_audit_author.pdbx_ordinal 
'Lindberg, J.'    1  
'Pyring, D.'      2  
'Loewgren, S.'    3  
'Rosenquist, A.'  4  
'Zuccarello, G.'  5  
'Kvarnstroem, I.' 6  
'Zhang, H.'       7  
'Vrang, L.'       8  
'Claesson, B.'    9  
'Hallberg, A.'    10 
'Samuelsson, B.'  11 
'Unge, T.'        12 
# 
_citation.id                        primary 
_citation.title                     
;Symmetric Fluoro-Substituted Diol-Based HIV Protease Inhibitors. Ortho-Fluorinated and Meta-Fluorinated P1/P1'-Benzyloxy Side Groups Significantly Improve the Antiviral Activity and Preserve Binding Efficacy
;
_citation.journal_abbrev            Eur.J.Biochem. 
_citation.journal_volume            271 
_citation.page_first                4594 
_citation.page_last                 ? 
_citation.year                      2004 
_citation.journal_id_ASTM           EJBCAI 
_citation.country                   IX 
_citation.journal_id_ISSN           0014-2956 
_citation.journal_id_CSD            0262 
_citation.book_publisher            ? 
_citation.pdbx_database_id_PubMed   15560801 
_citation.pdbx_database_id_DOI      10.1111/J.1432-1033.2004.04431.X 
# 
loop_
_citation_author.citation_id 
_citation_author.name 
_citation_author.ordinal 
_citation_author.identifier_ORCID 
primary 'Lindberg, J.'    1  ? 
primary 'Pyring, D.'      2  ? 
primary 'Loewgren, S.'    3  ? 
primary 'Rosenquist, A.'  4  ? 
primary 'Zuccarello, G.'  5  ? 
primary 'Kvarnstroem, I.' 6  ? 
primary 'Zhang, H.'       7  ? 
primary 'Vrang, L.'       8  ? 
primary 'Claesson, B.'    9  ? 
primary 'Hallberg, A.'    10 ? 
primary 'Samuelsson, B.'  11 ? 
primary 'Unge, T.'        12 ? 
# 
loop_
_entity.id 
_entity.type 
_entity.src_method 
_entity.pdbx_description 
_entity.formula_weight 
_entity.pdbx_number_of_molecules 
_entity.pdbx_ec 
_entity.pdbx_mutation 
_entity.pdbx_fragment 
_entity.details 
1 polymer     man 'POL POLYPROTEIN' 12028.059 2   3.4.23.16 ? 'RESIDUES 58-167' ? 
2 non-polymer syn 
"(2R,3R,4R,5R)-2,5-BIS[(2,5-DIFLUOROBENZYL)OXY]-3,4-DIHYDROXY-N,N'-BIS[(1S,2R)-2-HYDROXY-2,3-DIHYDRO-1H-INDEN-1-YL]HEXANEDIAMIDE" 
724.695   1   ?         ? ?                 ? 
3 water       nat water 18.015    101 ?         ? ?                 ? 
# 
_entity_name_com.entity_id   1 
_entity_name_com.name        'HIV-1 PROTEASE, PROTEASE, RETROPEPSIN, REVERSE TRANSCRIPTASE, RIBONUCLEASE H' 
# 
_entity_poly.entity_id                      1 
_entity_poly.type                           'polypeptide(L)' 
_entity_poly.nstd_linkage                   no 
_entity_poly.nstd_monomer                   no 
_entity_poly.pdbx_seq_one_letter_code       
;ADRQGTVSFNFPQITLWQRPLVTIKIGGQLKEALLDTGADDTVLEEMSLPGRWKPKMIGGIGGFIKVRQYDQILIEICGH
KAIGTVLVGPTPVNIIGRNLLTQIGCTLNF
;
_entity_poly.pdbx_seq_one_letter_code_can   
;ADRQGTVSFNFPQITLWQRPLVTIKIGGQLKEALLDTGADDTVLEEMSLPGRWKPKMIGGIGGFIKVRQYDQILIEICGH
KAIGTVLVGPTPVNIIGRNLLTQIGCTLNF
;
_entity_poly.pdbx_strand_id                 A,B 
_entity_poly.pdbx_target_identifier         ? 
# 
loop_
_pdbx_entity_nonpoly.entity_id 
_pdbx_entity_nonpoly.name 
_pdbx_entity_nonpoly.comp_id 
2 
"(2R,3R,4R,5R)-2,5-BIS[(2,5-DIFLUOROBENZYL)OXY]-3,4-DIHYDROXY-N,N'-BIS[(1S,2R)-2-HYDROXY-2,3-DIHYDRO-1H-INDEN-1-YL]HEXANEDIAMIDE" 
BE6 
3 water HOH 
# 
loop_
_entity_poly_seq.entity_id 
_entity_poly_seq.num 
_entity_poly_seq.mon_id 
_entity_poly_seq.hetero 
1 1   ALA n 
1 2   ASP n 
1 3   ARG n 
1 4   GLN n 
1 5   GLY n 
1 6   THR n 
1 7   VAL n 
1 8   SER n 
1 9   PHE n 
1 10  ASN n 
1 11  PHE n 
1 12  PRO n 
1 13  GLN n 
1 14  ILE n 
1 15  THR n 
1 16  LEU n 
1 17  TRP n 
1 18  GLN n 
1 19  ARG n 
1 20  PRO n 
1 21  LEU n 
1 22  VAL n 
1 23  THR n 
1 24  ILE n 
1 25  LYS n 
1 26  ILE n 
1 27  GLY n 
1 28  GLY n 
1 29  GLN n 
1 30  LEU n 
1 31  LYS n 
1 32  GLU n 
1 33  ALA n 
1 34  LEU n 
1 35  LEU n 
1 36  ASP n 
1 37  THR n 
1 38  GLY n 
1 39  ALA n 
1 40  ASP n 
1 41  ASP n 
1 42  THR n 
1 43  VAL n 
1 44  LEU n 
1 45  GLU n 
1 46  GLU n 
1 47  MET n 
1 48  SER n 
1 49  LEU n 
1 50  PRO n 
1 51  GLY n 
1 52  ARG n 
1 53  TRP n 
1 54  LYS n 
1 55  PRO n 
1 56  LYS n 
1 57  MET n 
1 58  ILE n 
1 59  GLY n 
1 60  GLY n 
1 61  ILE n 
1 62  GLY n 
1 63  GLY n 
1 64  PHE n 
1 65  ILE n 
1 66  LYS n 
1 67  VAL n 
1 68  ARG n 
1 69  GLN n 
1 70  TYR n 
1 71  ASP n 
1 72  GLN n 
1 73  ILE n 
1 74  LEU n 
1 75  ILE n 
1 76  GLU n 
1 77  ILE n 
1 78  CYS n 
1 79  GLY n 
1 80  HIS n 
1 81  LYS n 
1 82  ALA n 
1 83  ILE n 
1 84  GLY n 
1 85  THR n 
1 86  VAL n 
1 87  LEU n 
1 88  VAL n 
1 89  GLY n 
1 90  PRO n 
1 91  THR n 
1 92  PRO n 
1 93  VAL n 
1 94  ASN n 
1 95  ILE n 
1 96  ILE n 
1 97  GLY n 
1 98  ARG n 
1 99  ASN n 
1 100 LEU n 
1 101 LEU n 
1 102 THR n 
1 103 GLN n 
1 104 ILE n 
1 105 GLY n 
1 106 CYS n 
1 107 THR n 
1 108 LEU n 
1 109 ASN n 
1 110 PHE n 
# 
_entity_src_gen.entity_id                          1 
_entity_src_gen.pdbx_src_id                        1 
_entity_src_gen.pdbx_alt_source_flag               sample 
_entity_src_gen.pdbx_seq_type                      ? 
_entity_src_gen.pdbx_beg_seq_num                   ? 
_entity_src_gen.pdbx_end_seq_num                   ? 
_entity_src_gen.gene_src_common_name               HIV-1 
_entity_src_gen.gene_src_genus                     ? 
_entity_src_gen.pdbx_gene_src_gene                 ? 
_entity_src_gen.gene_src_species                   ? 
_entity_src_gen.gene_src_strain                    ? 
_entity_src_gen.gene_src_tissue                    ? 
_entity_src_gen.gene_src_tissue_fraction           ? 
_entity_src_gen.gene_src_details                   ? 
_entity_src_gen.pdbx_gene_src_fragment             ? 
_entity_src_gen.pdbx_gene_src_scientific_name      'HUMAN IMMUNODEFICIENCY VIRUS' 
_entity_src_gen.pdbx_gene_src_ncbi_taxonomy_id     12721 
_entity_src_gen.pdbx_gene_src_variant              BH10 
_entity_src_gen.pdbx_gene_src_cell_line            ? 
_entity_src_gen.pdbx_gene_src_atcc                 ? 
_entity_src_gen.pdbx_gene_src_organ                ? 
_entity_src_gen.pdbx_gene_src_organelle            ? 
_entity_src_gen.pdbx_gene_src_cell                 ? 
_entity_src_gen.pdbx_gene_src_cellular_location    ? 
_entity_src_gen.host_org_common_name               ? 
_entity_src_gen.pdbx_host_org_scientific_name      'ESCHERICHIA COLI' 
_entity_src_gen.pdbx_host_org_ncbi_taxonomy_id     562 
_entity_src_gen.host_org_genus                     ? 
_entity_src_gen.pdbx_host_org_gene                 ? 
_entity_src_gen.pdbx_host_org_organ                ? 
_entity_src_gen.host_org_species                   ? 
_entity_src_gen.pdbx_host_org_tissue               ? 
_entity_src_gen.pdbx_host_org_tissue_fraction      ? 
_entity_src_gen.pdbx_host_org_strain               ? 
_entity_src_gen.pdbx_host_org_variant              ? 
_entity_src_gen.pdbx_host_org_cell_line            ? 
_entity_src_gen.pdbx_host_org_atcc                 ? 
_entity_src_gen.pdbx_host_org_culture_collection   ? 
_entity_src_gen.pdbx_host_org_cell                 ? 
_entity_src_gen.pdbx_host_org_organelle            ? 
_entity_src_gen.pdbx_host_org_cellular_location    ? 
_entity_src_gen.pdbx_host_org_vector_type          ? 
_entity_src_gen.pdbx_host_org_vector               ? 
_entity_src_gen.host_org_details                   ? 
_entity_src_gen.expression_system_id               ? 
_entity_src_gen.plasmid_name                       ? 
_entity_src_gen.plasmid_details                    ? 
_entity_src_gen.pdbx_description                   ? 
# 
loop_
_chem_comp.id 
_chem_comp.type 
_chem_comp.mon_nstd_flag 
_chem_comp.name 
_chem_comp.pdbx_synonyms 
_chem_comp.formula 
_chem_comp.formula_weight 
ALA 'L-peptide linking' y ALANINE ?                 'C3 H7 N O2'       89.093  
ARG 'L-peptide linking' y ARGININE ?                 'C6 H15 N4 O2 1'   175.209 
ASN 'L-peptide linking' y ASPARAGINE ?                 'C4 H8 N2 O3'      132.118 
ASP 'L-peptide linking' y 'ASPARTIC ACID' ?                 'C4 H7 N O4'       133.103 
BE6 non-polymer         . 
"(2R,3R,4R,5R)-2,5-BIS[(2,5-DIFLUOROBENZYL)OXY]-3,4-DIHYDROXY-N,N'-BIS[(1S,2R)-2-HYDROXY-2,3-DIHYDRO-1H-INDEN-1-YL]HEXANEDIAMIDE" 
'HIV-1 INHIBITOR' 'C38 H36 F4 N2 O8' 724.695 
CYS 'L-peptide linking' y CYSTEINE ?                 'C3 H7 N O2 S'     121.158 
GLN 'L-peptide linking' y GLUTAMINE ?                 'C5 H10 N2 O3'     146.144 
GLU 'L-peptide linking' y 'GLUTAMIC ACID' ?                 'C5 H9 N O4'       147.129 
GLY 'peptide linking'   y GLYCINE ?                 'C2 H5 N O2'       75.067  
HIS 'L-peptide linking' y HISTIDINE ?                 'C6 H10 N3 O2 1'   156.162 
HOH non-polymer         . WATER ?                 'H2 O'             18.015  
ILE 'L-peptide linking' y ISOLEUCINE ?                 'C6 H13 N O2'      131.173 
LEU 'L-peptide linking' y LEUCINE ?                 'C6 H13 N O2'      131.173 
LYS 'L-peptide linking' y LYSINE ?                 'C6 H15 N2 O2 1'   147.195 
MET 'L-peptide linking' y METHIONINE ?                 'C5 H11 N O2 S'    149.211 
PHE 'L-peptide linking' y PHENYLALANINE ?                 'C9 H11 N O2'      165.189 
PRO 'L-peptide linking' y PROLINE ?                 'C5 H9 N O2'       115.130 
SER 'L-peptide linking' y SERINE ?                 'C3 H7 N O3'       105.093 
THR 'L-peptide linking' y THREONINE ?                 'C4 H9 N O3'       119.119 
TRP 'L-peptide linking' y TRYPTOPHAN ?                 'C11 H12 N2 O2'    204.225 
TYR 'L-peptide linking' y TYROSINE ?                 'C9 H11 N O3'      181.189 
VAL 'L-peptide linking' y VALINE ?                 'C5 H11 N O2'      117.146 
# 
loop_
_pdbx_poly_seq_scheme.asym_id 
_pdbx_poly_seq_scheme.entity_id 
_pdbx_poly_seq_scheme.seq_id 
_pdbx_poly_seq_scheme.mon_id 
_pdbx_poly_seq_scheme.ndb_seq_num 
_pdbx_poly_seq_scheme.pdb_seq_num 
_pdbx_poly_seq_scheme.auth_seq_num 
_pdbx_poly_seq_scheme.pdb_mon_id 
_pdbx_poly_seq_scheme.auth_mon_id 
_pdbx_poly_seq_scheme.pdb_strand_id 
_pdbx_poly_seq_scheme.pdb_ins_code 
_pdbx_poly_seq_scheme.hetero 
A 1 1   ALA 1   -10 ?  ?   ?   A . n 
A 1 2   ASP 2   -9  ?  ?   ?   A . n 
A 1 3   ARG 3   -8  ?  ?   ?   A . n 
A 1 4   GLN 4   -7  ?  ?   ?   A . n 
A 1 5   GLY 5   -6  ?  ?   ?   A . n 
A 1 6   THR 6   -5  ?  ?   ?   A . n 
A 1 7   VAL 7   -4  ?  ?   ?   A . n 
A 1 8   SER 8   -3  ?  ?   ?   A . n 
A 1 9   PHE 9   -2  ?  ?   ?   A . n 
A 1 10  ASN 10  -1  ?  ?   ?   A . n 
A 1 11  PHE 11  0   ?  ?   ?   A . n 
A 1 12  PRO 12  1   1  PRO PRO A . n 
A 1 13  GLN 13  2   2  GLN GLN A . n 
A 1 14  ILE 14  3   3  ILE ILE A . n 
A 1 15  THR 15  4   4  THR THR A . n 
A 1 16  LEU 16  5   5  LEU LEU A . n 
A 1 17  TRP 17  6   6  TRP TRP A . n 
A 1 18  GLN 18  7   7  GLN GLN A . n 
A 1 19  ARG 19  8   8  ARG ARG A . n 
A 1 20  PRO 20  9   9  PRO PRO A . n 
A 1 21  LEU 21  10  10 LEU LEU A . n 
A 1 22  VAL 22  11  11 VAL VAL A . n 
A 1 23  THR 23  12  12 THR THR A . n 
A 1 24  ILE 24  13  13 ILE ILE A . n 
A 1 25  LYS 25  14  14 LYS LYS A . n 
A 1 26  ILE 26  15  15 ILE ILE A . n 
A 1 27  GLY 27  16  16 GLY GLY A . n 
A 1 28  GLY 28  17  17 GLY GLY A . n 
A 1 29  GLN 29  18  18 GLN GLN A . n 
A 1 30  LEU 30  19  19 LEU LEU A . n 
A 1 31  LYS 31  20  20 LYS LYS A . n 
A 1 32  GLU 32  21  21 GLU GLU A . n 
A 1 33  ALA 33  22  22 ALA ALA A . n 
A 1 34  LEU 34  23  23 LEU LEU A . n 
A 1 35  LEU 35  24  24 LEU LEU A . n 
A 1 36  ASP 36  25  25 ASP ASP A . n 
A 1 37  THR 37  26  26 THR THR A . n 
A 1 38  GLY 38  27  27 GLY GLY A . n 
A 1 39  ALA 39  28  28 ALA ALA A . n 
A 1 40  ASP 40  29  29 ASP ASP A . n 
A 1 41  ASP 41  30  30 ASP ASP A . n 
A 1 42  THR 42  31  31 THR THR A . n 
A 1 43  VAL 43  32  32 VAL VAL A . n 
A 1 44  LEU 44  33  33 LEU LEU A . n 
A 1 45  GLU 45  34  34 GLU GLU A . n 
A 1 46  GLU 46  35  35 GLU GLU A . n 
A 1 47  MET 47  36  36 MET MET A . n 
A 1 48  SER 48  37  37 SER SER A . n 
A 1 49  LEU 49  38  38 LEU LEU A . n 
A 1 50  PRO 50  39  39 PRO PRO A . n 
A 1 51  GLY 51  40  40 GLY GLY A . n 
A 1 52  ARG 52  41  41 ARG ARG A . n 
A 1 53  TRP 53  42  42 TRP TRP A . n 
A 1 54  LYS 54  43  43 LYS LYS A . n 
A 1 55  PRO 55  44  44 PRO PRO A . n 
A 1 56  LYS 56  45  45 LYS LYS A . n 
A 1 57  MET 57  46  46 MET MET A . n 
A 1 58  ILE 58  47  47 ILE ILE A . n 
A 1 59  GLY 59  48  48 GLY GLY A . n 
A 1 60  GLY 60  49  49 GLY GLY A . n 
A 1 61  ILE 61  50  50 ILE ILE A . n 
A 1 62  GLY 62  51  51 GLY GLY A . n 
A 1 63  GLY 63  52  52 GLY GLY A . n 
A 1 64  PHE 64  53  53 PHE PHE A . n 
A 1 65  ILE 65  54  54 ILE ILE A . n 
A 1 66  LYS 66  55  55 LYS LYS A . n 
A 1 67  VAL 67  56  56 VAL VAL A . n 
A 1 68  ARG 68  57  57 ARG ARG A . n 
A 1 69  GLN 69  58  58 GLN GLN A . n 
A 1 70  TYR 70  59  59 TYR TYR A . n 
A 1 71  ASP 71  60  60 ASP ASP A . n 
A 1 72  GLN 72  61  61 GLN GLN A . n 
A 1 73  ILE 73  62  62 ILE ILE A . n 
A 1 74  LEU 74  63  63 LEU LEU A . n 
A 1 75  ILE 75  64  64 ILE ILE A . n 
A 1 76  GLU 76  65  65 GLU GLU A . n 
A 1 77  ILE 77  66  66 ILE ILE A . n 
A 1 78  CYS 78  67  67 CYS CYS A . n 
A 1 79  GLY 79  68  68 GLY GLY A . n 
A 1 80  HIS 80  69  69 HIS HIS A . n 
A 1 81  LYS 81  70  70 LYS LYS A . n 
A 1 82  ALA 82  71  71 ALA ALA A . n 
A 1 83  ILE 83  72  72 ILE ILE A . n 
A 1 84  GLY 84  73  73 GLY GLY A . n 
A 1 85  THR 85  74  74 THR THR A . n 
A 1 86  VAL 86  75  75 VAL VAL A . n 
A 1 87  LEU 87  76  76 LEU LEU A . n 
A 1 88  VAL 88  77  77 VAL VAL A . n 
A 1 89  GLY 89  78  78 GLY GLY A . n 
A 1 90  PRO 90  79  79 PRO PRO A . n 
A 1 91  THR 91  80  80 THR THR A . n 
A 1 92  PRO 92  81  81 PRO PRO A . n 
A 1 93  VAL 93  82  82 VAL VAL A . n 
A 1 94  ASN 94  83  83 ASN ASN A . n 
A 1 95  ILE 95  84  84 ILE ILE A . n 
A 1 96  ILE 96  85  85 ILE ILE A . n 
A 1 97  GLY 97  86  86 GLY GLY A . n 
A 1 98  ARG 98  87  87 ARG ARG A . n 
A 1 99  ASN 99  88  88 ASN ASN A . n 
A 1 100 LEU 100 89  89 LEU LEU A . n 
A 1 101 LEU 101 90  90 LEU LEU A . n 
A 1 102 THR 102 91  91 THR THR A . n 
A 1 103 GLN 103 92  92 GLN GLN A . n 
A 1 104 ILE 104 93  93 ILE ILE A . n 
A 1 105 GLY 105 94  94 GLY GLY A . n 
A 1 106 CYS 106 95  95 CYS CYS A . n 
A 1 107 THR 107 96  96 THR THR A . n 
A 1 108 LEU 108 97  97 LEU LEU A . n 
A 1 109 ASN 109 98  98 ASN ASN A . n 
A 1 110 PHE 110 99  99 PHE PHE A . n 
B 1 1   ALA 1   -10 ?  ?   ?   B . n 
B 1 2   ASP 2   -9  ?  ?   ?   B . n 
B 1 3   ARG 3   -8  ?  ?   ?   B . n 
B 1 4   GLN 4   -7  ?  ?   ?   B . n 
B 1 5   GLY 5   -6  ?  ?   ?   B . n 
B 1 6   THR 6   -5  ?  ?   ?   B . n 
B 1 7   VAL 7   -4  ?  ?   ?   B . n 
B 1 8   SER 8   -3  ?  ?   ?   B . n 
B 1 9   PHE 9   -2  ?  ?   ?   B . n 
B 1 10  ASN 10  -1  ?  ?   ?   B . n 
B 1 11  PHE 11  0   ?  ?   ?   B . n 
B 1 12  PRO 12  1   1  PRO PRO B . n 
B 1 13  GLN 13  2   2  GLN GLN B . n 
B 1 14  ILE 14  3   3  ILE ILE B . n 
B 1 15  THR 15  4   4  THR THR B . n 
B 1 16  LEU 16  5   5  LEU LEU B . n 
B 1 17  TRP 17  6   6  TRP TRP B . n 
B 1 18  GLN 18  7   7  GLN GLN B . n 
B 1 19  ARG 19  8   8  ARG ARG B . n 
B 1 20  PRO 20  9   9  PRO PRO B . n 
B 1 21  LEU 21  10  10 LEU LEU B . n 
B 1 22  VAL 22  11  11 VAL VAL B . n 
B 1 23  THR 23  12  12 THR THR B . n 
B 1 24  ILE 24  13  13 ILE ILE B . n 
B 1 25  LYS 25  14  14 LYS LYS B . n 
B 1 26  ILE 26  15  15 ILE ILE B . n 
B 1 27  GLY 27  16  16 GLY GLY B . n 
B 1 28  GLY 28  17  17 GLY GLY B . n 
B 1 29  GLN 29  18  18 GLN GLN B . n 
B 1 30  LEU 30  19  19 LEU LEU B . n 
B 1 31  LYS 31  20  20 LYS LYS B . n 
B 1 32  GLU 32  21  21 GLU GLU B . n 
B 1 33  ALA 33  22  22 ALA ALA B . n 
B 1 34  LEU 34  23  23 LEU LEU B . n 
B 1 35  LEU 35  24  24 LEU LEU B . n 
B 1 36  ASP 36  25  25 ASP ASP B . n 
B 1 37  THR 37  26  26 THR THR B . n 
B 1 38  GLY 38  27  27 GLY GLY B . n 
B 1 39  ALA 39  28  28 ALA ALA B . n 
B 1 40  ASP 40  29  29 ASP ASP B . n 
B 1 41  ASP 41  30  30 ASP ASP B . n 
B 1 42  THR 42  31  31 THR THR B . n 
B 1 43  VAL 43  32  32 VAL VAL B . n 
B 1 44  LEU 44  33  33 LEU LEU B . n 
B 1 45  GLU 45  34  34 GLU GLU B . n 
B 1 46  GLU 46  35  35 GLU GLU B . n 
B 1 47  MET 47  36  36 MET MET B . n 
B 1 48  SER 48  37  37 SER SER B . n 
B 1 49  LEU 49  38  38 LEU LEU B . n 
B 1 50  PRO 50  39  39 PRO PRO B . n 
B 1 51  GLY 51  40  40 GLY GLY B . n 
B 1 52  ARG 52  41  41 ARG ARG B . n 
B 1 53  TRP 53  42  42 TRP TRP B . n 
B 1 54  LYS 54  43  43 LYS LYS B . n 
B 1 55  PRO 55  44  44 PRO PRO B . n 
B 1 56  LYS 56  45  45 LYS LYS B . n 
B 1 57  MET 57  46  46 MET MET B . n 
B 1 58  ILE 58  47  47 ILE ILE B . n 
B 1 59  GLY 59  48  48 GLY GLY B . n 
B 1 60  GLY 60  49  49 GLY GLY B . n 
B 1 61  ILE 61  50  50 ILE ILE B . n 
B 1 62  GLY 62  51  51 GLY GLY B . n 
B 1 63  GLY 63  52  52 GLY GLY B . n 
B 1 64  PHE 64  53  53 PHE PHE B . n 
B 1 65  ILE 65  54  54 ILE ILE B . n 
B 1 66  LYS 66  55  55 LYS LYS B . n 
B 1 67  VAL 67  56  56 VAL VAL B . n 
B 1 68  ARG 68  57  57 ARG ARG B . n 
B 1 69  GLN 69  58  58 GLN GLN B . n 
B 1 70  TYR 70  59  59 TYR TYR B . n 
B 1 71  ASP 71  60  60 ASP ASP B . n 
B 1 72  GLN 72  61  61 GLN GLN B . n 
B 1 73  ILE 73  62  62 ILE ILE B . n 
B 1 74  LEU 74  63  63 LEU LEU B . n 
B 1 75  ILE 75  64  64 ILE ILE B . n 
B 1 76  GLU 76  65  65 GLU GLU B . n 
B 1 77  ILE 77  66  66 ILE ILE B . n 
B 1 78  CYS 78  67  67 CYS CYS B . n 
B 1 79  GLY 79  68  68 GLY GLY B . n 
B 1 80  HIS 80  69  69 HIS HIS B . n 
B 1 81  LYS 81  70  70 LYS LYS B . n 
B 1 82  ALA 82  71  71 ALA ALA B . n 
B 1 83  ILE 83  72  72 ILE ILE B . n 
B 1 84  GLY 84  73  73 GLY GLY B . n 
B 1 85  THR 85  74  74 THR THR B . n 
B 1 86  VAL 86  75  75 VAL VAL B . n 
B 1 87  LEU 87  76  76 LEU LEU B . n 
B 1 88  VAL 88  77  77 VAL VAL B . n 
B 1 89  GLY 89  78  78 GLY GLY B . n 
B 1 90  PRO 90  79  79 PRO PRO B . n 
B 1 91  THR 91  80  80 THR THR B . n 
B 1 92  PRO 92  81  81 PRO PRO B . n 
B 1 93  VAL 93  82  82 VAL VAL B . n 
B 1 94  ASN 94  83  83 ASN ASN B . n 
B 1 95  ILE 95  84  84 ILE ILE B . n 
B 1 96  ILE 96  85  85 ILE ILE B . n 
B 1 97  GLY 97  86  86 GLY GLY B . n 
B 1 98  ARG 98  87  87 ARG ARG B . n 
B 1 99  ASN 99  88  88 ASN ASN B . n 
B 1 100 LEU 100 89  89 LEU LEU B . n 
B 1 101 LEU 101 90  90 LEU LEU B . n 
B 1 102 THR 102 91  91 THR THR B . n 
B 1 103 GLN 103 92  92 GLN GLN B . n 
B 1 104 ILE 104 93  93 ILE ILE B . n 
B 1 105 GLY 105 94  94 GLY GLY B . n 
B 1 106 CYS 106 95  95 CYS CYS B . n 
B 1 107 THR 107 96  96 THR THR B . n 
B 1 108 LEU 108 97  97 LEU LEU B . n 
B 1 109 ASN 109 98  98 ASN ASN B . n 
B 1 110 PHE 110 99  99 PHE PHE B . n 
# 
loop_
_pdbx_nonpoly_scheme.asym_id 
_pdbx_nonpoly_scheme.entity_id 
_pdbx_nonpoly_scheme.mon_id 
_pdbx_nonpoly_scheme.ndb_seq_num 
_pdbx_nonpoly_scheme.pdb_seq_num 
_pdbx_nonpoly_scheme.auth_seq_num 
_pdbx_nonpoly_scheme.pdb_mon_id 
_pdbx_nonpoly_scheme.auth_mon_id 
_pdbx_nonpoly_scheme.pdb_strand_id 
_pdbx_nonpoly_scheme.pdb_ins_code 
C 2 BE6 1  1100 1100 BE6 BE6 A . 
D 3 HOH 1  2001 2001 HOH HOH A . 
D 3 HOH 2  2002 2002 HOH HOH A . 
D 3 HOH 3  2003 2003 HOH HOH A . 
D 3 HOH 4  2004 2004 HOH HOH A . 
D 3 HOH 5  2005 2005 HOH HOH A . 
D 3 HOH 6  2006 2006 HOH HOH A . 
D 3 HOH 7  2007 2007 HOH HOH A . 
D 3 HOH 8  2008 2008 HOH HOH A . 
D 3 HOH 9  2009 2009 HOH HOH A . 
D 3 HOH 10 2010 2010 HOH HOH A . 
D 3 HOH 11 2011 2011 HOH HOH A . 
D 3 HOH 12 2012 2012 HOH HOH A . 
D 3 HOH 13 2013 2013 HOH HOH A . 
D 3 HOH 14 2014 2014 HOH HOH A . 
D 3 HOH 15 2015 2015 HOH HOH A . 
D 3 HOH 16 2016 2016 HOH HOH A . 
D 3 HOH 17 2017 2017 HOH HOH A . 
D 3 HOH 18 2018 2018 HOH HOH A . 
D 3 HOH 19 2019 2019 HOH HOH A . 
D 3 HOH 20 2020 2020 HOH HOH A . 
D 3 HOH 21 2021 2021 HOH HOH A . 
D 3 HOH 22 2022 2022 HOH HOH A . 
D 3 HOH 23 2023 2023 HOH HOH A . 
D 3 HOH 24 2024 2024 HOH HOH A . 
D 3 HOH 25 2025 2025 HOH HOH A . 
D 3 HOH 26 2026 2026 HOH HOH A . 
D 3 HOH 27 2027 2027 HOH HOH A . 
D 3 HOH 28 2028 2028 HOH HOH A . 
D 3 HOH 29 2029 2029 HOH HOH A . 
D 3 HOH 30 2030 2030 HOH HOH A . 
D 3 HOH 31 2031 2031 HOH HOH A . 
D 3 HOH 32 2032 2032 HOH HOH A . 
D 3 HOH 33 2033 2033 HOH HOH A . 
D 3 HOH 34 2034 2034 HOH HOH A . 
D 3 HOH 35 2035 2035 HOH HOH A . 
D 3 HOH 36 2036 2036 HOH HOH A . 
D 3 HOH 37 2037 2037 HOH HOH A . 
D 3 HOH 38 2038 2038 HOH HOH A . 
D 3 HOH 39 2039 2039 HOH HOH A . 
D 3 HOH 40 2040 2040 HOH HOH A . 
D 3 HOH 41 2041 2041 HOH HOH A . 
D 3 HOH 42 2042 2042 HOH HOH A . 
D 3 HOH 43 2043 2043 HOH HOH A . 
E 3 HOH 1  2001 2001 HOH HOH B . 
E 3 HOH 2  2002 2002 HOH HOH B . 
E 3 HOH 3  2003 2003 HOH HOH B . 
E 3 HOH 4  2004 2004 HOH HOH B . 
E 3 HOH 5  2005 2005 HOH HOH B . 
E 3 HOH 6  2006 2006 HOH HOH B . 
E 3 HOH 7  2007 2007 HOH HOH B . 
E 3 HOH 8  2008 2008 HOH HOH B . 
E 3 HOH 9  2009 2009 HOH HOH B . 
E 3 HOH 10 2010 2010 HOH HOH B . 
E 3 HOH 11 2011 2011 HOH HOH B . 
E 3 HOH 12 2012 2012 HOH HOH B . 
E 3 HOH 13 2013 2013 HOH HOH B . 
E 3 HOH 14 2014 2014 HOH HOH B . 
E 3 HOH 15 2015 2015 HOH HOH B . 
E 3 HOH 16 2016 2016 HOH HOH B . 
E 3 HOH 17 2017 2017 HOH HOH B . 
E 3 HOH 18 2018 2018 HOH HOH B . 
E 3 HOH 19 2019 2019 HOH HOH B . 
E 3 HOH 20 2020 2020 HOH HOH B . 
E 3 HOH 21 2021 2021 HOH HOH B . 
E 3 HOH 22 2022 2022 HOH HOH B . 
E 3 HOH 23 2023 2023 HOH HOH B . 
E 3 HOH 24 2024 2024 HOH HOH B . 
E 3 HOH 25 2025 2025 HOH HOH B . 
E 3 HOH 26 2026 2026 HOH HOH B . 
E 3 HOH 27 2027 2027 HOH HOH B . 
E 3 HOH 28 2028 2028 HOH HOH B . 
E 3 HOH 29 2029 2029 HOH HOH B . 
E 3 HOH 30 2030 2030 HOH HOH B . 
E 3 HOH 31 2031 2031 HOH HOH B . 
E 3 HOH 32 2032 2032 HOH HOH B . 
E 3 HOH 33 2033 2033 HOH HOH B . 
E 3 HOH 34 2034 2034 HOH HOH B . 
E 3 HOH 35 2035 2035 HOH HOH B . 
E 3 HOH 36 2036 2036 HOH HOH B . 
E 3 HOH 37 2037 2037 HOH HOH B . 
E 3 HOH 38 2038 2038 HOH HOH B . 
E 3 HOH 39 2039 2039 HOH HOH B . 
E 3 HOH 40 2040 2040 HOH HOH B . 
E 3 HOH 41 2041 2041 HOH HOH B . 
E 3 HOH 42 2042 2042 HOH HOH B . 
E 3 HOH 43 2043 2043 HOH HOH B . 
E 3 HOH 44 2044 2044 HOH HOH B . 
E 3 HOH 45 2045 2045 HOH HOH B . 
E 3 HOH 46 2046 2046 HOH HOH B . 
E 3 HOH 47 2047 2047 HOH HOH B . 
E 3 HOH 48 2048 2048 HOH HOH B . 
E 3 HOH 49 2049 2049 HOH HOH B . 
E 3 HOH 50 2050 2050 HOH HOH B . 
E 3 HOH 51 2051 2051 HOH HOH B . 
E 3 HOH 52 2052 2052 HOH HOH B . 
E 3 HOH 53 2053 2053 HOH HOH B . 
E 3 HOH 54 2054 2054 HOH HOH B . 
E 3 HOH 55 2055 2055 HOH HOH B . 
E 3 HOH 56 2056 2056 HOH HOH B . 
E 3 HOH 57 2057 2057 HOH HOH B . 
E 3 HOH 58 2058 2058 HOH HOH B . 
# 
_software.name             CNS 
_software.classification   refinement 
_software.version          1.1 
_software.citation_id      ? 
_software.pdbx_ordinal     1 
# 
_cell.entry_id           1W5Y 
_cell.length_a           59.158 
_cell.length_b           86.954 
_cell.length_c           47.218 
_cell.angle_alpha        90.00 
_cell.angle_beta         90.00 
_cell.angle_gamma        90.00 
_cell.Z_PDB              8 
_cell.pdbx_unique_axis   ? 
# 
_symmetry.entry_id                         1W5Y 
_symmetry.space_group_name_H-M             'P 21 21 2' 
_symmetry.pdbx_full_space_group_name_H-M   ? 
_symmetry.cell_setting                     ? 
_symmetry.Int_Tables_number                18 
# 
_exptl.entry_id          1W5Y 
_exptl.method            'X-RAY DIFFRACTION' 
_exptl.crystals_number   ? 
# 
_exptl_crystal.id                    1 
_exptl_crystal.density_meas          ? 
_exptl_crystal.density_Matthews      2.52 
_exptl_crystal.density_percent_sol   51.27 
_exptl_crystal.description           ? 
# 
_diffrn.id                     1 
_diffrn.ambient_temp           278.0 
_diffrn.ambient_temp_details   ? 
_diffrn.crystal_id             1 
# 
_diffrn_radiation.diffrn_id                        1 
_diffrn_radiation.wavelength_id                    1 
_diffrn_radiation.pdbx_monochromatic_or_laue_m_l   M 
_diffrn_radiation.monochromator                    ? 
_diffrn_radiation.pdbx_diffrn_protocol             'SINGLE WAVELENGTH' 
_diffrn_radiation.pdbx_scattering_type             x-ray 
# 
_diffrn_radiation_wavelength.id           1 
_diffrn_radiation_wavelength.wavelength   0.976 
_diffrn_radiation_wavelength.wt           1.0 
# 
_diffrn_source.diffrn_id                   1 
_diffrn_source.source                      SYNCHROTRON 
_diffrn_source.type                        'MAX II BEAMLINE I711' 
_diffrn_source.pdbx_synchrotron_site       'MAX II' 
_diffrn_source.pdbx_synchrotron_beamline   I711 
_diffrn_source.pdbx_wavelength             0.976 
_diffrn_source.pdbx_wavelength_list        ? 
# 
_reflns.pdbx_diffrn_id               1 
_reflns.pdbx_ordinal                 1 
_reflns.entry_id                     1W5Y 
_reflns.observed_criterion_sigma_I   2.000 
_reflns.observed_criterion_sigma_F   ? 
_reflns.d_resolution_low             50.000 
_reflns.d_resolution_high            1.900 
_reflns.number_obs                   16080 
_reflns.number_all                   ? 
_reflns.percent_possible_obs         97.2 
_reflns.pdbx_Rmerge_I_obs            0.11000 
_reflns.pdbx_Rsym_value              ? 
_reflns.pdbx_netI_over_sigmaI        ? 
_reflns.B_iso_Wilson_estimate        8.8 
_reflns.pdbx_redundancy              2.000 
# 
_reflns_shell.pdbx_diffrn_id         1 
_reflns_shell.pdbx_ordinal           1 
_reflns_shell.d_res_high             1.90 
_reflns_shell.d_res_low              1.97 
_reflns_shell.percent_possible_all   ? 
_reflns_shell.Rmerge_I_obs           ? 
_reflns_shell.pdbx_Rsym_value        ? 
_reflns_shell.meanI_over_sigI_obs    ? 
_reflns_shell.pdbx_redundancy        ? 
# 
_refine.pdbx_refine_id                           'X-RAY DIFFRACTION' 
_refine.entry_id                                 1W5Y 
_refine.pdbx_diffrn_id                           1 
_refine.pdbx_TLS_residual_ADP_flag               ? 
_refine.ls_number_reflns_obs                     16074 
_refine.ls_number_reflns_all                     ? 
_refine.pdbx_ls_sigma_I                          ? 
_refine.pdbx_ls_sigma_F                          0.0 
_refine.pdbx_data_cutoff_high_absF               1359683.85 
_refine.pdbx_data_cutoff_low_absF                0.000000 
_refine.pdbx_data_cutoff_high_rms_absF           ? 
_refine.ls_d_res_low                             30.0 
_refine.ls_d_res_high                            1.90 
_refine.ls_percent_reflns_obs                    82.4 
_refine.ls_R_factor_obs                          0.188 
_refine.ls_R_factor_all                          ? 
_refine.ls_R_factor_R_work                       0.188 
_refine.ls_R_factor_R_free                       0.218 
_refine.ls_R_factor_R_free_error                 0.008 
_refine.ls_R_factor_R_free_error_details         ? 
_refine.ls_percent_reflns_R_free                 5.1 
_refine.ls_number_reflns_R_free                  823 
_refine.ls_number_parameters                     ? 
_refine.ls_number_restraints                     ? 
_refine.occupancy_min                            ? 
_refine.occupancy_max                            ? 
_refine.correlation_coeff_Fo_to_Fc               ? 
_refine.correlation_coeff_Fo_to_Fc_free          ? 
_refine.B_iso_mean                               22.3 
_refine.aniso_B[1][1]                            2.06 
_refine.aniso_B[2][2]                            -2.28 
_refine.aniso_B[3][3]                            0.22 
_refine.aniso_B[1][2]                            0.00 
_refine.aniso_B[1][3]                            0.00 
_refine.aniso_B[2][3]                            0.00 
_refine.solvent_model_details                    'FLAT MODEL' 
_refine.solvent_model_param_ksol                 0.332661 
_refine.solvent_model_param_bsol                 46.0226 
_refine.pdbx_solvent_vdw_probe_radii             ? 
_refine.pdbx_solvent_ion_probe_radii             ? 
_refine.pdbx_solvent_shrinkage_radii             ? 
_refine.pdbx_ls_cross_valid_method               THROUGHOUT 
_refine.details                                  ? 
_refine.pdbx_starting_model                      ? 
_refine.pdbx_method_to_determine_struct          'MOLECULAR REPLACEMENT' 
_refine.pdbx_isotropic_thermal_model             RESTRAINED 
_refine.pdbx_stereochemistry_target_values       ? 
_refine.pdbx_stereochem_target_val_spec_case     ? 
_refine.pdbx_R_Free_selection_details            RANDOM 
_refine.pdbx_overall_ESU_R                       ? 
_refine.pdbx_overall_ESU_R_Free                  ? 
_refine.overall_SU_ML                            ? 
_refine.pdbx_overall_phase_error                 ? 
_refine.overall_SU_B                             ? 
_refine.overall_SU_R_Cruickshank_DPI             ? 
_refine.pdbx_overall_SU_R_free_Cruickshank_DPI   ? 
_refine.pdbx_overall_SU_R_Blow_DPI               ? 
_refine.pdbx_overall_SU_R_free_Blow_DPI          ? 
# 
_refine_analyze.pdbx_refine_id                  'X-RAY DIFFRACTION' 
_refine_analyze.entry_id                        1W5Y 
_refine_analyze.Luzzati_coordinate_error_obs    0.21 
_refine_analyze.Luzzati_sigma_a_obs             0.12 
_refine_analyze.Luzzati_d_res_low_obs           5.00 
_refine_analyze.Luzzati_coordinate_error_free   0.24 
_refine_analyze.Luzzati_sigma_a_free            0.14 
_refine_analyze.Luzzati_d_res_low_free          ? 
_refine_analyze.number_disordered_residues      ? 
_refine_analyze.occupancy_sum_hydrogen          ? 
_refine_analyze.occupancy_sum_non_hydrogen      ? 
# 
_refine_hist.pdbx_refine_id                   'X-RAY DIFFRACTION' 
_refine_hist.cycle_id                         LAST 
_refine_hist.pdbx_number_atoms_protein        1516 
_refine_hist.pdbx_number_atoms_nucleic_acid   0 
_refine_hist.pdbx_number_atoms_ligand         52 
_refine_hist.number_atoms_solvent             101 
_refine_hist.number_atoms_total               1669 
_refine_hist.d_res_high                       1.90 
_refine_hist.d_res_low                        30.0 
# 
loop_
_refine_ls_restr.type 
_refine_ls_restr.dev_ideal 
_refine_ls_restr.dev_ideal_target 
_refine_ls_restr.weight 
_refine_ls_restr.number 
_refine_ls_restr.pdbx_refine_id 
_refine_ls_restr.pdbx_restraint_function 
c_bond_d                0.006 ?    ? ? 'X-RAY DIFFRACTION' ? 
c_bond_d_na             ?     ?    ? ? 'X-RAY DIFFRACTION' ? 
c_bond_d_prot           ?     ?    ? ? 'X-RAY DIFFRACTION' ? 
c_angle_d               ?     ?    ? ? 'X-RAY DIFFRACTION' ? 
c_angle_d_na            ?     ?    ? ? 'X-RAY DIFFRACTION' ? 
c_angle_d_prot          ?     ?    ? ? 'X-RAY DIFFRACTION' ? 
c_angle_deg             1.2   ?    ? ? 'X-RAY DIFFRACTION' ? 
c_angle_deg_na          ?     ?    ? ? 'X-RAY DIFFRACTION' ? 
c_angle_deg_prot        ?     ?    ? ? 'X-RAY DIFFRACTION' ? 
c_dihedral_angle_d      25.2  ?    ? ? 'X-RAY DIFFRACTION' ? 
c_dihedral_angle_d_na   ?     ?    ? ? 'X-RAY DIFFRACTION' ? 
c_dihedral_angle_d_prot ?     ?    ? ? 'X-RAY DIFFRACTION' ? 
c_improper_angle_d      0.90  ?    ? ? 'X-RAY DIFFRACTION' ? 
c_improper_angle_d_na   ?     ?    ? ? 'X-RAY DIFFRACTION' ? 
c_improper_angle_d_prot ?     ?    ? ? 'X-RAY DIFFRACTION' ? 
c_mcbond_it             1.36  1.50 ? ? 'X-RAY DIFFRACTION' ? 
c_mcangle_it            2.11  2.00 ? ? 'X-RAY DIFFRACTION' ? 
c_scbond_it             2.40  2.00 ? ? 'X-RAY DIFFRACTION' ? 
c_scangle_it            3.64  2.50 ? ? 'X-RAY DIFFRACTION' ? 
# 
_refine_ls_shell.pdbx_refine_id                   'X-RAY DIFFRACTION' 
_refine_ls_shell.pdbx_total_number_of_bins_used   6 
_refine_ls_shell.d_res_high                       1.90 
_refine_ls_shell.d_res_low                        2.02 
_refine_ls_shell.number_reflns_R_work             2186 
_refine_ls_shell.R_factor_R_work                  0.211 
_refine_ls_shell.percent_reflns_obs               71.1 
_refine_ls_shell.R_factor_R_free                  0.244 
_refine_ls_shell.R_factor_R_free_error            0.022 
_refine_ls_shell.percent_reflns_R_free            5.2 
_refine_ls_shell.number_reflns_R_free             120 
_refine_ls_shell.number_reflns_all                ? 
_refine_ls_shell.R_factor_all                     ? 
# 
loop_
_pdbx_xplor_file.pdbx_refine_id 
_pdbx_xplor_file.serial_no 
_pdbx_xplor_file.param_file 
_pdbx_xplor_file.topol_file 
'X-RAY DIFFRACTION' 1 PROTEIN_REP.PARAM PROTEIN.TOP 
'X-RAY DIFFRACTION' 2 BED.PAR           BED.TOP     
'X-RAY DIFFRACTION' 3 WATER_REP.PARAM   ?           
# 
_struct.entry_id                  1W5Y 
_struct.title                     'HIV-1 protease in complex with fluoro substituted diol-based C2- symmetric inhibitor' 
_struct.pdbx_model_details        ? 
_struct.pdbx_CASP_flag            ? 
_struct.pdbx_model_type_details   ? 
# 
_struct_keywords.entry_id        1W5Y 
_struct_keywords.pdbx_keywords   'HYDROLASE/HYDROLASE INHIBITOR' 
_struct_keywords.text            
'HYDROLASE/HYDROLASE INHIBITOR, HYDROLASE, DIMER, PROTEIN-INHIBITOR COMPLEX, HYDROLASE-HYDROLASE INHIBITOR complex' 
# 
loop_
_struct_asym.id 
_struct_asym.pdbx_blank_PDB_chainid_flag 
_struct_asym.pdbx_modified 
_struct_asym.entity_id 
_struct_asym.details 
A N N 1 ? 
B N N 1 ? 
C N N 2 ? 
D N N 3 ? 
E N N 3 ? 
# 
_struct_ref.id                         1 
_struct_ref.db_name                    UNP 
_struct_ref.db_code                    POL_HV1B1 
_struct_ref.entity_id                  1 
_struct_ref.pdbx_seq_one_letter_code   ? 
_struct_ref.pdbx_align_begin           ? 
_struct_ref.pdbx_db_accession          P03366 
_struct_ref.pdbx_db_isoform            ? 
# 
loop_
_struct_ref_seq.align_id 
_struct_ref_seq.ref_id 
_struct_ref_seq.pdbx_PDB_id_code 
_struct_ref_seq.pdbx_strand_id 
_struct_ref_seq.seq_align_beg 
_struct_ref_seq.pdbx_seq_align_beg_ins_code 
_struct_ref_seq.seq_align_end 
_struct_ref_seq.pdbx_seq_align_end_ins_code 
_struct_ref_seq.pdbx_db_accession 
_struct_ref_seq.db_align_beg 
_struct_ref_seq.pdbx_db_align_beg_ins_code 
_struct_ref_seq.db_align_end 
_struct_ref_seq.pdbx_db_align_end_ins_code 
_struct_ref_seq.pdbx_auth_seq_align_beg 
_struct_ref_seq.pdbx_auth_seq_align_end 
1 1 1W5Y A 1 ? 110 ? P03366 58 ? 167 ? -10 99 
2 1 1W5Y B 1 ? 110 ? P03366 58 ? 167 ? -10 99 
# 
_pdbx_struct_assembly.id                   1 
_pdbx_struct_assembly.details              author_and_software_defined_assembly 
_pdbx_struct_assembly.method_details       PQS 
_pdbx_struct_assembly.oligomeric_details   dimeric 
_pdbx_struct_assembly.oligomeric_count     2 
# 
_pdbx_struct_assembly_gen.assembly_id       1 
_pdbx_struct_assembly_gen.oper_expression   1 
_pdbx_struct_assembly_gen.asym_id_list      A,B,C,D,E 
# 
_pdbx_struct_oper_list.id                   1 
_pdbx_struct_oper_list.type                 'identity operation' 
_pdbx_struct_oper_list.name                 1_555 
_pdbx_struct_oper_list.symmetry_operation   x,y,z 
_pdbx_struct_oper_list.matrix[1][1]         1.0000000000 
_pdbx_struct_oper_list.matrix[1][2]         0.0000000000 
_pdbx_struct_oper_list.matrix[1][3]         0.0000000000 
_pdbx_struct_oper_list.vector[1]            0.0000000000 
_pdbx_struct_oper_list.matrix[2][1]         0.0000000000 
_pdbx_struct_oper_list.matrix[2][2]         1.0000000000 
_pdbx_struct_oper_list.matrix[2][3]         0.0000000000 
_pdbx_struct_oper_list.vector[2]            0.0000000000 
_pdbx_struct_oper_list.matrix[3][1]         0.0000000000 
_pdbx_struct_oper_list.matrix[3][2]         0.0000000000 
_pdbx_struct_oper_list.matrix[3][3]         1.0000000000 
_pdbx_struct_oper_list.vector[3]            0.0000000000 
# 
_struct_biol.id   1 
# 
loop_
_struct_conf.conf_type_id 
_struct_conf.id 
_struct_conf.pdbx_PDB_helix_id 
_struct_conf.beg_label_comp_id 
_struct_conf.beg_label_asym_id 
_struct_conf.beg_label_seq_id 
_struct_conf.pdbx_beg_PDB_ins_code 
_struct_conf.end_label_comp_id 
_struct_conf.end_label_asym_id 
_struct_conf.end_label_seq_id 
_struct_conf.pdbx_end_PDB_ins_code 
_struct_conf.beg_auth_comp_id 
_struct_conf.beg_auth_asym_id 
_struct_conf.beg_auth_seq_id 
_struct_conf.end_auth_comp_id 
_struct_conf.end_auth_asym_id 
_struct_conf.end_auth_seq_id 
_struct_conf.pdbx_PDB_helix_class 
_struct_conf.details 
_struct_conf.pdbx_PDB_helix_length 
HELX_P HELX_P1 1 GLY A 97  ? THR A 102 ? GLY A 86 THR A 91 1 ? 6 
HELX_P HELX_P2 2 GLN A 103 ? GLY A 105 ? GLN A 92 GLY A 94 5 ? 3 
HELX_P HELX_P3 3 GLY B 97  ? THR B 102 ? GLY B 86 THR B 91 1 ? 6 
# 
_struct_conf_type.id          HELX_P 
_struct_conf_type.criteria    ? 
_struct_conf_type.reference   ? 
# 
loop_
_struct_sheet.id 
_struct_sheet.type 
_struct_sheet.number_strands 
_struct_sheet.details 
AA ? 4 ? 
AB ? 8 ? 
BA ? 8 ? 
# 
loop_
_struct_sheet_order.sheet_id 
_struct_sheet_order.range_id_1 
_struct_sheet_order.range_id_2 
_struct_sheet_order.offset 
_struct_sheet_order.sense 
AA 1 2 ? anti-parallel 
AA 2 3 ? anti-parallel 
AA 3 4 ? anti-parallel 
AB 1 2 ? anti-parallel 
AB 2 3 ? parallel      
AB 3 4 ? anti-parallel 
AB 4 5 ? parallel      
AB 5 6 ? anti-parallel 
AB 6 7 ? anti-parallel 
BA 1 2 ? anti-parallel 
BA 2 3 ? parallel      
BA 3 4 ? anti-parallel 
BA 4 5 ? parallel      
BA 5 6 ? anti-parallel 
BA 6 7 ? anti-parallel 
# 
loop_
_struct_sheet_range.sheet_id 
_struct_sheet_range.id 
_struct_sheet_range.beg_label_comp_id 
_struct_sheet_range.beg_label_asym_id 
_struct_sheet_range.beg_label_seq_id 
_struct_sheet_range.pdbx_beg_PDB_ins_code 
_struct_sheet_range.end_label_comp_id 
_struct_sheet_range.end_label_asym_id 
_struct_sheet_range.end_label_seq_id 
_struct_sheet_range.pdbx_end_PDB_ins_code 
_struct_sheet_range.beg_auth_comp_id 
_struct_sheet_range.beg_auth_asym_id 
_struct_sheet_range.beg_auth_seq_id 
_struct_sheet_range.end_auth_comp_id 
_struct_sheet_range.end_auth_asym_id 
_struct_sheet_range.end_auth_seq_id 
AA 1 GLN A 13  ? ILE A 14  ? GLN A 2  ILE A 3  
AA 2 THR B 107 ? ASN B 109 ? THR B 96 ASN B 98 
AA 3 THR A 107 ? ASN A 109 ? THR A 96 ASN A 98 
AA 4 GLN B 13  ? ILE B 14  ? GLN B 2  ILE B 3  
AB 1 LEU A 21  ? ILE A 26  ? LEU A 10 ILE A 15 
AB 2 GLN A 29  ? LEU A 35  ? GLN A 18 LEU A 24 
AB 3 ILE A 95  ? ILE A 96  ? ILE A 84 ILE A 85 
AB 4 VAL A 43  ? LEU A 44  ? VAL A 32 LEU A 33 
AB 5 HIS A 80  ? VAL A 88  ? HIS A 69 VAL A 77 
AB 6 GLY A 63  ? ILE A 77  ? GLY A 52 ILE A 66 
AB 7 LEU A 21  ? ILE A 26  ? LEU A 10 ILE A 15 
AB 8 LEU A 21  ? ILE A 26  ? LEU A 10 ILE A 15 
BA 1 LEU B 21  ? ILE B 26  ? LEU B 10 ILE B 15 
BA 2 GLN B 29  ? LEU B 35  ? GLN B 18 LEU B 24 
BA 3 ILE B 95  ? ILE B 96  ? ILE B 84 ILE B 85 
BA 4 VAL B 43  ? LEU B 44  ? VAL B 32 LEU B 33 
BA 5 HIS B 80  ? VAL B 88  ? HIS B 69 VAL B 77 
BA 6 GLY B 63  ? ILE B 77  ? GLY B 52 ILE B 66 
BA 7 LEU B 21  ? ILE B 26  ? LEU B 10 ILE B 15 
BA 8 LEU B 21  ? ILE B 26  ? LEU B 10 ILE B 15 
# 
loop_
_pdbx_struct_sheet_hbond.sheet_id 
_pdbx_struct_sheet_hbond.range_id_1 
_pdbx_struct_sheet_hbond.range_id_2 
_pdbx_struct_sheet_hbond.range_1_label_atom_id 
_pdbx_struct_sheet_hbond.range_1_label_comp_id 
_pdbx_struct_sheet_hbond.range_1_label_asym_id 
_pdbx_struct_sheet_hbond.range_1_label_seq_id 
_pdbx_struct_sheet_hbond.range_1_PDB_ins_code 
_pdbx_struct_sheet_hbond.range_1_auth_atom_id 
_pdbx_struct_sheet_hbond.range_1_auth_comp_id 
_pdbx_struct_sheet_hbond.range_1_auth_asym_id 
_pdbx_struct_sheet_hbond.range_1_auth_seq_id 
_pdbx_struct_sheet_hbond.range_2_label_atom_id 
_pdbx_struct_sheet_hbond.range_2_label_comp_id 
_pdbx_struct_sheet_hbond.range_2_label_asym_id 
_pdbx_struct_sheet_hbond.range_2_label_seq_id 
_pdbx_struct_sheet_hbond.range_2_PDB_ins_code 
_pdbx_struct_sheet_hbond.range_2_auth_atom_id 
_pdbx_struct_sheet_hbond.range_2_auth_comp_id 
_pdbx_struct_sheet_hbond.range_2_auth_asym_id 
_pdbx_struct_sheet_hbond.range_2_auth_seq_id 
AA 1 2 N ILE A 14  ? N ILE A 3  O LEU B 108 ? O LEU B 97 
AA 2 3 N ASN B 109 ? N ASN B 98 O THR A 107 ? O THR A 96 
AA 3 4 N LEU A 108 ? N LEU A 97 O ILE B 14  ? O ILE B 3  
AB 1 2 N ILE A 26  ? N ILE A 15 O GLN A 29  ? O GLN A 18 
AB 2 3 O LEU A 34  ? O LEU A 23 N ILE A 96  ? N ILE A 85 
AB 3 4 N ILE A 95  ? N ILE A 84 O VAL A 43  ? O VAL A 32 
AB 4 5 N LEU A 44  ? N LEU A 33 O LEU A 87  ? O LEU A 76 
AB 5 6 N VAL A 88  ? N VAL A 77 O ARG A 68  ? O ARG A 57 
AB 6 7 N GLU A 76  ? N GLU A 65 O LYS A 25  ? O LYS A 14 
BA 1 2 N ILE B 26  ? N ILE B 15 O GLN B 29  ? O GLN B 18 
BA 2 3 O LEU B 34  ? O LEU B 23 N ILE B 96  ? N ILE B 85 
BA 3 4 N ILE B 95  ? N ILE B 84 O VAL B 43  ? O VAL B 32 
BA 4 5 N LEU B 44  ? N LEU B 33 O LEU B 87  ? O LEU B 76 
BA 5 6 N VAL B 88  ? N VAL B 77 O ARG B 68  ? O ARG B 57 
BA 6 7 N GLU B 76  ? N GLU B 65 O LYS B 25  ? O LYS B 14 
# 
_struct_site.id                   AC1 
_struct_site.pdbx_evidence_code   Software 
_struct_site.pdbx_auth_asym_id    ? 
_struct_site.pdbx_auth_comp_id    ? 
_struct_site.pdbx_auth_seq_id     ? 
_struct_site.pdbx_auth_ins_code   ? 
_struct_site.pdbx_num_residues    26 
_struct_site.details              'BINDING SITE FOR RESIDUE BE6 A1100' 
# 
loop_
_struct_site_gen.id 
_struct_site_gen.site_id 
_struct_site_gen.pdbx_num_res 
_struct_site_gen.label_comp_id 
_struct_site_gen.label_asym_id 
_struct_site_gen.label_seq_id 
_struct_site_gen.pdbx_auth_ins_code 
_struct_site_gen.auth_comp_id 
_struct_site_gen.auth_asym_id 
_struct_site_gen.auth_seq_id 
_struct_site_gen.label_atom_id 
_struct_site_gen.label_alt_id 
_struct_site_gen.symmetry 
_struct_site_gen.details 
1  AC1 26 ARG A 19 ? ARG A 8    . ? 1_555 ? 
2  AC1 26 LEU A 34 ? LEU A 23   . ? 1_555 ? 
3  AC1 26 ASP A 36 ? ASP A 25   . ? 1_555 ? 
4  AC1 26 GLY A 38 ? GLY A 27   . ? 1_555 ? 
5  AC1 26 ALA A 39 ? ALA A 28   . ? 1_555 ? 
6  AC1 26 ASP A 40 ? ASP A 29   . ? 1_555 ? 
7  AC1 26 ASP A 41 ? ASP A 30   . ? 1_555 ? 
8  AC1 26 GLY A 59 ? GLY A 48   . ? 1_555 ? 
9  AC1 26 GLY A 60 ? GLY A 49   . ? 1_555 ? 
10 AC1 26 ILE A 61 ? ILE A 50   . ? 1_555 ? 
11 AC1 26 PRO A 92 ? PRO A 81   . ? 1_555 ? 
12 AC1 26 VAL A 93 ? VAL A 82   . ? 1_555 ? 
13 AC1 26 ILE A 95 ? ILE A 84   . ? 1_555 ? 
14 AC1 26 HOH D .  ? HOH A 2043 . ? 1_555 ? 
15 AC1 26 ARG B 19 ? ARG B 8    . ? 1_555 ? 
16 AC1 26 LEU B 34 ? LEU B 23   . ? 1_555 ? 
17 AC1 26 ASP B 36 ? ASP B 25   . ? 1_555 ? 
18 AC1 26 GLY B 38 ? GLY B 27   . ? 1_555 ? 
19 AC1 26 ALA B 39 ? ALA B 28   . ? 1_555 ? 
20 AC1 26 ASP B 40 ? ASP B 29   . ? 1_555 ? 
21 AC1 26 ASP B 41 ? ASP B 30   . ? 1_555 ? 
22 AC1 26 VAL B 43 ? VAL B 32   . ? 1_555 ? 
23 AC1 26 GLY B 59 ? GLY B 48   . ? 1_555 ? 
24 AC1 26 GLY B 60 ? GLY B 49   . ? 1_555 ? 
25 AC1 26 ILE B 61 ? ILE B 50   . ? 1_555 ? 
26 AC1 26 ILE B 95 ? ILE B 84   . ? 1_555 ? 
# 
_pdbx_database_remark.id     700 
_pdbx_database_remark.text   
;
SHEET
DETERMINATION METHOD: DSSP
THE SHEETS PRESENTED AS "AB, BA" IN EACH CHAIN ON SHEET RECORDS
BELOW ARE ACTUALLY 7-STRANDED BARRELS WHICH ARE REPRESENTED BY
8-STRANDED SHEETS IN WHICH THE FIRST AND LAST STRANDS
ARE IDENTICAL.
;
# 
loop_
_pdbx_unobs_or_zero_occ_residues.id 
_pdbx_unobs_or_zero_occ_residues.PDB_model_num 
_pdbx_unobs_or_zero_occ_residues.polymer_flag 
_pdbx_unobs_or_zero_occ_residues.occupancy_flag 
_pdbx_unobs_or_zero_occ_residues.auth_asym_id 
_pdbx_unobs_or_zero_occ_residues.auth_comp_id 
_pdbx_unobs_or_zero_occ_residues.auth_seq_id 
_pdbx_unobs_or_zero_occ_residues.PDB_ins_code 
_pdbx_unobs_or_zero_occ_residues.label_asym_id 
_pdbx_unobs_or_zero_occ_residues.label_comp_id 
_pdbx_unobs_or_zero_occ_residues.label_seq_id 
1  1 Y 1 A ALA -10 ? A ALA 1  
2  1 Y 1 A ASP -9  ? A ASP 2  
3  1 Y 1 A ARG -8  ? A ARG 3  
4  1 Y 1 A GLN -7  ? A GLN 4  
5  1 Y 1 A GLY -6  ? A GLY 5  
6  1 Y 1 A THR -5  ? A THR 6  
7  1 Y 1 A VAL -4  ? A VAL 7  
8  1 Y 1 A SER -3  ? A SER 8  
9  1 Y 1 A PHE -2  ? A PHE 9  
10 1 Y 1 A ASN -1  ? A ASN 10 
11 1 Y 1 A PHE 0   ? A PHE 11 
12 1 Y 1 B ALA -10 ? B ALA 1  
13 1 Y 1 B ASP -9  ? B ASP 2  
14 1 Y 1 B ARG -8  ? B ARG 3  
15 1 Y 1 B GLN -7  ? B GLN 4  
16 1 Y 1 B GLY -6  ? B GLY 5  
17 1 Y 1 B THR -5  ? B THR 6  
18 1 Y 1 B VAL -4  ? B VAL 7  
19 1 Y 1 B SER -3  ? B SER 8  
20 1 Y 1 B PHE -2  ? B PHE 9  
21 1 Y 1 B ASN -1  ? B ASN 10 
22 1 Y 1 B PHE 0   ? B PHE 11 
# 
loop_
_chem_comp_atom.comp_id 
_chem_comp_atom.atom_id 
_chem_comp_atom.type_symbol 
_chem_comp_atom.pdbx_aromatic_flag 
_chem_comp_atom.pdbx_stereo_config 
_chem_comp_atom.pdbx_ordinal 
ALA N    N N N 1   
ALA CA   C N S 2   
ALA C    C N N 3   
ALA O    O N N 4   
ALA CB   C N N 5   
ALA OXT  O N N 6   
ALA H    H N N 7   
ALA H2   H N N 8   
ALA HA   H N N 9   
ALA HB1  H N N 10  
ALA HB2  H N N 11  
ALA HB3  H N N 12  
ALA HXT  H N N 13  
ARG N    N N N 14  
ARG CA   C N S 15  
ARG C    C N N 16  
ARG O    O N N 17  
ARG CB   C N N 18  
ARG CG   C N N 19  
ARG CD   C N N 20  
ARG NE   N N N 21  
ARG CZ   C N N 22  
ARG NH1  N N N 23  
ARG NH2  N N N 24  
ARG OXT  O N N 25  
ARG H    H N N 26  
ARG H2   H N N 27  
ARG HA   H N N 28  
ARG HB2  H N N 29  
ARG HB3  H N N 30  
ARG HG2  H N N 31  
ARG HG3  H N N 32  
ARG HD2  H N N 33  
ARG HD3  H N N 34  
ARG HE   H N N 35  
ARG HH11 H N N 36  
ARG HH12 H N N 37  
ARG HH21 H N N 38  
ARG HH22 H N N 39  
ARG HXT  H N N 40  
ASN N    N N N 41  
ASN CA   C N S 42  
ASN C    C N N 43  
ASN O    O N N 44  
ASN CB   C N N 45  
ASN CG   C N N 46  
ASN OD1  O N N 47  
ASN ND2  N N N 48  
ASN OXT  O N N 49  
ASN H    H N N 50  
ASN H2   H N N 51  
ASN HA   H N N 52  
ASN HB2  H N N 53  
ASN HB3  H N N 54  
ASN HD21 H N N 55  
ASN HD22 H N N 56  
ASN HXT  H N N 57  
ASP N    N N N 58  
ASP CA   C N S 59  
ASP C    C N N 60  
ASP O    O N N 61  
ASP CB   C N N 62  
ASP CG   C N N 63  
ASP OD1  O N N 64  
ASP OD2  O N N 65  
ASP OXT  O N N 66  
ASP H    H N N 67  
ASP H2   H N N 68  
ASP HA   H N N 69  
ASP HB2  H N N 70  
ASP HB3  H N N 71  
ASP HD2  H N N 72  
ASP HXT  H N N 73  
BE6 C01  C Y N 74  
BE6 C02  C Y N 75  
BE6 C03  C Y N 76  
BE6 C04  C Y N 77  
BE6 C05  C Y N 78  
BE6 C06  C Y N 79  
BE6 C07  C Y N 80  
BE6 C08  C Y N 81  
BE6 C09  C Y N 82  
BE6 C10  C Y N 83  
BE6 C11  C Y N 84  
BE6 C12  C Y N 85  
BE6 C13  C N N 86  
BE6 O14  O N N 87  
BE6 C15  C N R 88  
BE6 C16  C N R 89  
BE6 C17  C N R 90  
BE6 C18  C N R 91  
BE6 C19  C N N 92  
BE6 O20  O N N 93  
BE6 N21  N N N 94  
BE6 O22  O N N 95  
BE6 C23  C N N 96  
BE6 O24  O N N 97  
BE6 O25  O N N 98  
BE6 C26  C N N 99  
BE6 O27  O N N 100 
BE6 N28  N N N 101 
BE6 C29  C N S 102 
BE6 C30  C Y N 103 
BE6 C31  C Y N 104 
BE6 C32  C Y N 105 
BE6 C33  C Y N 106 
BE6 C34  C Y N 107 
BE6 C35  C N R 108 
BE6 O36  O N N 109 
BE6 C37  C Y N 110 
BE6 C38  C N N 111 
BE6 C39  C N S 112 
BE6 C40  C Y N 113 
BE6 C41  C Y N 114 
BE6 C42  C Y N 115 
BE6 C43  C Y N 116 
BE6 C44  C Y N 117 
BE6 C45  C N R 118 
BE6 O46  O N N 119 
BE6 C47  C Y N 120 
BE6 C48  C N N 121 
BE6 F49  F N N 122 
BE6 F50  F N N 123 
BE6 F51  F N N 124 
BE6 F52  F N N 125 
BE6 H02  H N N 126 
BE6 H04  H N N 127 
BE6 H05  H N N 128 
BE6 H09  H N N 129 
BE6 H10  H N N 130 
BE6 H12  H N N 131 
BE6 H131 H N N 132 
BE6 H132 H N N 133 
BE6 H15  H N N 134 
BE6 H16  H N N 135 
BE6 H17  H N N 136 
BE6 H18  H N N 137 
BE6 H21  H N N 138 
BE6 H231 H N N 139 
BE6 H232 H N N 140 
BE6 H24  H N N 141 
BE6 H25  H N N 142 
BE6 H28  H N N 143 
BE6 H29  H N N 144 
BE6 H32  H N N 145 
BE6 H33  H N N 146 
BE6 H34  H N N 147 
BE6 H35  H N N 148 
BE6 H36  H N N 149 
BE6 H37  H N N 150 
BE6 H381 H N N 151 
BE6 H382 H N N 152 
BE6 H39  H N N 153 
BE6 H42  H N N 154 
BE6 H43  H N N 155 
BE6 H44  H N N 156 
BE6 H45  H N N 157 
BE6 H46  H N N 158 
BE6 H47  H N N 159 
BE6 H481 H N N 160 
BE6 H482 H N N 161 
CYS N    N N N 162 
CYS CA   C N R 163 
CYS C    C N N 164 
CYS O    O N N 165 
CYS CB   C N N 166 
CYS SG   S N N 167 
CYS OXT  O N N 168 
CYS H    H N N 169 
CYS H2   H N N 170 
CYS HA   H N N 171 
CYS HB2  H N N 172 
CYS HB3  H N N 173 
CYS HG   H N N 174 
CYS HXT  H N N 175 
GLN N    N N N 176 
GLN CA   C N S 177 
GLN C    C N N 178 
GLN O    O N N 179 
GLN CB   C N N 180 
GLN CG   C N N 181 
GLN CD   C N N 182 
GLN OE1  O N N 183 
GLN NE2  N N N 184 
GLN OXT  O N N 185 
GLN H    H N N 186 
GLN H2   H N N 187 
GLN HA   H N N 188 
GLN HB2  H N N 189 
GLN HB3  H N N 190 
GLN HG2  H N N 191 
GLN HG3  H N N 192 
GLN HE21 H N N 193 
GLN HE22 H N N 194 
GLN HXT  H N N 195 
GLU N    N N N 196 
GLU CA   C N S 197 
GLU C    C N N 198 
GLU O    O N N 199 
GLU CB   C N N 200 
GLU CG   C N N 201 
GLU CD   C N N 202 
GLU OE1  O N N 203 
GLU OE2  O N N 204 
GLU OXT  O N N 205 
GLU H    H N N 206 
GLU H2   H N N 207 
GLU HA   H N N 208 
GLU HB2  H N N 209 
GLU HB3  H N N 210 
GLU HG2  H N N 211 
GLU HG3  H N N 212 
GLU HE2  H N N 213 
GLU HXT  H N N 214 
GLY N    N N N 215 
GLY CA   C N N 216 
GLY C    C N N 217 
GLY O    O N N 218 
GLY OXT  O N N 219 
GLY H    H N N 220 
GLY H2   H N N 221 
GLY HA2  H N N 222 
GLY HA3  H N N 223 
GLY HXT  H N N 224 
HIS N    N N N 225 
HIS CA   C N S 226 
HIS C    C N N 227 
HIS O    O N N 228 
HIS CB   C N N 229 
HIS CG   C Y N 230 
HIS ND1  N Y N 231 
HIS CD2  C Y N 232 
HIS CE1  C Y N 233 
HIS NE2  N Y N 234 
HIS OXT  O N N 235 
HIS H    H N N 236 
HIS H2   H N N 237 
HIS HA   H N N 238 
HIS HB2  H N N 239 
HIS HB3  H N N 240 
HIS HD1  H N N 241 
HIS HD2  H N N 242 
HIS HE1  H N N 243 
HIS HE2  H N N 244 
HIS HXT  H N N 245 
HOH O    O N N 246 
HOH H1   H N N 247 
HOH H2   H N N 248 
ILE N    N N N 249 
ILE CA   C N S 250 
ILE C    C N N 251 
ILE O    O N N 252 
ILE CB   C N S 253 
ILE CG1  C N N 254 
ILE CG2  C N N 255 
ILE CD1  C N N 256 
ILE OXT  O N N 257 
ILE H    H N N 258 
ILE H2   H N N 259 
ILE HA   H N N 260 
ILE HB   H N N 261 
ILE HG12 H N N 262 
ILE HG13 H N N 263 
ILE HG21 H N N 264 
ILE HG22 H N N 265 
ILE HG23 H N N 266 
ILE HD11 H N N 267 
ILE HD12 H N N 268 
ILE HD13 H N N 269 
ILE HXT  H N N 270 
LEU N    N N N 271 
LEU CA   C N S 272 
LEU C    C N N 273 
LEU O    O N N 274 
LEU CB   C N N 275 
LEU CG   C N N 276 
LEU CD1  C N N 277 
LEU CD2  C N N 278 
LEU OXT  O N N 279 
LEU H    H N N 280 
LEU H2   H N N 281 
LEU HA   H N N 282 
LEU HB2  H N N 283 
LEU HB3  H N N 284 
LEU HG   H N N 285 
LEU HD11 H N N 286 
LEU HD12 H N N 287 
LEU HD13 H N N 288 
LEU HD21 H N N 289 
LEU HD22 H N N 290 
LEU HD23 H N N 291 
LEU HXT  H N N 292 
LYS N    N N N 293 
LYS CA   C N S 294 
LYS C    C N N 295 
LYS O    O N N 296 
LYS CB   C N N 297 
LYS CG   C N N 298 
LYS CD   C N N 299 
LYS CE   C N N 300 
LYS NZ   N N N 301 
LYS OXT  O N N 302 
LYS H    H N N 303 
LYS H2   H N N 304 
LYS HA   H N N 305 
LYS HB2  H N N 306 
LYS HB3  H N N 307 
LYS HG2  H N N 308 
LYS HG3  H N N 309 
LYS HD2  H N N 310 
LYS HD3  H N N 311 
LYS HE2  H N N 312 
LYS HE3  H N N 313 
LYS HZ1  H N N 314 
LYS HZ2  H N N 315 
LYS HZ3  H N N 316 
LYS HXT  H N N 317 
MET N    N N N 318 
MET CA   C N S 319 
MET C    C N N 320 
MET O    O N N 321 
MET CB   C N N 322 
MET CG   C N N 323 
MET SD   S N N 324 
MET CE   C N N 325 
MET OXT  O N N 326 
MET H    H N N 327 
MET H2   H N N 328 
MET HA   H N N 329 
MET HB2  H N N 330 
MET HB3  H N N 331 
MET HG2  H N N 332 
MET HG3  H N N 333 
MET HE1  H N N 334 
MET HE2  H N N 335 
MET HE3  H N N 336 
MET HXT  H N N 337 
PHE N    N N N 338 
PHE CA   C N S 339 
PHE C    C N N 340 
PHE O    O N N 341 
PHE CB   C N N 342 
PHE CG   C Y N 343 
PHE CD1  C Y N 344 
PHE CD2  C Y N 345 
PHE CE1  C Y N 346 
PHE CE2  C Y N 347 
PHE CZ   C Y N 348 
PHE OXT  O N N 349 
PHE H    H N N 350 
PHE H2   H N N 351 
PHE HA   H N N 352 
PHE HB2  H N N 353 
PHE HB3  H N N 354 
PHE HD1  H N N 355 
PHE HD2  H N N 356 
PHE HE1  H N N 357 
PHE HE2  H N N 358 
PHE HZ   H N N 359 
PHE HXT  H N N 360 
PRO N    N N N 361 
PRO CA   C N S 362 
PRO C    C N N 363 
PRO O    O N N 364 
PRO CB   C N N 365 
PRO CG   C N N 366 
PRO CD   C N N 367 
PRO OXT  O N N 368 
PRO H    H N N 369 
PRO HA   H N N 370 
PRO HB2  H N N 371 
PRO HB3  H N N 372 
PRO HG2  H N N 373 
PRO HG3  H N N 374 
PRO HD2  H N N 375 
PRO HD3  H N N 376 
PRO HXT  H N N 377 
SER N    N N N 378 
SER CA   C N S 379 
SER C    C N N 380 
SER O    O N N 381 
SER CB   C N N 382 
SER OG   O N N 383 
SER OXT  O N N 384 
SER H    H N N 385 
SER H2   H N N 386 
SER HA   H N N 387 
SER HB2  H N N 388 
SER HB3  H N N 389 
SER HG   H N N 390 
SER HXT  H N N 391 
THR N    N N N 392 
THR CA   C N S 393 
THR C    C N N 394 
THR O    O N N 395 
THR CB   C N R 396 
THR OG1  O N N 397 
THR CG2  C N N 398 
THR OXT  O N N 399 
THR H    H N N 400 
THR H2   H N N 401 
THR HA   H N N 402 
THR HB   H N N 403 
THR HG1  H N N 404 
THR HG21 H N N 405 
THR HG22 H N N 406 
THR HG23 H N N 407 
THR HXT  H N N 408 
TRP N    N N N 409 
TRP CA   C N S 410 
TRP C    C N N 411 
TRP O    O N N 412 
TRP CB   C N N 413 
TRP CG   C Y N 414 
TRP CD1  C Y N 415 
TRP CD2  C Y N 416 
TRP NE1  N Y N 417 
TRP CE2  C Y N 418 
TRP CE3  C Y N 419 
TRP CZ2  C Y N 420 
TRP CZ3  C Y N 421 
TRP CH2  C Y N 422 
TRP OXT  O N N 423 
TRP H    H N N 424 
TRP H2   H N N 425 
TRP HA   H N N 426 
TRP HB2  H N N 427 
TRP HB3  H N N 428 
TRP HD1  H N N 429 
TRP HE1  H N N 430 
TRP HE3  H N N 431 
TRP HZ2  H N N 432 
TRP HZ3  H N N 433 
TRP HH2  H N N 434 
TRP HXT  H N N 435 
TYR N    N N N 436 
TYR CA   C N S 437 
TYR C    C N N 438 
TYR O    O N N 439 
TYR CB   C N N 440 
TYR CG   C Y N 441 
TYR CD1  C Y N 442 
TYR CD2  C Y N 443 
TYR CE1  C Y N 444 
TYR CE2  C Y N 445 
TYR CZ   C Y N 446 
TYR OH   O N N 447 
TYR OXT  O N N 448 
TYR H    H N N 449 
TYR H2   H N N 450 
TYR HA   H N N 451 
TYR HB2  H N N 452 
TYR HB3  H N N 453 
TYR HD1  H N N 454 
TYR HD2  H N N 455 
TYR HE1  H N N 456 
TYR HE2  H N N 457 
TYR HH   H N N 458 
TYR HXT  H N N 459 
VAL N    N N N 460 
VAL CA   C N S 461 
VAL C    C N N 462 
VAL O    O N N 463 
VAL CB   C N N 464 
VAL CG1  C N N 465 
VAL CG2  C N N 466 
VAL OXT  O N N 467 
VAL H    H N N 468 
VAL H2   H N N 469 
VAL HA   H N N 470 
VAL HB   H N N 471 
VAL HG11 H N N 472 
VAL HG12 H N N 473 
VAL HG13 H N N 474 
VAL HG21 H N N 475 
VAL HG22 H N N 476 
VAL HG23 H N N 477 
VAL HXT  H N N 478 
# 
loop_
_chem_comp_bond.comp_id 
_chem_comp_bond.atom_id_1 
_chem_comp_bond.atom_id_2 
_chem_comp_bond.value_order 
_chem_comp_bond.pdbx_aromatic_flag 
_chem_comp_bond.pdbx_stereo_config 
_chem_comp_bond.pdbx_ordinal 
ALA N   CA   sing N N 1   
ALA N   H    sing N N 2   
ALA N   H2   sing N N 3   
ALA CA  C    sing N N 4   
ALA CA  CB   sing N N 5   
ALA CA  HA   sing N N 6   
ALA C   O    doub N N 7   
ALA C   OXT  sing N N 8   
ALA CB  HB1  sing N N 9   
ALA CB  HB2  sing N N 10  
ALA CB  HB3  sing N N 11  
ALA OXT HXT  sing N N 12  
ARG N   CA   sing N N 13  
ARG N   H    sing N N 14  
ARG N   H2   sing N N 15  
ARG CA  C    sing N N 16  
ARG CA  CB   sing N N 17  
ARG CA  HA   sing N N 18  
ARG C   O    doub N N 19  
ARG C   OXT  sing N N 20  
ARG CB  CG   sing N N 21  
ARG CB  HB2  sing N N 22  
ARG CB  HB3  sing N N 23  
ARG CG  CD   sing N N 24  
ARG CG  HG2  sing N N 25  
ARG CG  HG3  sing N N 26  
ARG CD  NE   sing N N 27  
ARG CD  HD2  sing N N 28  
ARG CD  HD3  sing N N 29  
ARG NE  CZ   sing N N 30  
ARG NE  HE   sing N N 31  
ARG CZ  NH1  sing N N 32  
ARG CZ  NH2  doub N N 33  
ARG NH1 HH11 sing N N 34  
ARG NH1 HH12 sing N N 35  
ARG NH2 HH21 sing N N 36  
ARG NH2 HH22 sing N N 37  
ARG OXT HXT  sing N N 38  
ASN N   CA   sing N N 39  
ASN N   H    sing N N 40  
ASN N   H2   sing N N 41  
ASN CA  C    sing N N 42  
ASN CA  CB   sing N N 43  
ASN CA  HA   sing N N 44  
ASN C   O    doub N N 45  
ASN C   OXT  sing N N 46  
ASN CB  CG   sing N N 47  
ASN CB  HB2  sing N N 48  
ASN CB  HB3  sing N N 49  
ASN CG  OD1  doub N N 50  
ASN CG  ND2  sing N N 51  
ASN ND2 HD21 sing N N 52  
ASN ND2 HD22 sing N N 53  
ASN OXT HXT  sing N N 54  
ASP N   CA   sing N N 55  
ASP N   H    sing N N 56  
ASP N   H2   sing N N 57  
ASP CA  C    sing N N 58  
ASP CA  CB   sing N N 59  
ASP CA  HA   sing N N 60  
ASP C   O    doub N N 61  
ASP C   OXT  sing N N 62  
ASP CB  CG   sing N N 63  
ASP CB  HB2  sing N N 64  
ASP CB  HB3  sing N N 65  
ASP CG  OD1  doub N N 66  
ASP CG  OD2  sing N N 67  
ASP OD2 HD2  sing N N 68  
ASP OXT HXT  sing N N 69  
BE6 C01 C02  doub Y N 70  
BE6 C01 C06  sing Y N 71  
BE6 C01 C23  sing N N 72  
BE6 C02 C03  sing Y N 73  
BE6 C02 H02  sing N N 74  
BE6 C03 C04  doub Y N 75  
BE6 C03 F50  sing N N 76  
BE6 C04 C05  sing Y N 77  
BE6 C04 H04  sing N N 78  
BE6 C05 C06  doub Y N 79  
BE6 C05 H05  sing N N 80  
BE6 C06 F51  sing N N 81  
BE6 C07 C08  doub Y N 82  
BE6 C07 C12  sing Y N 83  
BE6 C07 C13  sing N N 84  
BE6 C08 C09  sing Y N 85  
BE6 C08 F52  sing N N 86  
BE6 C09 C10  doub Y N 87  
BE6 C09 H09  sing N N 88  
BE6 C10 C11  sing Y N 89  
BE6 C10 H10  sing N N 90  
BE6 C11 C12  doub Y N 91  
BE6 C11 F49  sing N N 92  
BE6 C12 H12  sing N N 93  
BE6 C13 O14  sing N N 94  
BE6 C13 H131 sing N N 95  
BE6 C13 H132 sing N N 96  
BE6 O14 C15  sing N N 97  
BE6 C15 C16  sing N N 98  
BE6 C15 C26  sing N N 99  
BE6 C15 H15  sing N N 100 
BE6 C16 C17  sing N N 101 
BE6 C16 O25  sing N N 102 
BE6 C16 H16  sing N N 103 
BE6 C17 C18  sing N N 104 
BE6 C17 O24  sing N N 105 
BE6 C17 H17  sing N N 106 
BE6 C18 C19  sing N N 107 
BE6 C18 O22  sing N N 108 
BE6 C18 H18  sing N N 109 
BE6 C19 O20  doub N N 110 
BE6 C19 N21  sing N N 111 
BE6 N21 C39  sing N N 112 
BE6 N21 H21  sing N N 113 
BE6 O22 C23  sing N N 114 
BE6 C23 H231 sing N N 115 
BE6 C23 H232 sing N N 116 
BE6 O24 H24  sing N N 117 
BE6 O25 H25  sing N N 118 
BE6 C26 O27  doub N N 119 
BE6 C26 N28  sing N N 120 
BE6 N28 C29  sing N N 121 
BE6 N28 H28  sing N N 122 
BE6 C29 C30  sing N N 123 
BE6 C29 C35  sing N N 124 
BE6 C29 H29  sing N N 125 
BE6 C30 C31  doub Y N 126 
BE6 C30 C32  sing Y N 127 
BE6 C31 C37  sing Y N 128 
BE6 C31 C38  sing N N 129 
BE6 C32 C33  doub Y N 130 
BE6 C32 H32  sing N N 131 
BE6 C33 C34  sing Y N 132 
BE6 C33 H33  sing N N 133 
BE6 C34 C37  doub Y N 134 
BE6 C34 H34  sing N N 135 
BE6 C35 O36  sing N N 136 
BE6 C35 C38  sing N N 137 
BE6 C35 H35  sing N N 138 
BE6 O36 H36  sing N N 139 
BE6 C37 H37  sing N N 140 
BE6 C38 H381 sing N N 141 
BE6 C38 H382 sing N N 142 
BE6 C39 C40  sing N N 143 
BE6 C39 C45  sing N N 144 
BE6 C39 H39  sing N N 145 
BE6 C40 C41  doub Y N 146 
BE6 C40 C42  sing Y N 147 
BE6 C41 C47  sing Y N 148 
BE6 C41 C48  sing N N 149 
BE6 C42 C43  doub Y N 150 
BE6 C42 H42  sing N N 151 
BE6 C43 C44  sing Y N 152 
BE6 C43 H43  sing N N 153 
BE6 C44 C47  doub Y N 154 
BE6 C44 H44  sing N N 155 
BE6 C45 O46  sing N N 156 
BE6 C45 C48  sing N N 157 
BE6 C45 H45  sing N N 158 
BE6 O46 H46  sing N N 159 
BE6 C47 H47  sing N N 160 
BE6 C48 H481 sing N N 161 
BE6 C48 H482 sing N N 162 
CYS N   CA   sing N N 163 
CYS N   H    sing N N 164 
CYS N   H2   sing N N 165 
CYS CA  C    sing N N 166 
CYS CA  CB   sing N N 167 
CYS CA  HA   sing N N 168 
CYS C   O    doub N N 169 
CYS C   OXT  sing N N 170 
CYS CB  SG   sing N N 171 
CYS CB  HB2  sing N N 172 
CYS CB  HB3  sing N N 173 
CYS SG  HG   sing N N 174 
CYS OXT HXT  sing N N 175 
GLN N   CA   sing N N 176 
GLN N   H    sing N N 177 
GLN N   H2   sing N N 178 
GLN CA  C    sing N N 179 
GLN CA  CB   sing N N 180 
GLN CA  HA   sing N N 181 
GLN C   O    doub N N 182 
GLN C   OXT  sing N N 183 
GLN CB  CG   sing N N 184 
GLN CB  HB2  sing N N 185 
GLN CB  HB3  sing N N 186 
GLN CG  CD   sing N N 187 
GLN CG  HG2  sing N N 188 
GLN CG  HG3  sing N N 189 
GLN CD  OE1  doub N N 190 
GLN CD  NE2  sing N N 191 
GLN NE2 HE21 sing N N 192 
GLN NE2 HE22 sing N N 193 
GLN OXT HXT  sing N N 194 
GLU N   CA   sing N N 195 
GLU N   H    sing N N 196 
GLU N   H2   sing N N 197 
GLU CA  C    sing N N 198 
GLU CA  CB   sing N N 199 
GLU CA  HA   sing N N 200 
GLU C   O    doub N N 201 
GLU C   OXT  sing N N 202 
GLU CB  CG   sing N N 203 
GLU CB  HB2  sing N N 204 
GLU CB  HB3  sing N N 205 
GLU CG  CD   sing N N 206 
GLU CG  HG2  sing N N 207 
GLU CG  HG3  sing N N 208 
GLU CD  OE1  doub N N 209 
GLU CD  OE2  sing N N 210 
GLU OE2 HE2  sing N N 211 
GLU OXT HXT  sing N N 212 
GLY N   CA   sing N N 213 
GLY N   H    sing N N 214 
GLY N   H2   sing N N 215 
GLY CA  C    sing N N 216 
GLY CA  HA2  sing N N 217 
GLY CA  HA3  sing N N 218 
GLY C   O    doub N N 219 
GLY C   OXT  sing N N 220 
GLY OXT HXT  sing N N 221 
HIS N   CA   sing N N 222 
HIS N   H    sing N N 223 
HIS N   H2   sing N N 224 
HIS CA  C    sing N N 225 
HIS CA  CB   sing N N 226 
HIS CA  HA   sing N N 227 
HIS C   O    doub N N 228 
HIS C   OXT  sing N N 229 
HIS CB  CG   sing N N 230 
HIS CB  HB2  sing N N 231 
HIS CB  HB3  sing N N 232 
HIS CG  ND1  sing Y N 233 
HIS CG  CD2  doub Y N 234 
HIS ND1 CE1  doub Y N 235 
HIS ND1 HD1  sing N N 236 
HIS CD2 NE2  sing Y N 237 
HIS CD2 HD2  sing N N 238 
HIS CE1 NE2  sing Y N 239 
HIS CE1 HE1  sing N N 240 
HIS NE2 HE2  sing N N 241 
HIS OXT HXT  sing N N 242 
HOH O   H1   sing N N 243 
HOH O   H2   sing N N 244 
ILE N   CA   sing N N 245 
ILE N   H    sing N N 246 
ILE N   H2   sing N N 247 
ILE CA  C    sing N N 248 
ILE CA  CB   sing N N 249 
ILE CA  HA   sing N N 250 
ILE C   O    doub N N 251 
ILE C   OXT  sing N N 252 
ILE CB  CG1  sing N N 253 
ILE CB  CG2  sing N N 254 
ILE CB  HB   sing N N 255 
ILE CG1 CD1  sing N N 256 
ILE CG1 HG12 sing N N 257 
ILE CG1 HG13 sing N N 258 
ILE CG2 HG21 sing N N 259 
ILE CG2 HG22 sing N N 260 
ILE CG2 HG23 sing N N 261 
ILE CD1 HD11 sing N N 262 
ILE CD1 HD12 sing N N 263 
ILE CD1 HD13 sing N N 264 
ILE OXT HXT  sing N N 265 
LEU N   CA   sing N N 266 
LEU N   H    sing N N 267 
LEU N   H2   sing N N 268 
LEU CA  C    sing N N 269 
LEU CA  CB   sing N N 270 
LEU CA  HA   sing N N 271 
LEU C   O    doub N N 272 
LEU C   OXT  sing N N 273 
LEU CB  CG   sing N N 274 
LEU CB  HB2  sing N N 275 
LEU CB  HB3  sing N N 276 
LEU CG  CD1  sing N N 277 
LEU CG  CD2  sing N N 278 
LEU CG  HG   sing N N 279 
LEU CD1 HD11 sing N N 280 
LEU CD1 HD12 sing N N 281 
LEU CD1 HD13 sing N N 282 
LEU CD2 HD21 sing N N 283 
LEU CD2 HD22 sing N N 284 
LEU CD2 HD23 sing N N 285 
LEU OXT HXT  sing N N 286 
LYS N   CA   sing N N 287 
LYS N   H    sing N N 288 
LYS N   H2   sing N N 289 
LYS CA  C    sing N N 290 
LYS CA  CB   sing N N 291 
LYS CA  HA   sing N N 292 
LYS C   O    doub N N 293 
LYS C   OXT  sing N N 294 
LYS CB  CG   sing N N 295 
LYS CB  HB2  sing N N 296 
LYS CB  HB3  sing N N 297 
LYS CG  CD   sing N N 298 
LYS CG  HG2  sing N N 299 
LYS CG  HG3  sing N N 300 
LYS CD  CE   sing N N 301 
LYS CD  HD2  sing N N 302 
LYS CD  HD3  sing N N 303 
LYS CE  NZ   sing N N 304 
LYS CE  HE2  sing N N 305 
LYS CE  HE3  sing N N 306 
LYS NZ  HZ1  sing N N 307 
LYS NZ  HZ2  sing N N 308 
LYS NZ  HZ3  sing N N 309 
LYS OXT HXT  sing N N 310 
MET N   CA   sing N N 311 
MET N   H    sing N N 312 
MET N   H2   sing N N 313 
MET CA  C    sing N N 314 
MET CA  CB   sing N N 315 
MET CA  HA   sing N N 316 
MET C   O    doub N N 317 
MET C   OXT  sing N N 318 
MET CB  CG   sing N N 319 
MET CB  HB2  sing N N 320 
MET CB  HB3  sing N N 321 
MET CG  SD   sing N N 322 
MET CG  HG2  sing N N 323 
MET CG  HG3  sing N N 324 
MET SD  CE   sing N N 325 
MET CE  HE1  sing N N 326 
MET CE  HE2  sing N N 327 
MET CE  HE3  sing N N 328 
MET OXT HXT  sing N N 329 
PHE N   CA   sing N N 330 
PHE N   H    sing N N 331 
PHE N   H2   sing N N 332 
PHE CA  C    sing N N 333 
PHE CA  CB   sing N N 334 
PHE CA  HA   sing N N 335 
PHE C   O    doub N N 336 
PHE C   OXT  sing N N 337 
PHE CB  CG   sing N N 338 
PHE CB  HB2  sing N N 339 
PHE CB  HB3  sing N N 340 
PHE CG  CD1  doub Y N 341 
PHE CG  CD2  sing Y N 342 
PHE CD1 CE1  sing Y N 343 
PHE CD1 HD1  sing N N 344 
PHE CD2 CE2  doub Y N 345 
PHE CD2 HD2  sing N N 346 
PHE CE1 CZ   doub Y N 347 
PHE CE1 HE1  sing N N 348 
PHE CE2 CZ   sing Y N 349 
PHE CE2 HE2  sing N N 350 
PHE CZ  HZ   sing N N 351 
PHE OXT HXT  sing N N 352 
PRO N   CA   sing N N 353 
PRO N   CD   sing N N 354 
PRO N   H    sing N N 355 
PRO CA  C    sing N N 356 
PRO CA  CB   sing N N 357 
PRO CA  HA   sing N N 358 
PRO C   O    doub N N 359 
PRO C   OXT  sing N N 360 
PRO CB  CG   sing N N 361 
PRO CB  HB2  sing N N 362 
PRO CB  HB3  sing N N 363 
PRO CG  CD   sing N N 364 
PRO CG  HG2  sing N N 365 
PRO CG  HG3  sing N N 366 
PRO CD  HD2  sing N N 367 
PRO CD  HD3  sing N N 368 
PRO OXT HXT  sing N N 369 
SER N   CA   sing N N 370 
SER N   H    sing N N 371 
SER N   H2   sing N N 372 
SER CA  C    sing N N 373 
SER CA  CB   sing N N 374 
SER CA  HA   sing N N 375 
SER C   O    doub N N 376 
SER C   OXT  sing N N 377 
SER CB  OG   sing N N 378 
SER CB  HB2  sing N N 379 
SER CB  HB3  sing N N 380 
SER OG  HG   sing N N 381 
SER OXT HXT  sing N N 382 
THR N   CA   sing N N 383 
THR N   H    sing N N 384 
THR N   H2   sing N N 385 
THR CA  C    sing N N 386 
THR CA  CB   sing N N 387 
THR CA  HA   sing N N 388 
THR C   O    doub N N 389 
THR C   OXT  sing N N 390 
THR CB  OG1  sing N N 391 
THR CB  CG2  sing N N 392 
THR CB  HB   sing N N 393 
THR OG1 HG1  sing N N 394 
THR CG2 HG21 sing N N 395 
THR CG2 HG22 sing N N 396 
THR CG2 HG23 sing N N 397 
THR OXT HXT  sing N N 398 
TRP N   CA   sing N N 399 
TRP N   H    sing N N 400 
TRP N   H2   sing N N 401 
TRP CA  C    sing N N 402 
TRP CA  CB   sing N N 403 
TRP CA  HA   sing N N 404 
TRP C   O    doub N N 405 
TRP C   OXT  sing N N 406 
TRP CB  CG   sing N N 407 
TRP CB  HB2  sing N N 408 
TRP CB  HB3  sing N N 409 
TRP CG  CD1  doub Y N 410 
TRP CG  CD2  sing Y N 411 
TRP CD1 NE1  sing Y N 412 
TRP CD1 HD1  sing N N 413 
TRP CD2 CE2  doub Y N 414 
TRP CD2 CE3  sing Y N 415 
TRP NE1 CE2  sing Y N 416 
TRP NE1 HE1  sing N N 417 
TRP CE2 CZ2  sing Y N 418 
TRP CE3 CZ3  doub Y N 419 
TRP CE3 HE3  sing N N 420 
TRP CZ2 CH2  doub Y N 421 
TRP CZ2 HZ2  sing N N 422 
TRP CZ3 CH2  sing Y N 423 
TRP CZ3 HZ3  sing N N 424 
TRP CH2 HH2  sing N N 425 
TRP OXT HXT  sing N N 426 
TYR N   CA   sing N N 427 
TYR N   H    sing N N 428 
TYR N   H2   sing N N 429 
TYR CA  C    sing N N 430 
TYR CA  CB   sing N N 431 
TYR CA  HA   sing N N 432 
TYR C   O    doub N N 433 
TYR C   OXT  sing N N 434 
TYR CB  CG   sing N N 435 
TYR CB  HB2  sing N N 436 
TYR CB  HB3  sing N N 437 
TYR CG  CD1  doub Y N 438 
TYR CG  CD2  sing Y N 439 
TYR CD1 CE1  sing Y N 440 
TYR CD1 HD1  sing N N 441 
TYR CD2 CE2  doub Y N 442 
TYR CD2 HD2  sing N N 443 
TYR CE1 CZ   doub Y N 444 
TYR CE1 HE1  sing N N 445 
TYR CE2 CZ   sing Y N 446 
TYR CE2 HE2  sing N N 447 
TYR CZ  OH   sing N N 448 
TYR OH  HH   sing N N 449 
TYR OXT HXT  sing N N 450 
VAL N   CA   sing N N 451 
VAL N   H    sing N N 452 
VAL N   H2   sing N N 453 
VAL CA  C    sing N N 454 
VAL CA  CB   sing N N 455 
VAL CA  HA   sing N N 456 
VAL C   O    doub N N 457 
VAL C   OXT  sing N N 458 
VAL CB  CG1  sing N N 459 
VAL CB  CG2  sing N N 460 
VAL CB  HB   sing N N 461 
VAL CG1 HG11 sing N N 462 
VAL CG1 HG12 sing N N 463 
VAL CG1 HG13 sing N N 464 
VAL CG2 HG21 sing N N 465 
VAL CG2 HG22 sing N N 466 
VAL CG2 HG23 sing N N 467 
VAL OXT HXT  sing N N 468 
# 
_atom_sites.entry_id                    1W5Y 
_atom_sites.fract_transf_matrix[1][1]   0.01551936 
_atom_sites.fract_transf_matrix[1][2]   -0.00471909 
_atom_sites.fract_transf_matrix[1][3]   0.00475658 
_atom_sites.fract_transf_matrix[2][1]   -0.00436901 
_atom_sites.fract_transf_matrix[2][2]   -0.00479881 
_atom_sites.fract_transf_matrix[2][3]   0.00949385 
_atom_sites.fract_transf_matrix[3][1]   -0.00239416 
_atom_sites.fract_transf_matrix[3][2]   -0.01831542 
_atom_sites.fract_transf_matrix[3][3]   -0.01035958 
_atom_sites.fract_transf_vector[1]      0.269290 
_atom_sites.fract_transf_vector[2]      0.305702 
_atom_sites.fract_transf_vector[3]      0.079302 
# 
loop_
_atom_type.symbol 
C 
F 
N 
O 
S 
# 
loop_
_atom_site.group_PDB 
_atom_site.id 
_atom_site.type_symbol 
_atom_site.label_atom_id 
_atom_site.label_alt_id 
_atom_site.label_comp_id 
_atom_site.label_asym_id 
_atom_site.label_entity_id 
_atom_site.label_seq_id 
_atom_site.pdbx_PDB_ins_code 
_atom_site.Cartn_x 
_atom_site.Cartn_y 
_atom_site.Cartn_z 
_atom_site.occupancy 
_atom_site.B_iso_or_equiv 
_atom_site.pdbx_formal_charge 
_atom_site.auth_seq_id 
_atom_site.auth_comp_id 
_atom_site.auth_asym_id 
_atom_site.auth_atom_id 
_atom_site.pdbx_PDB_model_num 
ATOM   1    N N   . PRO A 1 12  ? 6.689   -11.026 14.242  1.00 32.45 ? 1    PRO A N   1 
ATOM   2    C CA  . PRO A 1 12  ? 8.014   -10.411 14.008  1.00 32.57 ? 1    PRO A CA  1 
ATOM   3    C C   . PRO A 1 12  ? 7.896   -8.917  13.735  1.00 31.56 ? 1    PRO A C   1 
ATOM   4    O O   . PRO A 1 12  ? 6.804   -8.350  13.787  1.00 30.55 ? 1    PRO A O   1 
ATOM   5    C CB  . PRO A 1 12  ? 8.616   -11.119 12.807  1.00 33.02 ? 1    PRO A CB  1 
ATOM   6    C CG  . PRO A 1 12  ? 7.363   -11.531 12.052  1.00 33.63 ? 1    PRO A CG  1 
ATOM   7    C CD  . PRO A 1 12  ? 6.382   -11.968 13.152  1.00 32.08 ? 1    PRO A CD  1 
ATOM   8    N N   . GLN A 1 13  ? 9.034   -8.288  13.459  1.00 30.54 ? 2    GLN A N   1 
ATOM   9    C CA  . GLN A 1 13  ? 9.076   -6.864  13.145  1.00 29.89 ? 2    GLN A CA  1 
ATOM   10   C C   . GLN A 1 13  ? 9.703   -6.751  11.762  1.00 28.90 ? 2    GLN A C   1 
ATOM   11   O O   . GLN A 1 13  ? 10.818  -7.222  11.542  1.00 27.84 ? 2    GLN A O   1 
ATOM   12   C CB  . GLN A 1 13  ? 9.923   -6.103  14.164  1.00 31.77 ? 2    GLN A CB  1 
ATOM   13   C CG  . GLN A 1 13  ? 9.959   -4.604  13.909  1.00 34.67 ? 2    GLN A CG  1 
ATOM   14   C CD  . GLN A 1 13  ? 10.674  -3.835  15.000  1.00 37.18 ? 2    GLN A CD  1 
ATOM   15   O OE1 . GLN A 1 13  ? 11.884  -3.973  15.183  1.00 38.66 ? 2    GLN A OE1 1 
ATOM   16   N NE2 . GLN A 1 13  ? 9.925   -3.020  15.736  1.00 37.25 ? 2    GLN A NE2 1 
ATOM   17   N N   . ILE A 1 14  ? 8.982   -6.131  10.833  1.00 26.10 ? 3    ILE A N   1 
ATOM   18   C CA  . ILE A 1 14  ? 9.457   -5.995  9.461   1.00 23.92 ? 3    ILE A CA  1 
ATOM   19   C C   . ILE A 1 14  ? 9.846   -4.560  9.116   1.00 23.63 ? 3    ILE A C   1 
ATOM   20   O O   . ILE A 1 14  ? 9.035   -3.642  9.254   1.00 20.20 ? 3    ILE A O   1 
ATOM   21   C CB  . ILE A 1 14  ? 8.371   -6.482  8.476   1.00 24.97 ? 3    ILE A CB  1 
ATOM   22   C CG1 . ILE A 1 14  ? 7.988   -7.925  8.817   1.00 26.64 ? 3    ILE A CG1 1 
ATOM   23   C CG2 . ILE A 1 14  ? 8.873   -6.395  7.042   1.00 23.51 ? 3    ILE A CG2 1 
ATOM   24   C CD1 . ILE A 1 14  ? 6.803   -8.446  8.051   1.00 27.70 ? 3    ILE A CD1 1 
ATOM   25   N N   . THR A 1 15  ? 11.091  -4.372  8.680   1.00 21.44 ? 4    THR A N   1 
ATOM   26   C CA  . THR A 1 15  ? 11.576  -3.049  8.299   1.00 20.76 ? 4    THR A CA  1 
ATOM   27   C C   . THR A 1 15  ? 11.151  -2.777  6.858   1.00 19.14 ? 4    THR A C   1 
ATOM   28   O O   . THR A 1 15  ? 10.813  -3.707  6.120   1.00 19.02 ? 4    THR A O   1 
ATOM   29   C CB  . THR A 1 15  ? 13.117  -2.950  8.413   1.00 21.95 ? 4    THR A CB  1 
ATOM   30   O OG1 . THR A 1 15  ? 13.726  -3.933  7.566   1.00 23.73 ? 4    THR A OG1 1 
ATOM   31   C CG2 . THR A 1 15  ? 13.554  -3.185  9.853   1.00 21.77 ? 4    THR A CG2 1 
ATOM   32   N N   . LEU A 1 16  ? 11.181  -1.513  6.451   1.00 16.70 ? 5    LEU A N   1 
ATOM   33   C CA  . LEU A 1 16  ? 10.728  -1.157  5.110   1.00 16.47 ? 5    LEU A CA  1 
ATOM   34   C C   . LEU A 1 16  ? 11.799  -0.719  4.113   1.00 16.45 ? 5    LEU A C   1 
ATOM   35   O O   . LEU A 1 16  ? 11.495  -0.032  3.135   1.00 14.12 ? 5    LEU A O   1 
ATOM   36   C CB  . LEU A 1 16  ? 9.630   -0.090  5.224   1.00 14.70 ? 5    LEU A CB  1 
ATOM   37   C CG  . LEU A 1 16  ? 8.430   -0.575  6.059   1.00 15.23 ? 5    LEU A CG  1 
ATOM   38   C CD1 . LEU A 1 16  ? 7.443   0.565   6.322   1.00 13.11 ? 5    LEU A CD1 1 
ATOM   39   C CD2 . LEU A 1 16  ? 7.751   -1.722  5.324   1.00 15.82 ? 5    LEU A CD2 1 
ATOM   40   N N   . TRP A 1 17  ? 13.044  -1.127  4.354   1.00 16.96 ? 6    TRP A N   1 
ATOM   41   C CA  . TRP A 1 17  ? 14.142  -0.787  3.450   1.00 18.20 ? 6    TRP A CA  1 
ATOM   42   C C   . TRP A 1 17  ? 13.878  -1.440  2.100   1.00 17.50 ? 6    TRP A C   1 
ATOM   43   O O   . TRP A 1 17  ? 14.269  -0.916  1.058   1.00 19.84 ? 6    TRP A O   1 
ATOM   44   C CB  . TRP A 1 17  ? 15.481  -1.282  4.014   1.00 17.33 ? 6    TRP A CB  1 
ATOM   45   C CG  . TRP A 1 17  ? 15.831  -0.672  5.336   1.00 18.03 ? 6    TRP A CG  1 
ATOM   46   C CD1 . TRP A 1 17  ? 15.903  -1.312  6.542   1.00 19.45 ? 6    TRP A CD1 1 
ATOM   47   C CD2 . TRP A 1 17  ? 16.154  0.698   5.590   1.00 19.35 ? 6    TRP A CD2 1 
ATOM   48   N NE1 . TRP A 1 17  ? 16.250  -0.423  7.531   1.00 20.83 ? 6    TRP A NE1 1 
ATOM   49   C CE2 . TRP A 1 17  ? 16.412  0.818   6.974   1.00 21.51 ? 6    TRP A CE2 1 
ATOM   50   C CE3 . TRP A 1 17  ? 16.252  1.837   4.782   1.00 21.13 ? 6    TRP A CE3 1 
ATOM   51   C CZ2 . TRP A 1 17  ? 16.763  2.034   7.569   1.00 23.02 ? 6    TRP A CZ2 1 
ATOM   52   C CZ3 . TRP A 1 17  ? 16.602  3.047   5.373   1.00 22.56 ? 6    TRP A CZ3 1 
ATOM   53   C CH2 . TRP A 1 17  ? 16.853  3.134   6.755   1.00 23.84 ? 6    TRP A CH2 1 
ATOM   54   N N   . GLN A 1 18  ? 13.212  -2.592  2.132   1.00 17.93 ? 7    GLN A N   1 
ATOM   55   C CA  . GLN A 1 18  ? 12.855  -3.328  0.922   1.00 17.54 ? 7    GLN A CA  1 
ATOM   56   C C   . GLN A 1 18  ? 11.352  -3.586  0.984   1.00 16.98 ? 7    GLN A C   1 
ATOM   57   O O   . GLN A 1 18  ? 10.737  -3.383  2.032   1.00 15.11 ? 7    GLN A O   1 
ATOM   58   C CB  . GLN A 1 18  ? 13.580  -4.679  0.859   1.00 22.15 ? 7    GLN A CB  1 
ATOM   59   C CG  . GLN A 1 18  ? 15.095  -4.618  0.682   1.00 26.72 ? 7    GLN A CG  1 
ATOM   60   C CD  . GLN A 1 18  ? 15.842  -4.445  1.994   1.00 31.41 ? 7    GLN A CD  1 
ATOM   61   O OE1 . GLN A 1 18  ? 15.641  -5.208  2.944   1.00 33.80 ? 7    GLN A OE1 1 
ATOM   62   N NE2 . GLN A 1 18  ? 16.721  -3.450  2.047   1.00 34.06 ? 7    GLN A NE2 1 
ATOM   63   N N   . ARG A 1 19  ? 10.766  -4.039  -0.122  1.00 15.04 ? 8    ARG A N   1 
ATOM   64   C CA  . ARG A 1 19  ? 9.335   -4.335  -0.142  1.00 16.33 ? 8    ARG A CA  1 
ATOM   65   C C   . ARG A 1 19  ? 9.059   -5.437  0.877   1.00 17.07 ? 8    ARG A C   1 
ATOM   66   O O   . ARG A 1 19  ? 9.785   -6.435  0.937   1.00 16.53 ? 8    ARG A O   1 
ATOM   67   C CB  . ARG A 1 19  ? 8.895   -4.789  -1.536  1.00 18.36 ? 8    ARG A CB  1 
ATOM   68   C CG  . ARG A 1 19  ? 8.889   -3.675  -2.574  1.00 20.18 ? 8    ARG A CG  1 
ATOM   69   C CD  . ARG A 1 19  ? 8.423   -4.184  -3.936  1.00 20.91 ? 8    ARG A CD  1 
ATOM   70   N NE  . ARG A 1 19  ? 8.250   -3.095  -4.895  1.00 20.78 ? 8    ARG A NE  1 
ATOM   71   C CZ  . ARG A 1 19  ? 7.816   -3.262  -6.141  1.00 23.66 ? 8    ARG A CZ  1 
ATOM   72   N NH1 . ARG A 1 19  ? 7.509   -4.476  -6.583  1.00 23.35 ? 8    ARG A NH1 1 
ATOM   73   N NH2 . ARG A 1 19  ? 7.668   -2.216  -6.941  1.00 24.54 ? 8    ARG A NH2 1 
ATOM   74   N N   . PRO A 1 20  ? 8.011   -5.266  1.702   1.00 16.10 ? 9    PRO A N   1 
ATOM   75   C CA  . PRO A 1 20  ? 7.666   -6.265  2.716   1.00 15.95 ? 9    PRO A CA  1 
ATOM   76   C C   . PRO A 1 20  ? 6.951   -7.486  2.147   1.00 16.63 ? 9    PRO A C   1 
ATOM   77   O O   . PRO A 1 20  ? 5.731   -7.620  2.258   1.00 15.22 ? 9    PRO A O   1 
ATOM   78   C CB  . PRO A 1 20  ? 6.801   -5.471  3.694   1.00 16.18 ? 9    PRO A CB  1 
ATOM   79   C CG  . PRO A 1 20  ? 6.049   -4.555  2.782   1.00 15.40 ? 9    PRO A CG  1 
ATOM   80   C CD  . PRO A 1 20  ? 7.124   -4.089  1.797   1.00 15.71 ? 9    PRO A CD  1 
ATOM   81   N N   . LEU A 1 21  ? 7.729   -8.381  1.543   1.00 17.36 ? 10   LEU A N   1 
ATOM   82   C CA  . LEU A 1 21  ? 7.202   -9.603  0.949   1.00 19.16 ? 10   LEU A CA  1 
ATOM   83   C C   . LEU A 1 21  ? 7.237   -10.761 1.938   1.00 20.61 ? 10   LEU A C   1 
ATOM   84   O O   . LEU A 1 21  ? 8.191   -10.906 2.708   1.00 19.92 ? 10   LEU A O   1 
ATOM   85   C CB  . LEU A 1 21  ? 8.026   -9.983  -0.283  1.00 22.90 ? 10   LEU A CB  1 
ATOM   86   C CG  . LEU A 1 21  ? 8.049   -9.020  -1.468  1.00 25.37 ? 10   LEU A CG  1 
ATOM   87   C CD1 . LEU A 1 21  ? 9.075   -9.504  -2.478  1.00 27.15 ? 10   LEU A CD1 1 
ATOM   88   C CD2 . LEU A 1 21  ? 6.669   -8.943  -2.108  1.00 25.80 ? 10   LEU A CD2 1 
ATOM   89   N N   . VAL A 1 22  ? 6.195   -11.586 1.916   1.00 19.24 ? 11   VAL A N   1 
ATOM   90   C CA  . VAL A 1 22  ? 6.126   -12.745 2.798   1.00 20.54 ? 11   VAL A CA  1 
ATOM   91   C C   . VAL A 1 22  ? 5.552   -13.932 2.035   1.00 20.56 ? 11   VAL A C   1 
ATOM   92   O O   . VAL A 1 22  ? 5.002   -13.770 0.946   1.00 19.65 ? 11   VAL A O   1 
ATOM   93   C CB  . VAL A 1 22  ? 5.241   -12.477 4.036   1.00 21.01 ? 11   VAL A CB  1 
ATOM   94   C CG1 . VAL A 1 22  ? 5.871   -11.396 4.900   1.00 22.42 ? 11   VAL A CG1 1 
ATOM   95   C CG2 . VAL A 1 22  ? 3.843   -12.069 3.597   1.00 21.83 ? 11   VAL A CG2 1 
ATOM   96   N N   . THR A 1 23  ? 5.695   -15.125 2.603   1.00 20.58 ? 12   THR A N   1 
ATOM   97   C CA  . THR A 1 23  ? 5.173   -16.327 1.966   1.00 22.13 ? 12   THR A CA  1 
ATOM   98   C C   . THR A 1 23  ? 3.798   -16.648 2.537   1.00 22.71 ? 12   THR A C   1 
ATOM   99   O O   . THR A 1 23  ? 3.600   -16.606 3.748   1.00 23.37 ? 12   THR A O   1 
ATOM   100  C CB  . THR A 1 23  ? 6.109   -17.536 2.196   1.00 23.76 ? 12   THR A CB  1 
ATOM   101  O OG1 . THR A 1 23  ? 7.389   -17.265 1.611   1.00 26.56 ? 12   THR A OG1 1 
ATOM   102  C CG2 . THR A 1 23  ? 5.532   -18.793 1.553   1.00 26.94 ? 12   THR A CG2 1 
ATOM   103  N N   . ILE A 1 24  ? 2.844   -16.948 1.663   1.00 22.17 ? 13   ILE A N   1 
ATOM   104  C CA  . ILE A 1 24  ? 1.497   -17.283 2.105   1.00 23.54 ? 13   ILE A CA  1 
ATOM   105  C C   . ILE A 1 24  ? 1.105   -18.643 1.545   1.00 24.92 ? 13   ILE A C   1 
ATOM   106  O O   . ILE A 1 24  ? 1.678   -19.109 0.561   1.00 24.98 ? 13   ILE A O   1 
ATOM   107  C CB  . ILE A 1 24  ? 0.448   -16.251 1.617   1.00 22.44 ? 13   ILE A CB  1 
ATOM   108  C CG1 . ILE A 1 24  ? 0.346   -16.295 0.088   1.00 22.41 ? 13   ILE A CG1 1 
ATOM   109  C CG2 . ILE A 1 24  ? 0.826   -14.850 2.106   1.00 22.08 ? 13   ILE A CG2 1 
ATOM   110  C CD1 . ILE A 1 24  ? -0.817  -15.503 -0.484  1.00 22.57 ? 13   ILE A CD1 1 
ATOM   111  N N   . LYS A 1 25  ? 0.128   -19.274 2.180   1.00 26.93 ? 14   LYS A N   1 
ATOM   112  C CA  . LYS A 1 25  ? -0.362  -20.570 1.736   1.00 30.20 ? 14   LYS A CA  1 
ATOM   113  C C   . LYS A 1 25  ? -1.859  -20.442 1.490   1.00 30.76 ? 14   LYS A C   1 
ATOM   114  O O   . LYS A 1 25  ? -2.611  -20.064 2.387   1.00 29.83 ? 14   LYS A O   1 
ATOM   115  C CB  . LYS A 1 25  ? -0.090  -21.640 2.796   1.00 32.48 ? 14   LYS A CB  1 
ATOM   116  C CG  . LYS A 1 25  ? -0.673  -23.004 2.462   1.00 38.15 ? 14   LYS A CG  1 
ATOM   117  C CD  . LYS A 1 25  ? -0.206  -24.067 3.445   1.00 41.65 ? 14   LYS A CD  1 
ATOM   118  C CE  . LYS A 1 25  ? -0.943  -25.383 3.223   1.00 44.17 ? 14   LYS A CE  1 
ATOM   119  N NZ  . LYS A 1 25  ? -0.852  -25.852 1.809   1.00 45.58 ? 14   LYS A NZ  1 
ATOM   120  N N   . ILE A 1 26  ? -2.280  -20.736 0.264   1.00 31.04 ? 15   ILE A N   1 
ATOM   121  C CA  . ILE A 1 26  ? -3.688  -20.649 -0.104  1.00 32.86 ? 15   ILE A CA  1 
ATOM   122  C C   . ILE A 1 26  ? -4.029  -21.718 -1.134  1.00 34.59 ? 15   ILE A C   1 
ATOM   123  O O   . ILE A 1 26  ? -3.234  -22.009 -2.026  1.00 33.95 ? 15   ILE A O   1 
ATOM   124  C CB  . ILE A 1 26  ? -4.027  -19.258 -0.694  1.00 31.74 ? 15   ILE A CB  1 
ATOM   125  C CG1 . ILE A 1 26  ? -5.496  -19.217 -1.117  1.00 31.50 ? 15   ILE A CG1 1 
ATOM   126  C CG2 . ILE A 1 26  ? -3.125  -18.960 -1.886  1.00 32.68 ? 15   ILE A CG2 1 
ATOM   127  C CD1 . ILE A 1 26  ? -5.969  -17.854 -1.578  1.00 30.95 ? 15   ILE A CD1 1 
ATOM   128  N N   . GLY A 1 27  ? -5.218  -22.299 -1.005  1.00 37.23 ? 16   GLY A N   1 
ATOM   129  C CA  . GLY A 1 27  ? -5.635  -23.333 -1.934  1.00 40.00 ? 16   GLY A CA  1 
ATOM   130  C C   . GLY A 1 27  ? -4.600  -24.439 -2.049  1.00 41.27 ? 16   GLY A C   1 
ATOM   131  O O   . GLY A 1 27  ? -4.500  -25.102 -3.082  1.00 42.47 ? 16   GLY A O   1 
ATOM   132  N N   . GLY A 1 28  ? -3.826  -24.632 -0.985  1.00 41.60 ? 17   GLY A N   1 
ATOM   133  C CA  . GLY A 1 28  ? -2.806  -25.664 -0.985  1.00 42.07 ? 17   GLY A CA  1 
ATOM   134  C C   . GLY A 1 28  ? -1.584  -25.295 -1.805  1.00 42.85 ? 17   GLY A C   1 
ATOM   135  O O   . GLY A 1 28  ? -0.856  -26.172 -2.272  1.00 43.91 ? 17   GLY A O   1 
ATOM   136  N N   . GLN A 1 29  ? -1.352  -23.997 -1.977  1.00 41.95 ? 18   GLN A N   1 
ATOM   137  C CA  . GLN A 1 29  ? -0.209  -23.518 -2.748  1.00 40.68 ? 18   GLN A CA  1 
ATOM   138  C C   . GLN A 1 29  ? 0.585   -22.461 -1.990  1.00 39.05 ? 18   GLN A C   1 
ATOM   139  O O   . GLN A 1 29  ? 0.017   -21.670 -1.236  1.00 37.24 ? 18   GLN A O   1 
ATOM   140  C CB  . GLN A 1 29  ? -0.679  -22.910 -4.072  1.00 42.05 ? 18   GLN A CB  1 
ATOM   141  C CG  . GLN A 1 29  ? -1.381  -23.869 -5.012  1.00 45.10 ? 18   GLN A CG  1 
ATOM   142  C CD  . GLN A 1 29  ? -1.870  -23.175 -6.268  1.00 46.89 ? 18   GLN A CD  1 
ATOM   143  O OE1 . GLN A 1 29  ? -1.086  -22.569 -7.000  1.00 47.83 ? 18   GLN A OE1 1 
ATOM   144  N NE2 . GLN A 1 29  ? -3.171  -23.257 -6.523  1.00 48.88 ? 18   GLN A NE2 1 
ATOM   145  N N   . LEU A 1 30  ? 1.898   -22.452 -2.196  1.00 38.02 ? 19   LEU A N   1 
ATOM   146  C CA  . LEU A 1 30  ? 2.766   -21.469 -1.558  1.00 36.87 ? 19   LEU A CA  1 
ATOM   147  C C   . LEU A 1 30  ? 3.039   -20.353 -2.557  1.00 36.08 ? 19   LEU A C   1 
ATOM   148  O O   . LEU A 1 30  ? 3.479   -20.609 -3.677  1.00 35.88 ? 19   LEU A O   1 
ATOM   149  C CB  . LEU A 1 30  ? 4.092   -22.102 -1.132  1.00 38.62 ? 19   LEU A CB  1 
ATOM   150  C CG  . LEU A 1 30  ? 4.082   -23.071 0.050   1.00 40.23 ? 19   LEU A CG  1 
ATOM   151  C CD1 . LEU A 1 30  ? 5.513   -23.502 0.352   1.00 41.29 ? 19   LEU A CD1 1 
ATOM   152  C CD2 . LEU A 1 30  ? 3.466   -22.400 1.266   1.00 40.37 ? 19   LEU A CD2 1 
ATOM   153  N N   . LYS A 1 31  ? 2.769   -19.117 -2.149  1.00 33.44 ? 20   LYS A N   1 
ATOM   154  C CA  . LYS A 1 31  ? 2.983   -17.966 -3.017  1.00 30.75 ? 20   LYS A CA  1 
ATOM   155  C C   . LYS A 1 31  ? 3.654   -16.841 -2.241  1.00 29.58 ? 20   LYS A C   1 
ATOM   156  O O   . LYS A 1 31  ? 3.706   -16.866 -1.011  1.00 29.35 ? 20   LYS A O   1 
ATOM   157  C CB  . LYS A 1 31  ? 1.647   -17.466 -3.579  1.00 31.47 ? 20   LYS A CB  1 
ATOM   158  C CG  . LYS A 1 31  ? 0.958   -18.416 -4.550  1.00 32.38 ? 20   LYS A CG  1 
ATOM   159  C CD  . LYS A 1 31  ? -0.429  -17.906 -4.904  1.00 34.24 ? 20   LYS A CD  1 
ATOM   160  C CE  . LYS A 1 31  ? -1.126  -18.791 -5.931  1.00 37.31 ? 20   LYS A CE  1 
ATOM   161  N NZ  . LYS A 1 31  ? -0.528  -18.666 -7.294  1.00 38.43 ? 20   LYS A NZ  1 
ATOM   162  N N   . GLU A 1 32  ? 4.177   -15.860 -2.971  1.00 27.18 ? 21   GLU A N   1 
ATOM   163  C CA  . GLU A 1 32  ? 4.827   -14.710 -2.355  1.00 25.69 ? 21   GLU A CA  1 
ATOM   164  C C   . GLU A 1 32  ? 3.855   -13.540 -2.459  1.00 22.55 ? 21   GLU A C   1 
ATOM   165  O O   . GLU A 1 32  ? 3.253   -13.324 -3.511  1.00 21.09 ? 21   GLU A O   1 
ATOM   166  C CB  . GLU A 1 32  ? 6.132   -14.383 -3.087  1.00 29.00 ? 21   GLU A CB  1 
ATOM   167  C CG  . GLU A 1 32  ? 6.984   -13.332 -2.390  1.00 34.95 ? 21   GLU A CG  1 
ATOM   168  C CD  . GLU A 1 32  ? 8.372   -13.189 -3.002  1.00 38.57 ? 21   GLU A CD  1 
ATOM   169  O OE1 . GLU A 1 32  ? 8.470   -12.822 -4.193  1.00 41.19 ? 21   GLU A OE1 1 
ATOM   170  O OE2 . GLU A 1 32  ? 9.366   -13.446 -2.286  1.00 40.74 ? 21   GLU A OE2 1 
ATOM   171  N N   . ALA A 1 33  ? 3.688   -12.796 -1.370  1.00 19.97 ? 22   ALA A N   1 
ATOM   172  C CA  . ALA A 1 33  ? 2.771   -11.662 -1.381  1.00 16.76 ? 22   ALA A CA  1 
ATOM   173  C C   . ALA A 1 33  ? 3.303   -10.476 -0.592  1.00 15.87 ? 22   ALA A C   1 
ATOM   174  O O   . ALA A 1 33  ? 4.142   -10.620 0.302   1.00 16.58 ? 22   ALA A O   1 
ATOM   175  C CB  . ALA A 1 33  ? 1.413   -12.079 -0.838  1.00 14.75 ? 22   ALA A CB  1 
ATOM   176  N N   . LEU A 1 34  ? 2.785   -9.303  -0.926  1.00 16.06 ? 23   LEU A N   1 
ATOM   177  C CA  . LEU A 1 34  ? 3.192   -8.059  -0.290  1.00 15.75 ? 23   LEU A CA  1 
ATOM   178  C C   . LEU A 1 34  ? 2.232   -7.617  0.813   1.00 14.47 ? 23   LEU A C   1 
ATOM   179  O O   . LEU A 1 34  ? 1.021   -7.588  0.604   1.00 13.48 ? 23   LEU A O   1 
ATOM   180  C CB  . LEU A 1 34  ? 3.265   -6.965  -1.352  1.00 16.68 ? 23   LEU A CB  1 
ATOM   181  C CG  . LEU A 1 34  ? 3.701   -5.565  -0.928  1.00 19.39 ? 23   LEU A CG  1 
ATOM   182  C CD1 . LEU A 1 34  ? 5.175   -5.556  -0.577  1.00 22.08 ? 23   LEU A CD1 1 
ATOM   183  C CD2 . LEU A 1 34  ? 3.434   -4.606  -2.075  1.00 22.85 ? 23   LEU A CD2 1 
ATOM   184  N N   . LEU A 1 35  ? 2.776   -7.275  1.982   1.00 13.30 ? 24   LEU A N   1 
ATOM   185  C CA  . LEU A 1 35  ? 1.963   -6.780  3.094   1.00 13.16 ? 24   LEU A CA  1 
ATOM   186  C C   . LEU A 1 35  ? 1.736   -5.325  2.701   1.00 13.12 ? 24   LEU A C   1 
ATOM   187  O O   . LEU A 1 35  ? 2.651   -4.506  2.756   1.00 12.91 ? 24   LEU A O   1 
ATOM   188  C CB  . LEU A 1 35  ? 2.738   -6.871  4.411   1.00 12.86 ? 24   LEU A CB  1 
ATOM   189  C CG  . LEU A 1 35  ? 3.150   -8.298  4.798   1.00 14.89 ? 24   LEU A CG  1 
ATOM   190  C CD1 . LEU A 1 35  ? 3.869   -8.270  6.136   1.00 17.32 ? 24   LEU A CD1 1 
ATOM   191  C CD2 . LEU A 1 35  ? 1.912   -9.195  4.875   1.00 15.38 ? 24   LEU A CD2 1 
ATOM   192  N N   . ASP A 1 36  ? 0.509   -5.006  2.319   1.00 11.06 ? 25   ASP A N   1 
ATOM   193  C CA  . ASP A 1 36  ? 0.190   -3.680  1.811   1.00 10.73 ? 25   ASP A CA  1 
ATOM   194  C C   . ASP A 1 36  ? -0.842  -2.899  2.619   1.00 10.13 ? 25   ASP A C   1 
ATOM   195  O O   . ASP A 1 36  ? -2.039  -3.113  2.452   1.00 9.98  ? 25   ASP A O   1 
ATOM   196  C CB  . ASP A 1 36  ? -0.309  -3.862  0.378   1.00 11.09 ? 25   ASP A CB  1 
ATOM   197  C CG  . ASP A 1 36  ? -0.385  -2.568  -0.393  1.00 14.48 ? 25   ASP A CG  1 
ATOM   198  O OD1 . ASP A 1 36  ? -0.357  -1.492  0.234   1.00 16.16 ? 25   ASP A OD1 1 
ATOM   199  O OD2 . ASP A 1 36  ? -0.481  -2.643  -1.634  1.00 14.99 ? 25   ASP A OD2 1 
ATOM   200  N N   . THR A 1 37  ? -0.392  -1.974  3.466   1.00 9.86  ? 26   THR A N   1 
ATOM   201  C CA  . THR A 1 37  ? -1.334  -1.198  4.278   1.00 8.74  ? 26   THR A CA  1 
ATOM   202  C C   . THR A 1 37  ? -2.166  -0.212  3.453   1.00 8.75  ? 26   THR A C   1 
ATOM   203  O O   . THR A 1 37  ? -3.168  0.315   3.940   1.00 9.14  ? 26   THR A O   1 
ATOM   204  C CB  . THR A 1 37  ? -0.617  -0.400  5.395   1.00 8.57  ? 26   THR A CB  1 
ATOM   205  O OG1 . THR A 1 37  ? 0.331   0.502   4.813   1.00 6.87  ? 26   THR A OG1 1 
ATOM   206  C CG2 . THR A 1 37  ? 0.093   -1.349  6.367   1.00 8.17  ? 26   THR A CG2 1 
ATOM   207  N N   . GLY A 1 38  ? -1.754  0.033   2.215   1.00 9.72  ? 27   GLY A N   1 
ATOM   208  C CA  . GLY A 1 38  ? -2.491  0.956   1.363   1.00 10.38 ? 27   GLY A CA  1 
ATOM   209  C C   . GLY A 1 38  ? -3.621  0.286   0.597   1.00 10.78 ? 27   GLY A C   1 
ATOM   210  O O   . GLY A 1 38  ? -4.401  0.952   -0.086  1.00 8.85  ? 27   GLY A O   1 
ATOM   211  N N   . ALA A 1 39  ? -3.704  -1.039  0.699   1.00 8.98  ? 28   ALA A N   1 
ATOM   212  C CA  . ALA A 1 39  ? -4.746  -1.802  0.011   1.00 9.18  ? 28   ALA A CA  1 
ATOM   213  C C   . ALA A 1 39  ? -5.892  -2.152  0.964   1.00 10.75 ? 28   ALA A C   1 
ATOM   214  O O   . ALA A 1 39  ? -5.668  -2.772  2.003   1.00 11.00 ? 28   ALA A O   1 
ATOM   215  C CB  . ALA A 1 39  ? -4.142  -3.092  -0.571  1.00 9.71  ? 28   ALA A CB  1 
ATOM   216  N N   . ASP A 1 40  ? -7.114  -1.756  0.614   1.00 10.22 ? 29   ASP A N   1 
ATOM   217  C CA  . ASP A 1 40  ? -8.267  -2.065  1.458   1.00 13.35 ? 29   ASP A CA  1 
ATOM   218  C C   . ASP A 1 40  ? -8.531  -3.569  1.475   1.00 13.18 ? 29   ASP A C   1 
ATOM   219  O O   . ASP A 1 40  ? -8.883  -4.136  2.510   1.00 12.33 ? 29   ASP A O   1 
ATOM   220  C CB  . ASP A 1 40  ? -9.541  -1.374  0.947   1.00 14.53 ? 29   ASP A CB  1 
ATOM   221  C CG  . ASP A 1 40  ? -9.460  0.136   1.009   1.00 17.19 ? 29   ASP A CG  1 
ATOM   222  O OD1 . ASP A 1 40  ? -8.800  0.675   1.919   1.00 17.28 ? 29   ASP A OD1 1 
ATOM   223  O OD2 . ASP A 1 40  ? -10.081 0.784   0.147   1.00 20.37 ? 29   ASP A OD2 1 
ATOM   224  N N   . ASP A 1 41  ? -8.357  -4.205  0.319   1.00 13.28 ? 30   ASP A N   1 
ATOM   225  C CA  . ASP A 1 41  ? -8.605  -5.635  0.184   1.00 14.25 ? 30   ASP A CA  1 
ATOM   226  C C   . ASP A 1 41  ? -7.398  -6.432  -0.292  1.00 14.49 ? 30   ASP A C   1 
ATOM   227  O O   . ASP A 1 41  ? -6.346  -5.880  -0.608  1.00 12.65 ? 30   ASP A O   1 
ATOM   228  C CB  . ASP A 1 41  ? -9.774  -5.872  -0.776  1.00 18.20 ? 30   ASP A CB  1 
ATOM   229  C CG  . ASP A 1 41  ? -11.094 -5.376  -0.217  1.00 24.17 ? 30   ASP A CG  1 
ATOM   230  O OD1 . ASP A 1 41  ? -11.564 -5.949  0.791   1.00 28.12 ? 30   ASP A OD1 1 
ATOM   231  O OD2 . ASP A 1 41  ? -11.652 -4.413  -0.779  1.00 27.03 ? 30   ASP A OD2 1 
ATOM   232  N N   . THR A 1 42  ? -7.581  -7.743  -0.345  1.00 14.02 ? 31   THR A N   1 
ATOM   233  C CA  . THR A 1 42  ? -6.538  -8.672  -0.754  1.00 13.66 ? 31   THR A CA  1 
ATOM   234  C C   . THR A 1 42  ? -6.802  -9.132  -2.182  1.00 13.88 ? 31   THR A C   1 
ATOM   235  O O   . THR A 1 42  ? -7.908  -9.561  -2.508  1.00 14.20 ? 31   THR A O   1 
ATOM   236  C CB  . THR A 1 42  ? -6.526  -9.870  0.212   1.00 13.59 ? 31   THR A CB  1 
ATOM   237  O OG1 . THR A 1 42  ? -6.147  -9.405  1.516   1.00 13.32 ? 31   THR A OG1 1 
ATOM   238  C CG2 . THR A 1 42  ? -5.555  -10.955 -0.254  1.00 12.74 ? 31   THR A CG2 1 
ATOM   239  N N   . VAL A 1 43  ? -5.791  -9.029  -3.039  1.00 13.87 ? 32   VAL A N   1 
ATOM   240  C CA  . VAL A 1 43  ? -5.947  -9.437  -4.428  1.00 13.55 ? 32   VAL A CA  1 
ATOM   241  C C   . VAL A 1 43  ? -4.763  -10.278 -4.888  1.00 14.21 ? 32   VAL A C   1 
ATOM   242  O O   . VAL A 1 43  ? -3.600  -9.905  -4.693  1.00 12.80 ? 32   VAL A O   1 
ATOM   243  C CB  . VAL A 1 43  ? -6.114  -8.207  -5.356  1.00 16.12 ? 32   VAL A CB  1 
ATOM   244  C CG1 . VAL A 1 43  ? -4.926  -7.281  -5.223  1.00 16.12 ? 32   VAL A CG1 1 
ATOM   245  C CG2 . VAL A 1 43  ? -6.287  -8.664  -6.803  1.00 15.67 ? 32   VAL A CG2 1 
ATOM   246  N N   . LEU A 1 44  ? -5.070  -11.427 -5.486  1.00 13.89 ? 33   LEU A N   1 
ATOM   247  C CA  . LEU A 1 44  ? -4.046  -12.346 -5.971  1.00 16.11 ? 33   LEU A CA  1 
ATOM   248  C C   . LEU A 1 44  ? -4.144  -12.544 -7.476  1.00 16.44 ? 33   LEU A C   1 
ATOM   249  O O   . LEU A 1 44  ? -5.211  -12.383 -8.066  1.00 14.00 ? 33   LEU A O   1 
ATOM   250  C CB  . LEU A 1 44  ? -4.184  -13.701 -5.280  1.00 18.04 ? 33   LEU A CB  1 
ATOM   251  C CG  . LEU A 1 44  ? -4.100  -13.686 -3.752  1.00 22.04 ? 33   LEU A CG  1 
ATOM   252  C CD1 . LEU A 1 44  ? -4.264  -15.105 -3.224  1.00 22.86 ? 33   LEU A CD1 1 
ATOM   253  C CD2 . LEU A 1 44  ? -2.765  -13.097 -3.314  1.00 22.12 ? 33   LEU A CD2 1 
ATOM   254  N N   . GLU A 1 45  ? -3.018  -12.894 -8.089  1.00 18.67 ? 34   GLU A N   1 
ATOM   255  C CA  . GLU A 1 45  ? -2.963  -13.131 -9.525  1.00 20.54 ? 34   GLU A CA  1 
ATOM   256  C C   . GLU A 1 45  ? -3.904  -14.281 -9.888  1.00 20.88 ? 34   GLU A C   1 
ATOM   257  O O   . GLU A 1 45  ? -4.276  -15.079 -9.030  1.00 19.10 ? 34   GLU A O   1 
ATOM   258  C CB  . GLU A 1 45  ? -1.528  -13.470 -9.936  1.00 23.67 ? 34   GLU A CB  1 
ATOM   259  C CG  . GLU A 1 45  ? -1.014  -14.775 -9.359  1.00 30.19 ? 34   GLU A CG  1 
ATOM   260  C CD  . GLU A 1 45  ? 0.481   -14.948 -9.557  1.00 35.36 ? 34   GLU A CD  1 
ATOM   261  O OE1 . GLU A 1 45  ? 0.961   -14.732 -10.692 1.00 38.34 ? 34   GLU A OE1 1 
ATOM   262  O OE2 . GLU A 1 45  ? 1.173   -15.308 -8.581  1.00 37.35 ? 34   GLU A OE2 1 
ATOM   263  N N   . GLU A 1 46  ? -4.285  -14.356 -11.159 1.00 21.99 ? 35   GLU A N   1 
ATOM   264  C CA  . GLU A 1 46  ? -5.199  -15.391 -11.635 1.00 23.72 ? 35   GLU A CA  1 
ATOM   265  C C   . GLU A 1 46  ? -4.897  -16.785 -11.102 1.00 22.85 ? 35   GLU A C   1 
ATOM   266  O O   . GLU A 1 46  ? -3.772  -17.261 -11.180 1.00 21.55 ? 35   GLU A O   1 
ATOM   267  C CB  . GLU A 1 46  ? -5.205  -15.437 -13.164 1.00 26.46 ? 35   GLU A CB  1 
ATOM   268  C CG  . GLU A 1 46  ? -6.108  -14.419 -13.837 1.00 30.53 ? 35   GLU A CG  1 
ATOM   269  C CD  . GLU A 1 46  ? -7.575  -14.606 -13.485 1.00 33.16 ? 35   GLU A CD  1 
ATOM   270  O OE1 . GLU A 1 46  ? -7.986  -15.749 -13.196 1.00 34.17 ? 35   GLU A OE1 1 
ATOM   271  O OE2 . GLU A 1 46  ? -8.322  -13.607 -13.513 1.00 35.73 ? 35   GLU A OE2 1 
ATOM   272  N N   . MET A 1 47  ? -5.922  -17.428 -10.562 1.00 23.20 ? 36   MET A N   1 
ATOM   273  C CA  . MET A 1 47  ? -5.793  -18.771 -10.023 1.00 25.48 ? 36   MET A CA  1 
ATOM   274  C C   . MET A 1 47  ? -7.185  -19.344 -9.809  1.00 26.55 ? 36   MET A C   1 
ATOM   275  O O   . MET A 1 47  ? -8.181  -18.623 -9.899  1.00 25.02 ? 36   MET A O   1 
ATOM   276  C CB  . MET A 1 47  ? -5.037  -18.745 -8.696  1.00 26.69 ? 36   MET A CB  1 
ATOM   277  C CG  . MET A 1 47  ? -5.803  -18.097 -7.562  1.00 29.18 ? 36   MET A CG  1 
ATOM   278  S SD  . MET A 1 47  ? -4.830  -18.078 -6.053  1.00 32.50 ? 36   MET A SD  1 
ATOM   279  C CE  . MET A 1 47  ? -4.910  -19.805 -5.563  1.00 31.49 ? 36   MET A CE  1 
ATOM   280  N N   . SER A 1 48  ? -7.252  -20.637 -9.513  1.00 28.54 ? 37   SER A N   1 
ATOM   281  C CA  . SER A 1 48  ? -8.528  -21.301 -9.297  1.00 30.83 ? 37   SER A CA  1 
ATOM   282  C C   . SER A 1 48  ? -8.854  -21.478 -7.819  1.00 31.65 ? 37   SER A C   1 
ATOM   283  O O   . SER A 1 48  ? -8.045  -21.996 -7.051  1.00 31.68 ? 37   SER A O   1 
ATOM   284  C CB  . SER A 1 48  ? -8.526  -22.671 -9.978  1.00 32.66 ? 37   SER A CB  1 
ATOM   285  O OG  . SER A 1 48  ? -9.776  -23.315 -9.809  1.00 36.02 ? 37   SER A OG  1 
ATOM   286  N N   . LEU A 1 49  ? -10.043 -21.032 -7.430  1.00 32.28 ? 38   LEU A N   1 
ATOM   287  C CA  . LEU A 1 49  ? -10.508 -21.161 -6.055  1.00 33.87 ? 38   LEU A CA  1 
ATOM   288  C C   . LEU A 1 49  ? -11.909 -21.752 -6.110  1.00 36.19 ? 38   LEU A C   1 
ATOM   289  O O   . LEU A 1 49  ? -12.628 -21.564 -7.089  1.00 36.64 ? 38   LEU A O   1 
ATOM   290  C CB  . LEU A 1 49  ? -10.541 -19.798 -5.353  1.00 32.94 ? 38   LEU A CB  1 
ATOM   291  C CG  . LEU A 1 49  ? -9.197  -19.121 -5.067  1.00 32.23 ? 38   LEU A CG  1 
ATOM   292  C CD1 . LEU A 1 49  ? -9.441  -17.824 -4.306  1.00 33.45 ? 38   LEU A CD1 1 
ATOM   293  C CD2 . LEU A 1 49  ? -8.307  -20.047 -4.251  1.00 33.02 ? 38   LEU A CD2 1 
ATOM   294  N N   . PRO A 1 50  ? -12.311 -22.486 -5.062  1.00 38.02 ? 39   PRO A N   1 
ATOM   295  C CA  . PRO A 1 50  ? -13.634 -23.112 -4.992  1.00 39.49 ? 39   PRO A CA  1 
ATOM   296  C C   . PRO A 1 50  ? -14.744 -22.149 -4.592  1.00 39.97 ? 39   PRO A C   1 
ATOM   297  O O   . PRO A 1 50  ? -14.485 -21.086 -4.028  1.00 41.40 ? 39   PRO A O   1 
ATOM   298  C CB  . PRO A 1 50  ? -13.429 -24.208 -3.957  1.00 40.37 ? 39   PRO A CB  1 
ATOM   299  C CG  . PRO A 1 50  ? -12.503 -23.544 -2.988  1.00 40.60 ? 39   PRO A CG  1 
ATOM   300  C CD  . PRO A 1 50  ? -11.485 -22.884 -3.907  1.00 39.24 ? 39   PRO A CD  1 
ATOM   301  N N   . GLY A 1 51  ? -15.981 -22.536 -4.886  1.00 40.20 ? 40   GLY A N   1 
ATOM   302  C CA  . GLY A 1 51  ? -17.122 -21.711 -4.541  1.00 39.54 ? 40   GLY A CA  1 
ATOM   303  C C   . GLY A 1 51  ? -17.539 -20.767 -5.647  1.00 38.77 ? 40   GLY A C   1 
ATOM   304  O O   . GLY A 1 51  ? -16.883 -20.679 -6.684  1.00 38.61 ? 40   GLY A O   1 
ATOM   305  N N   . ARG A 1 52  ? -18.647 -20.068 -5.429  1.00 38.69 ? 41   ARG A N   1 
ATOM   306  C CA  . ARG A 1 52  ? -19.146 -19.119 -6.410  1.00 39.02 ? 41   ARG A CA  1 
ATOM   307  C C   . ARG A 1 52  ? -18.428 -17.801 -6.165  1.00 36.93 ? 41   ARG A C   1 
ATOM   308  O O   . ARG A 1 52  ? -17.947 -17.547 -5.061  1.00 36.94 ? 41   ARG A O   1 
ATOM   309  C CB  . ARG A 1 52  ? -20.654 -18.922 -6.250  1.00 42.69 ? 41   ARG A CB  1 
ATOM   310  C CG  . ARG A 1 52  ? -21.275 -18.055 -7.335  1.00 48.33 ? 41   ARG A CG  1 
ATOM   311  C CD  . ARG A 1 52  ? -22.752 -17.787 -7.074  1.00 53.54 ? 41   ARG A CD  1 
ATOM   312  N NE  . ARG A 1 52  ? -22.959 -16.961 -5.888  1.00 57.52 ? 41   ARG A NE  1 
ATOM   313  C CZ  . ARG A 1 52  ? -24.153 -16.603 -5.427  1.00 60.14 ? 41   ARG A CZ  1 
ATOM   314  N NH1 . ARG A 1 52  ? -25.256 -16.997 -6.051  1.00 61.04 ? 41   ARG A NH1 1 
ATOM   315  N NH2 . ARG A 1 52  ? -24.246 -15.848 -4.338  1.00 60.87 ? 41   ARG A NH2 1 
ATOM   316  N N   . TRP A 1 53  ? -18.350 -16.968 -7.196  1.00 34.64 ? 42   TRP A N   1 
ATOM   317  C CA  . TRP A 1 53  ? -17.690 -15.675 -7.081  1.00 31.52 ? 42   TRP A CA  1 
ATOM   318  C C   . TRP A 1 53  ? -18.586 -14.567 -7.610  1.00 30.49 ? 42   TRP A C   1 
ATOM   319  O O   . TRP A 1 53  ? -19.588 -14.825 -8.272  1.00 28.50 ? 42   TRP A O   1 
ATOM   320  C CB  . TRP A 1 53  ? -16.374 -15.681 -7.858  1.00 31.69 ? 42   TRP A CB  1 
ATOM   321  C CG  . TRP A 1 53  ? -16.526 -16.170 -9.263  1.00 32.42 ? 42   TRP A CG  1 
ATOM   322  C CD1 . TRP A 1 53  ? -16.512 -17.468 -9.685  1.00 32.10 ? 42   TRP A CD1 1 
ATOM   323  C CD2 . TRP A 1 53  ? -16.760 -15.371 -10.429 1.00 32.68 ? 42   TRP A CD2 1 
ATOM   324  N NE1 . TRP A 1 53  ? -16.724 -17.530 -11.042 1.00 33.06 ? 42   TRP A NE1 1 
ATOM   325  C CE2 . TRP A 1 53  ? -16.881 -16.257 -11.524 1.00 33.09 ? 42   TRP A CE2 1 
ATOM   326  C CE3 . TRP A 1 53  ? -16.882 -13.993 -10.654 1.00 32.51 ? 42   TRP A CE3 1 
ATOM   327  C CZ2 . TRP A 1 53  ? -17.116 -15.809 -12.829 1.00 33.02 ? 42   TRP A CZ2 1 
ATOM   328  C CZ3 . TRP A 1 53  ? -17.117 -13.547 -11.953 1.00 33.20 ? 42   TRP A CZ3 1 
ATOM   329  C CH2 . TRP A 1 53  ? -17.232 -14.454 -13.023 1.00 33.68 ? 42   TRP A CH2 1 
ATOM   330  N N   . LYS A 1 54  ? -18.216 -13.328 -7.307  1.00 27.90 ? 43   LYS A N   1 
ATOM   331  C CA  . LYS A 1 54  ? -18.969 -12.167 -7.754  1.00 27.27 ? 43   LYS A CA  1 
ATOM   332  C C   . LYS A 1 54  ? -17.996 -11.190 -8.399  1.00 24.87 ? 43   LYS A C   1 
ATOM   333  O O   . LYS A 1 54  ? -16.875 -11.020 -7.922  1.00 23.07 ? 43   LYS A O   1 
ATOM   334  C CB  . LYS A 1 54  ? -19.659 -11.499 -6.564  1.00 30.63 ? 43   LYS A CB  1 
ATOM   335  C CG  . LYS A 1 54  ? -20.737 -12.350 -5.909  1.00 36.02 ? 43   LYS A CG  1 
ATOM   336  C CD  . LYS A 1 54  ? -21.081 -11.838 -4.512  1.00 39.58 ? 43   LYS A CD  1 
ATOM   337  C CE  . LYS A 1 54  ? -21.539 -10.386 -4.523  1.00 41.37 ? 43   LYS A CE  1 
ATOM   338  N NZ  . LYS A 1 54  ? -21.785 -9.880  -3.140  1.00 42.25 ? 43   LYS A NZ  1 
ATOM   339  N N   . PRO A 1 55  ? -18.405 -10.546 -9.503  1.00 23.16 ? 44   PRO A N   1 
ATOM   340  C CA  . PRO A 1 55  ? -17.518 -9.590  -10.169 1.00 21.59 ? 44   PRO A CA  1 
ATOM   341  C C   . PRO A 1 55  ? -17.428 -8.289  -9.384  1.00 20.64 ? 44   PRO A C   1 
ATOM   342  O O   . PRO A 1 55  ? -18.401 -7.851  -8.771  1.00 19.35 ? 44   PRO A O   1 
ATOM   343  C CB  . PRO A 1 55  ? -18.178 -9.401  -11.532 1.00 22.08 ? 44   PRO A CB  1 
ATOM   344  C CG  . PRO A 1 55  ? -19.633 -9.530  -11.204 1.00 23.23 ? 44   PRO A CG  1 
ATOM   345  C CD  . PRO A 1 55  ? -19.660 -10.715 -10.260 1.00 22.51 ? 44   PRO A CD  1 
ATOM   346  N N   . LYS A 1 56  ? -16.252 -7.678  -9.411  1.00 19.13 ? 45   LYS A N   1 
ATOM   347  C CA  . LYS A 1 56  ? -16.026 -6.427  -8.704  1.00 18.99 ? 45   LYS A CA  1 
ATOM   348  C C   . LYS A 1 56  ? -14.975 -5.620  -9.447  1.00 17.75 ? 45   LYS A C   1 
ATOM   349  O O   . LYS A 1 56  ? -14.173 -6.170  -10.203 1.00 16.37 ? 45   LYS A O   1 
ATOM   350  C CB  . LYS A 1 56  ? -15.551 -6.707  -7.272  1.00 20.92 ? 45   LYS A CB  1 
ATOM   351  C CG  . LYS A 1 56  ? -15.409 -5.466  -6.404  1.00 24.37 ? 45   LYS A CG  1 
ATOM   352  C CD  . LYS A 1 56  ? -14.981 -5.829  -4.983  1.00 25.77 ? 45   LYS A CD  1 
ATOM   353  C CE  . LYS A 1 56  ? -14.983 -4.606  -4.074  1.00 28.45 ? 45   LYS A CE  1 
ATOM   354  N NZ  . LYS A 1 56  ? -14.599 -4.942  -2.674  1.00 31.25 ? 45   LYS A NZ  1 
ATOM   355  N N   . MET A 1 57  ? -14.991 -4.310  -9.237  1.00 16.22 ? 46   MET A N   1 
ATOM   356  C CA  . MET A 1 57  ? -14.033 -3.422  -9.877  1.00 17.17 ? 46   MET A CA  1 
ATOM   357  C C   . MET A 1 57  ? -13.249 -2.723  -8.773  1.00 14.31 ? 46   MET A C   1 
ATOM   358  O O   . MET A 1 57  ? -13.845 -2.142  -7.872  1.00 14.45 ? 46   MET A O   1 
ATOM   359  C CB  . MET A 1 57  ? -14.775 -2.375  -10.710 1.00 21.21 ? 46   MET A CB  1 
ATOM   360  C CG  . MET A 1 57  ? -14.027 -1.906  -11.928 1.00 27.65 ? 46   MET A CG  1 
ATOM   361  S SD  . MET A 1 57  ? -14.041 -3.166  -13.215 1.00 31.62 ? 46   MET A SD  1 
ATOM   362  C CE  . MET A 1 57  ? -15.581 -2.778  -14.024 1.00 33.66 ? 46   MET A CE  1 
ATOM   363  N N   . ILE A 1 58  ? -11.922 -2.792  -8.819  1.00 13.73 ? 47   ILE A N   1 
ATOM   364  C CA  . ILE A 1 58  ? -11.118 -2.119  -7.801  1.00 11.89 ? 47   ILE A CA  1 
ATOM   365  C C   . ILE A 1 58  ? -10.203 -1.111  -8.466  1.00 12.90 ? 47   ILE A C   1 
ATOM   366  O O   . ILE A 1 58  ? -9.712  -1.339  -9.570  1.00 13.91 ? 47   ILE A O   1 
ATOM   367  C CB  . ILE A 1 58  ? -10.267 -3.112  -6.974  1.00 12.74 ? 47   ILE A CB  1 
ATOM   368  C CG1 . ILE A 1 58  ? -9.351  -3.924  -7.890  1.00 15.02 ? 47   ILE A CG1 1 
ATOM   369  C CG2 . ILE A 1 58  ? -11.181 -4.028  -6.167  1.00 14.33 ? 47   ILE A CG2 1 
ATOM   370  C CD1 . ILE A 1 58  ? -8.438  -4.893  -7.140  1.00 17.49 ? 47   ILE A CD1 1 
ATOM   371  N N   . GLY A 1 59  ? -9.978  0.012   -7.795  1.00 13.05 ? 48   GLY A N   1 
ATOM   372  C CA  . GLY A 1 59  ? -9.136  1.034   -8.375  1.00 14.89 ? 48   GLY A CA  1 
ATOM   373  C C   . GLY A 1 59  ? -7.936  1.408   -7.537  1.00 16.73 ? 48   GLY A C   1 
ATOM   374  O O   . GLY A 1 59  ? -7.982  1.403   -6.306  1.00 16.59 ? 48   GLY A O   1 
ATOM   375  N N   . GLY A 1 60  ? -6.849  1.725   -8.225  1.00 17.10 ? 49   GLY A N   1 
ATOM   376  C CA  . GLY A 1 60  ? -5.630  2.128   -7.554  1.00 18.18 ? 49   GLY A CA  1 
ATOM   377  C C   . GLY A 1 60  ? -4.926  3.115   -8.456  1.00 18.24 ? 49   GLY A C   1 
ATOM   378  O O   . GLY A 1 60  ? -5.575  3.849   -9.202  1.00 16.69 ? 49   GLY A O   1 
ATOM   379  N N   . ILE A 1 61  ? -3.599  3.143   -8.390  1.00 19.36 ? 50   ILE A N   1 
ATOM   380  C CA  . ILE A 1 61  ? -2.832  4.033   -9.242  1.00 21.50 ? 50   ILE A CA  1 
ATOM   381  C C   . ILE A 1 61  ? -2.960  3.484   -10.660 1.00 21.65 ? 50   ILE A C   1 
ATOM   382  O O   . ILE A 1 61  ? -2.728  2.301   -10.888 1.00 23.74 ? 50   ILE A O   1 
ATOM   383  C CB  . ILE A 1 61  ? -1.332  4.037   -8.859  1.00 21.61 ? 50   ILE A CB  1 
ATOM   384  C CG1 . ILE A 1 61  ? -1.119  4.807   -7.554  1.00 25.02 ? 50   ILE A CG1 1 
ATOM   385  C CG2 . ILE A 1 61  ? -0.509  4.632   -9.983  1.00 23.89 ? 50   ILE A CG2 1 
ATOM   386  C CD1 . ILE A 1 61  ? -1.549  4.050   -6.337  1.00 27.41 ? 50   ILE A CD1 1 
ATOM   387  N N   . GLY A 1 62  ? -3.333  4.334   -11.607 1.00 23.12 ? 51   GLY A N   1 
ATOM   388  C CA  . GLY A 1 62  ? -3.455  3.873   -12.978 1.00 22.43 ? 51   GLY A CA  1 
ATOM   389  C C   . GLY A 1 62  ? -4.874  3.587   -13.427 1.00 23.19 ? 51   GLY A C   1 
ATOM   390  O O   . GLY A 1 62  ? -5.156  3.562   -14.623 1.00 24.17 ? 51   GLY A O   1 
ATOM   391  N N   . GLY A 1 63  ? -5.773  3.364   -12.477 1.00 21.76 ? 52   GLY A N   1 
ATOM   392  C CA  . GLY A 1 63  ? -7.150  3.090   -12.839 1.00 20.12 ? 52   GLY A CA  1 
ATOM   393  C C   . GLY A 1 63  ? -7.737  1.861   -12.174 1.00 19.81 ? 52   GLY A C   1 
ATOM   394  O O   . GLY A 1 63  ? -7.246  1.398   -11.140 1.00 17.92 ? 52   GLY A O   1 
ATOM   395  N N   . PHE A 1 64  ? -8.781  1.322   -12.792 1.00 18.01 ? 53   PHE A N   1 
ATOM   396  C CA  . PHE A 1 64  ? -9.481  0.158   -12.265 1.00 17.04 ? 53   PHE A CA  1 
ATOM   397  C C   . PHE A 1 64  ? -9.240  -1.130  -13.041 1.00 16.90 ? 53   PHE A C   1 
ATOM   398  O O   . PHE A 1 64  ? -8.878  -1.103  -14.214 1.00 15.84 ? 53   PHE A O   1 
ATOM   399  C CB  . PHE A 1 64  ? -10.986 0.427   -12.251 1.00 15.84 ? 53   PHE A CB  1 
ATOM   400  C CG  . PHE A 1 64  ? -11.411 1.477   -11.273 1.00 18.31 ? 53   PHE A CG  1 
ATOM   401  C CD1 . PHE A 1 64  ? -11.167 2.825   -11.522 1.00 18.51 ? 53   PHE A CD1 1 
ATOM   402  C CD2 . PHE A 1 64  ? -12.073 1.118   -10.107 1.00 17.11 ? 53   PHE A CD2 1 
ATOM   403  C CE1 . PHE A 1 64  ? -11.584 3.799   -10.621 1.00 21.21 ? 53   PHE A CE1 1 
ATOM   404  C CE2 . PHE A 1 64  ? -12.493 2.083   -9.198  1.00 20.03 ? 53   PHE A CE2 1 
ATOM   405  C CZ  . PHE A 1 64  ? -12.249 3.426   -9.456  1.00 19.70 ? 53   PHE A CZ  1 
ATOM   406  N N   . ILE A 1 65  ? -9.450  -2.258  -12.367 1.00 16.87 ? 54   ILE A N   1 
ATOM   407  C CA  . ILE A 1 65  ? -9.326  -3.577  -12.981 1.00 16.55 ? 54   ILE A CA  1 
ATOM   408  C C   . ILE A 1 65  ? -10.497 -4.413  -12.473 1.00 17.10 ? 54   ILE A C   1 
ATOM   409  O O   . ILE A 1 65  ? -10.994 -4.189  -11.369 1.00 15.01 ? 54   ILE A O   1 
ATOM   410  C CB  . ILE A 1 65  ? -7.995  -4.300  -12.618 1.00 16.42 ? 54   ILE A CB  1 
ATOM   411  C CG1 . ILE A 1 65  ? -7.838  -4.402  -11.100 1.00 18.20 ? 54   ILE A CG1 1 
ATOM   412  C CG2 . ILE A 1 65  ? -6.816  -3.568  -13.244 1.00 19.08 ? 54   ILE A CG2 1 
ATOM   413  C CD1 . ILE A 1 65  ? -6.701  -5.311  -10.661 1.00 19.44 ? 54   ILE A CD1 1 
ATOM   414  N N   . LYS A 1 66  ? -10.942 -5.365  -13.287 1.00 16.89 ? 55   LYS A N   1 
ATOM   415  C CA  . LYS A 1 66  ? -12.052 -6.233  -12.921 1.00 17.37 ? 55   LYS A CA  1 
ATOM   416  C C   . LYS A 1 66  ? -11.487 -7.489  -12.259 1.00 16.44 ? 55   LYS A C   1 
ATOM   417  O O   . LYS A 1 66  ? -10.566 -8.115  -12.783 1.00 17.56 ? 55   LYS A O   1 
ATOM   418  C CB  . LYS A 1 66  ? -12.853 -6.609  -14.175 1.00 20.70 ? 55   LYS A CB  1 
ATOM   419  C CG  . LYS A 1 66  ? -14.062 -7.491  -13.916 1.00 25.61 ? 55   LYS A CG  1 
ATOM   420  C CD  . LYS A 1 66  ? -14.737 -7.876  -15.226 1.00 29.54 ? 55   LYS A CD  1 
ATOM   421  C CE  . LYS A 1 66  ? -15.892 -8.836  -15.001 1.00 33.32 ? 55   LYS A CE  1 
ATOM   422  N NZ  . LYS A 1 66  ? -16.467 -9.321  -16.293 1.00 35.01 ? 55   LYS A NZ  1 
ATOM   423  N N   . VAL A 1 67  ? -12.034 -7.849  -11.107 1.00 16.26 ? 56   VAL A N   1 
ATOM   424  C CA  . VAL A 1 67  ? -11.569 -9.020  -10.375 1.00 15.39 ? 56   VAL A CA  1 
ATOM   425  C C   . VAL A 1 67  ? -12.741 -9.904  -9.994  1.00 16.36 ? 56   VAL A C   1 
ATOM   426  O O   . VAL A 1 67  ? -13.894 -9.488  -10.080 1.00 16.28 ? 56   VAL A O   1 
ATOM   427  C CB  . VAL A 1 67  ? -10.852 -8.619  -9.058  1.00 17.89 ? 56   VAL A CB  1 
ATOM   428  C CG1 . VAL A 1 67  ? -9.616  -7.778  -9.356  1.00 15.87 ? 56   VAL A CG1 1 
ATOM   429  C CG2 . VAL A 1 67  ? -11.816 -7.844  -8.163  1.00 15.05 ? 56   VAL A CG2 1 
ATOM   430  N N   . ARG A 1 68  ? -12.440 -11.130 -9.580  1.00 14.88 ? 57   ARG A N   1 
ATOM   431  C CA  . ARG A 1 68  ? -13.472 -12.057 -9.137  1.00 17.12 ? 57   ARG A CA  1 
ATOM   432  C C   . ARG A 1 68  ? -13.380 -12.113 -7.619  1.00 16.75 ? 57   ARG A C   1 
ATOM   433  O O   . ARG A 1 68  ? -12.303 -12.330 -7.067  1.00 18.10 ? 57   ARG A O   1 
ATOM   434  C CB  . ARG A 1 68  ? -13.254 -13.445 -9.750  1.00 19.45 ? 57   ARG A CB  1 
ATOM   435  C CG  . ARG A 1 68  ? -13.583 -13.487 -11.237 1.00 23.31 ? 57   ARG A CG  1 
ATOM   436  C CD  . ARG A 1 68  ? -13.650 -14.902 -11.798 1.00 26.03 ? 57   ARG A CD  1 
ATOM   437  N NE  . ARG A 1 68  ? -12.337 -15.433 -12.152 1.00 29.32 ? 57   ARG A NE  1 
ATOM   438  C CZ  . ARG A 1 68  ? -11.492 -15.986 -11.290 1.00 30.23 ? 57   ARG A CZ  1 
ATOM   439  N NH1 . ARG A 1 68  ? -11.821 -16.086 -10.013 1.00 33.33 ? 57   ARG A NH1 1 
ATOM   440  N NH2 . ARG A 1 68  ? -10.318 -16.442 -11.708 1.00 28.43 ? 57   ARG A NH2 1 
ATOM   441  N N   . GLN A 1 69  ? -14.508 -11.900 -6.950  1.00 17.23 ? 58   GLN A N   1 
ATOM   442  C CA  . GLN A 1 69  ? -14.552 -11.897 -5.490  1.00 18.05 ? 58   GLN A CA  1 
ATOM   443  C C   . GLN A 1 69  ? -14.999 -13.219 -4.877  1.00 19.28 ? 58   GLN A C   1 
ATOM   444  O O   . GLN A 1 69  ? -16.097 -13.701 -5.165  1.00 18.88 ? 58   GLN A O   1 
ATOM   445  C CB  . GLN A 1 69  ? -15.499 -10.795 -5.001  1.00 17.74 ? 58   GLN A CB  1 
ATOM   446  C CG  . GLN A 1 69  ? -15.613 -10.701 -3.485  1.00 22.54 ? 58   GLN A CG  1 
ATOM   447  C CD  . GLN A 1 69  ? -16.715 -9.759  -3.032  1.00 27.62 ? 58   GLN A CD  1 
ATOM   448  O OE1 . GLN A 1 69  ? -16.849 -8.645  -3.541  1.00 31.24 ? 58   GLN A OE1 1 
ATOM   449  N NE2 . GLN A 1 69  ? -17.506 -10.200 -2.061  1.00 29.50 ? 58   GLN A NE2 1 
ATOM   450  N N   . TYR A 1 70  ? -14.150 -13.787 -4.025  1.00 20.25 ? 59   TYR A N   1 
ATOM   451  C CA  . TYR A 1 70  ? -14.460 -15.030 -3.323  1.00 22.31 ? 59   TYR A CA  1 
ATOM   452  C C   . TYR A 1 70  ? -14.495 -14.720 -1.832  1.00 24.46 ? 59   TYR A C   1 
ATOM   453  O O   . TYR A 1 70  ? -13.600 -14.049 -1.318  1.00 23.86 ? 59   TYR A O   1 
ATOM   454  C CB  . TYR A 1 70  ? -13.386 -16.096 -3.560  1.00 22.52 ? 59   TYR A CB  1 
ATOM   455  C CG  . TYR A 1 70  ? -13.296 -16.623 -4.971  1.00 24.16 ? 59   TYR A CG  1 
ATOM   456  C CD1 . TYR A 1 70  ? -12.599 -15.923 -5.955  1.00 22.06 ? 59   TYR A CD1 1 
ATOM   457  C CD2 . TYR A 1 70  ? -13.896 -17.835 -5.319  1.00 22.92 ? 59   TYR A CD2 1 
ATOM   458  C CE1 . TYR A 1 70  ? -12.496 -16.419 -7.251  1.00 24.48 ? 59   TYR A CE1 1 
ATOM   459  C CE2 . TYR A 1 70  ? -13.802 -18.339 -6.615  1.00 22.46 ? 59   TYR A CE2 1 
ATOM   460  C CZ  . TYR A 1 70  ? -13.100 -17.628 -7.574  1.00 24.14 ? 59   TYR A CZ  1 
ATOM   461  O OH  . TYR A 1 70  ? -12.999 -18.124 -8.853  1.00 25.75 ? 59   TYR A OH  1 
ATOM   462  N N   . ASP A 1 71  ? -15.509 -15.213 -1.129  1.00 25.66 ? 60   ASP A N   1 
ATOM   463  C CA  . ASP A 1 71  ? -15.603 -14.963 0.306   1.00 29.30 ? 60   ASP A CA  1 
ATOM   464  C C   . ASP A 1 71  ? -15.295 -16.228 1.112   1.00 29.65 ? 60   ASP A C   1 
ATOM   465  O O   . ASP A 1 71  ? -15.269 -17.332 0.564   1.00 29.28 ? 60   ASP A O   1 
ATOM   466  C CB  . ASP A 1 71  ? -17.003 -14.450 0.665   1.00 31.60 ? 60   ASP A CB  1 
ATOM   467  C CG  . ASP A 1 71  ? -17.384 -13.196 -0.106  1.00 35.29 ? 60   ASP A CG  1 
ATOM   468  O OD1 . ASP A 1 71  ? -16.581 -12.239 -0.127  1.00 35.92 ? 60   ASP A OD1 1 
ATOM   469  O OD2 . ASP A 1 71  ? -18.492 -13.163 -0.687  1.00 36.47 ? 60   ASP A OD2 1 
ATOM   470  N N   . GLN A 1 72  ? -15.048 -16.056 2.407   1.00 29.67 ? 61   GLN A N   1 
ATOM   471  C CA  . GLN A 1 72  ? -14.764 -17.182 3.294   1.00 30.78 ? 61   GLN A CA  1 
ATOM   472  C C   . GLN A 1 72  ? -13.567 -18.023 2.852   1.00 29.23 ? 61   GLN A C   1 
ATOM   473  O O   . GLN A 1 72  ? -13.625 -19.251 2.892   1.00 30.76 ? 61   GLN A O   1 
ATOM   474  C CB  . GLN A 1 72  ? -15.993 -18.093 3.389   1.00 34.09 ? 61   GLN A CB  1 
ATOM   475  C CG  . GLN A 1 72  ? -16.603 -18.236 4.775   1.00 40.22 ? 61   GLN A CG  1 
ATOM   476  C CD  . GLN A 1 72  ? -17.429 -17.035 5.187   1.00 42.40 ? 61   GLN A CD  1 
ATOM   477  O OE1 . GLN A 1 72  ? -16.894 -15.966 5.479   1.00 44.00 ? 61   GLN A OE1 1 
ATOM   478  N NE2 . GLN A 1 72  ? -18.750 -17.205 5.204   1.00 43.55 ? 61   GLN A NE2 1 
ATOM   479  N N   . ILE A 1 73  ? -12.488 -17.373 2.429   1.00 27.47 ? 62   ILE A N   1 
ATOM   480  C CA  . ILE A 1 73  ? -11.294 -18.094 1.994   1.00 25.85 ? 62   ILE A CA  1 
ATOM   481  C C   . ILE A 1 73  ? -10.272 -18.141 3.123   1.00 26.62 ? 62   ILE A C   1 
ATOM   482  O O   . ILE A 1 73  ? -10.019 -17.131 3.777   1.00 24.15 ? 62   ILE A O   1 
ATOM   483  C CB  . ILE A 1 73  ? -10.632 -17.411 0.776   1.00 25.70 ? 62   ILE A CB  1 
ATOM   484  C CG1 . ILE A 1 73  ? -11.621 -17.340 -0.391  1.00 25.48 ? 62   ILE A CG1 1 
ATOM   485  C CG2 . ILE A 1 73  ? -9.378  -18.173 0.374   1.00 25.61 ? 62   ILE A CG2 1 
ATOM   486  C CD1 . ILE A 1 73  ? -12.078 -18.694 -0.901  1.00 26.91 ? 62   ILE A CD1 1 
ATOM   487  N N   . LEU A 1 74  ? -9.690  -19.314 3.351   1.00 26.68 ? 63   LEU A N   1 
ATOM   488  C CA  . LEU A 1 74  ? -8.694  -19.468 4.404   1.00 28.01 ? 63   LEU A CA  1 
ATOM   489  C C   . LEU A 1 74  ? -7.287  -19.241 3.861   1.00 27.15 ? 63   LEU A C   1 
ATOM   490  O O   . LEU A 1 74  ? -6.901  -19.824 2.848   1.00 25.66 ? 63   LEU A O   1 
ATOM   491  C CB  . LEU A 1 74  ? -8.783  -20.867 5.024   1.00 30.47 ? 63   LEU A CB  1 
ATOM   492  C CG  . LEU A 1 74  ? -7.678  -21.218 6.026   1.00 33.08 ? 63   LEU A CG  1 
ATOM   493  C CD1 . LEU A 1 74  ? -7.718  -20.259 7.204   1.00 34.61 ? 63   LEU A CD1 1 
ATOM   494  C CD2 . LEU A 1 74  ? -7.856  -22.655 6.504   1.00 35.43 ? 63   LEU A CD2 1 
ATOM   495  N N   . ILE A 1 75  ? -6.525  -18.389 4.540   1.00 26.52 ? 64   ILE A N   1 
ATOM   496  C CA  . ILE A 1 75  ? -5.159  -18.092 4.133   1.00 27.90 ? 64   ILE A CA  1 
ATOM   497  C C   . ILE A 1 75  ? -4.222  -18.112 5.328   1.00 28.25 ? 64   ILE A C   1 
ATOM   498  O O   . ILE A 1 75  ? -4.587  -17.686 6.422   1.00 27.73 ? 64   ILE A O   1 
ATOM   499  C CB  . ILE A 1 75  ? -5.043  -16.697 3.478   1.00 29.99 ? 64   ILE A CB  1 
ATOM   500  C CG1 . ILE A 1 75  ? -5.911  -16.633 2.223   1.00 30.88 ? 64   ILE A CG1 1 
ATOM   501  C CG2 . ILE A 1 75  ? -3.584  -16.406 3.127   1.00 30.48 ? 64   ILE A CG2 1 
ATOM   502  C CD1 . ILE A 1 75  ? -5.783  -15.329 1.470   1.00 34.67 ? 64   ILE A CD1 1 
ATOM   503  N N   . GLU A 1 76  ? -3.013  -18.614 5.112   1.00 27.80 ? 65   GLU A N   1 
ATOM   504  C CA  . GLU A 1 76  ? -2.015  -18.660 6.163   1.00 29.89 ? 65   GLU A CA  1 
ATOM   505  C C   . GLU A 1 76  ? -0.936  -17.649 5.818   1.00 30.55 ? 65   GLU A C   1 
ATOM   506  O O   . GLU A 1 76  ? -0.301  -17.743 4.768   1.00 29.55 ? 65   GLU A O   1 
ATOM   507  C CB  . GLU A 1 76  ? -1.412  -20.062 6.279   1.00 32.87 ? 65   GLU A CB  1 
ATOM   508  C CG  . GLU A 1 76  ? -2.350  -21.084 6.899   1.00 36.73 ? 65   GLU A CG  1 
ATOM   509  C CD  . GLU A 1 76  ? -1.679  -22.426 7.131   1.00 39.51 ? 65   GLU A CD  1 
ATOM   510  O OE1 . GLU A 1 76  ? -0.576  -22.443 7.719   1.00 40.95 ? 65   GLU A OE1 1 
ATOM   511  O OE2 . GLU A 1 76  ? -2.259  -23.462 6.736   1.00 40.57 ? 65   GLU A OE2 1 
ATOM   512  N N   . ILE A 1 77  ? -0.750  -16.673 6.698   1.00 31.12 ? 66   ILE A N   1 
ATOM   513  C CA  . ILE A 1 77  ? 0.241   -15.624 6.498   1.00 33.13 ? 66   ILE A CA  1 
ATOM   514  C C   . ILE A 1 77  ? 1.326   -15.776 7.556   1.00 33.73 ? 66   ILE A C   1 
ATOM   515  O O   . ILE A 1 77  ? 1.084   -15.539 8.738   1.00 34.76 ? 66   ILE A O   1 
ATOM   516  C CB  . ILE A 1 77  ? -0.414  -14.225 6.618   1.00 33.45 ? 66   ILE A CB  1 
ATOM   517  C CG1 . ILE A 1 77  ? -1.612  -14.139 5.670   1.00 34.26 ? 66   ILE A CG1 1 
ATOM   518  C CG2 . ILE A 1 77  ? 0.596   -13.136 6.275   1.00 33.85 ? 66   ILE A CG2 1 
ATOM   519  C CD1 . ILE A 1 77  ? -2.428  -12.874 5.806   1.00 34.98 ? 66   ILE A CD1 1 
ATOM   520  N N   . CYS A 1 78  ? 2.515   -16.187 7.125   1.00 36.67 ? 67   CYS A N   1 
ATOM   521  C CA  . CYS A 1 78  ? 3.643   -16.385 8.031   1.00 38.96 ? 67   CYS A CA  1 
ATOM   522  C C   . CYS A 1 78  ? 3.277   -17.284 9.203   1.00 39.01 ? 67   CYS A C   1 
ATOM   523  O O   . CYS A 1 78  ? 3.645   -17.008 10.345  1.00 39.48 ? 67   CYS A O   1 
ATOM   524  C CB  . CYS A 1 78  ? 4.147   -15.041 8.559   1.00 40.40 ? 67   CYS A CB  1 
ATOM   525  S SG  . CYS A 1 78  ? 4.921   -14.008 7.304   1.00 45.47 ? 67   CYS A SG  1 
ATOM   526  N N   . GLY A 1 79  ? 2.544   -18.354 8.917   1.00 38.89 ? 68   GLY A N   1 
ATOM   527  C CA  . GLY A 1 79  ? 2.153   -19.279 9.966   1.00 39.29 ? 68   GLY A CA  1 
ATOM   528  C C   . GLY A 1 79  ? 0.889   -18.891 10.708  1.00 39.69 ? 68   GLY A C   1 
ATOM   529  O O   . GLY A 1 79  ? 0.439   -19.623 11.590  1.00 40.46 ? 68   GLY A O   1 
ATOM   530  N N   . HIS A 1 80  ? 0.311   -17.744 10.361  1.00 38.24 ? 69   HIS A N   1 
ATOM   531  C CA  . HIS A 1 80  ? -0.911  -17.289 11.015  1.00 36.95 ? 69   HIS A CA  1 
ATOM   532  C C   . HIS A 1 80  ? -2.126  -17.528 10.127  1.00 35.20 ? 69   HIS A C   1 
ATOM   533  O O   . HIS A 1 80  ? -2.140  -17.136 8.962   1.00 33.52 ? 69   HIS A O   1 
ATOM   534  C CB  . HIS A 1 80  ? -0.812  -15.803 11.351  1.00 37.89 ? 69   HIS A CB  1 
ATOM   535  C CG  . HIS A 1 80  ? 0.306   -15.470 12.288  1.00 40.04 ? 69   HIS A CG  1 
ATOM   536  N ND1 . HIS A 1 80  ? 1.630   -15.684 11.972  1.00 40.58 ? 69   HIS A ND1 1 
ATOM   537  C CD2 . HIS A 1 80  ? 0.296   -14.935 13.532  1.00 40.26 ? 69   HIS A CD2 1 
ATOM   538  C CE1 . HIS A 1 80  ? 2.390   -15.295 12.980  1.00 40.80 ? 69   HIS A CE1 1 
ATOM   539  N NE2 . HIS A 1 80  ? 1.605   -14.836 13.940  1.00 41.03 ? 69   HIS A NE2 1 
ATOM   540  N N   . LYS A 1 81  ? -3.144  -18.172 10.683  1.00 33.69 ? 70   LYS A N   1 
ATOM   541  C CA  . LYS A 1 81  ? -4.354  -18.448 9.927   1.00 32.70 ? 70   LYS A CA  1 
ATOM   542  C C   . LYS A 1 81  ? -5.301  -17.258 9.958   1.00 31.45 ? 70   LYS A C   1 
ATOM   543  O O   . LYS A 1 81  ? -5.570  -16.685 11.018  1.00 31.05 ? 70   LYS A O   1 
ATOM   544  C CB  . LYS A 1 81  ? -5.063  -19.686 10.479  1.00 34.19 ? 70   LYS A CB  1 
ATOM   545  C CG  . LYS A 1 81  ? -4.285  -20.977 10.292  1.00 36.52 ? 70   LYS A CG  1 
ATOM   546  C CD  . LYS A 1 81  ? -5.085  -22.176 10.779  1.00 39.34 ? 70   LYS A CD  1 
ATOM   547  C CE  . LYS A 1 81  ? -4.321  -23.478 10.572  1.00 40.80 ? 70   LYS A CE  1 
ATOM   548  N NZ  . LYS A 1 81  ? -3.021  -23.492 11.306  1.00 42.48 ? 70   LYS A NZ  1 
ATOM   549  N N   . ALA A 1 82  ? -5.796  -16.891 8.782   1.00 28.20 ? 71   ALA A N   1 
ATOM   550  C CA  . ALA A 1 82  ? -6.723  -15.779 8.641   1.00 26.94 ? 71   ALA A CA  1 
ATOM   551  C C   . ALA A 1 82  ? -7.815  -16.167 7.655   1.00 26.19 ? 71   ALA A C   1 
ATOM   552  O O   . ALA A 1 82  ? -7.580  -16.936 6.721   1.00 26.64 ? 71   ALA A O   1 
ATOM   553  C CB  . ALA A 1 82  ? -5.990  -14.542 8.146   1.00 26.47 ? 71   ALA A CB  1 
ATOM   554  N N   . ILE A 1 83  ? -9.009  -15.631 7.870   1.00 23.70 ? 72   ILE A N   1 
ATOM   555  C CA  . ILE A 1 83  ? -10.144 -15.918 7.006   1.00 22.78 ? 72   ILE A CA  1 
ATOM   556  C C   . ILE A 1 83  ? -10.723 -14.603 6.510   1.00 20.55 ? 72   ILE A C   1 
ATOM   557  O O   . ILE A 1 83  ? -10.828 -13.640 7.269   1.00 19.92 ? 72   ILE A O   1 
ATOM   558  C CB  . ILE A 1 83  ? -11.237 -16.697 7.770   1.00 24.88 ? 72   ILE A CB  1 
ATOM   559  C CG1 . ILE A 1 83  ? -10.660 -18.020 8.286   1.00 28.43 ? 72   ILE A CG1 1 
ATOM   560  C CG2 . ILE A 1 83  ? -12.425 -16.960 6.859   1.00 26.65 ? 72   ILE A CG2 1 
ATOM   561  C CD1 . ILE A 1 83  ? -11.616 -18.832 9.142   1.00 29.84 ? 72   ILE A CD1 1 
ATOM   562  N N   . GLY A 1 84  ? -11.087 -14.558 5.234   1.00 18.98 ? 73   GLY A N   1 
ATOM   563  C CA  . GLY A 1 84  ? -11.657 -13.344 4.688   1.00 18.30 ? 73   GLY A CA  1 
ATOM   564  C C   . GLY A 1 84  ? -11.896 -13.397 3.194   1.00 18.43 ? 73   GLY A C   1 
ATOM   565  O O   . GLY A 1 84  ? -11.734 -14.439 2.551   1.00 18.48 ? 73   GLY A O   1 
ATOM   566  N N   . THR A 1 85  ? -12.295 -12.257 2.645   1.00 18.37 ? 74   THR A N   1 
ATOM   567  C CA  . THR A 1 85  ? -12.556 -12.138 1.222   1.00 18.41 ? 74   THR A CA  1 
ATOM   568  C C   . THR A 1 85  ? -11.243 -12.031 0.462   1.00 18.04 ? 74   THR A C   1 
ATOM   569  O O   . THR A 1 85  ? -10.310 -11.341 0.887   1.00 16.62 ? 74   THR A O   1 
ATOM   570  C CB  . THR A 1 85  ? -13.411 -10.892 0.927   1.00 20.14 ? 74   THR A CB  1 
ATOM   571  O OG1 . THR A 1 85  ? -14.702 -11.057 1.523   1.00 21.36 ? 74   THR A OG1 1 
ATOM   572  C CG2 . THR A 1 85  ? -13.569 -10.682 -0.577  1.00 20.90 ? 74   THR A CG2 1 
ATOM   573  N N   . VAL A 1 86  ? -11.175 -12.727 -0.664  1.00 15.26 ? 75   VAL A N   1 
ATOM   574  C CA  . VAL A 1 86  ? -9.991  -12.713 -1.499  1.00 14.74 ? 75   VAL A CA  1 
ATOM   575  C C   . VAL A 1 86  ? -10.429 -12.404 -2.922  1.00 14.38 ? 75   VAL A C   1 
ATOM   576  O O   . VAL A 1 86  ? -11.384 -12.999 -3.428  1.00 15.87 ? 75   VAL A O   1 
ATOM   577  C CB  . VAL A 1 86  ? -9.267  -14.078 -1.447  1.00 16.63 ? 75   VAL A CB  1 
ATOM   578  C CG1 . VAL A 1 86  ? -8.138  -14.119 -2.461  1.00 18.76 ? 75   VAL A CG1 1 
ATOM   579  C CG2 . VAL A 1 86  ? -8.715  -14.307 -0.048  1.00 16.37 ? 75   VAL A CG2 1 
ATOM   580  N N   . LEU A 1 87  ? -9.746  -11.454 -3.551  1.00 12.93 ? 76   LEU A N   1 
ATOM   581  C CA  . LEU A 1 87  ? -10.054 -11.067 -4.921  1.00 13.54 ? 76   LEU A CA  1 
ATOM   582  C C   . LEU A 1 87  ? -8.999  -11.688 -5.828  1.00 13.28 ? 76   LEU A C   1 
ATOM   583  O O   . LEU A 1 87  ? -7.834  -11.816 -5.438  1.00 12.74 ? 76   LEU A O   1 
ATOM   584  C CB  . LEU A 1 87  ? -10.029 -9.541  -5.069  1.00 12.06 ? 76   LEU A CB  1 
ATOM   585  C CG  . LEU A 1 87  ? -10.880 -8.753  -4.060  1.00 12.12 ? 76   LEU A CG  1 
ATOM   586  C CD1 . LEU A 1 87  ? -10.700 -7.256  -4.305  1.00 12.01 ? 76   LEU A CD1 1 
ATOM   587  C CD2 . LEU A 1 87  ? -12.344 -9.149  -4.192  1.00 11.45 ? 76   LEU A CD2 1 
ATOM   588  N N   . VAL A 1 88  ? -9.415  -12.070 -7.033  1.00 14.62 ? 77   VAL A N   1 
ATOM   589  C CA  . VAL A 1 88  ? -8.521  -12.691 -8.009  1.00 15.29 ? 77   VAL A CA  1 
ATOM   590  C C   . VAL A 1 88  ? -8.633  -11.967 -9.344  1.00 15.60 ? 77   VAL A C   1 
ATOM   591  O O   . VAL A 1 88  ? -9.734  -11.787 -9.866  1.00 13.77 ? 77   VAL A O   1 
ATOM   592  C CB  . VAL A 1 88  ? -8.887  -14.176 -8.207  1.00 16.94 ? 77   VAL A CB  1 
ATOM   593  C CG1 . VAL A 1 88  ? -7.983  -14.809 -9.258  1.00 18.06 ? 77   VAL A CG1 1 
ATOM   594  C CG2 . VAL A 1 88  ? -8.776  -14.909 -6.883  1.00 17.00 ? 77   VAL A CG2 1 
ATOM   595  N N   . GLY A 1 89  ? -7.497  -11.552 -9.895  1.00 16.25 ? 78   GLY A N   1 
ATOM   596  C CA  . GLY A 1 89  ? -7.524  -10.840 -11.157 1.00 18.48 ? 78   GLY A CA  1 
ATOM   597  C C   . GLY A 1 89  ? -6.153  -10.482 -11.694 1.00 18.89 ? 78   GLY A C   1 
ATOM   598  O O   . GLY A 1 89  ? -5.142  -10.947 -11.172 1.00 20.40 ? 78   GLY A O   1 
ATOM   599  N N   . PRO A 1 90  ? -6.086  -9.638  -12.736 1.00 19.76 ? 79   PRO A N   1 
ATOM   600  C CA  . PRO A 1 90  ? -4.816  -9.230  -13.339 1.00 19.86 ? 79   PRO A CA  1 
ATOM   601  C C   . PRO A 1 90  ? -3.983  -8.233  -12.538 1.00 20.69 ? 79   PRO A C   1 
ATOM   602  O O   . PRO A 1 90  ? -3.626  -7.168  -13.044 1.00 20.34 ? 79   PRO A O   1 
ATOM   603  C CB  . PRO A 1 90  ? -5.252  -8.668  -14.686 1.00 20.38 ? 79   PRO A CB  1 
ATOM   604  C CG  . PRO A 1 90  ? -6.548  -8.012  -14.347 1.00 20.89 ? 79   PRO A CG  1 
ATOM   605  C CD  . PRO A 1 90  ? -7.223  -9.054  -13.471 1.00 20.96 ? 79   PRO A CD  1 
ATOM   606  N N   . THR A 1 91  ? -3.673  -8.570  -11.291 1.00 20.66 ? 80   THR A N   1 
ATOM   607  C CA  . THR A 1 91  ? -2.851  -7.689  -10.475 1.00 19.68 ? 80   THR A CA  1 
ATOM   608  C C   . THR A 1 91  ? -1.394  -8.026  -10.779 1.00 20.53 ? 80   THR A C   1 
ATOM   609  O O   . THR A 1 91  ? -1.044  -9.193  -10.947 1.00 17.85 ? 80   THR A O   1 
ATOM   610  C CB  . THR A 1 91  ? -3.123  -7.884  -8.968  1.00 20.19 ? 80   THR A CB  1 
ATOM   611  O OG1 . THR A 1 91  ? -2.224  -7.063  -8.210  1.00 19.43 ? 80   THR A OG1 1 
ATOM   612  C CG2 . THR A 1 91  ? -2.935  -9.342  -8.572  1.00 19.00 ? 80   THR A CG2 1 
ATOM   613  N N   . PRO A 1 92  ? -0.526  -7.005  -10.864 1.00 21.15 ? 81   PRO A N   1 
ATOM   614  C CA  . PRO A 1 92  ? 0.892   -7.231  -11.159 1.00 22.68 ? 81   PRO A CA  1 
ATOM   615  C C   . PRO A 1 92  ? 1.674   -7.944  -10.055 1.00 22.56 ? 81   PRO A C   1 
ATOM   616  O O   . PRO A 1 92  ? 2.748   -8.488  -10.302 1.00 22.74 ? 81   PRO A O   1 
ATOM   617  C CB  . PRO A 1 92  ? 1.410   -5.819  -11.432 1.00 23.81 ? 81   PRO A CB  1 
ATOM   618  C CG  . PRO A 1 92  ? 0.570   -4.982  -10.531 1.00 24.05 ? 81   PRO A CG  1 
ATOM   619  C CD  . PRO A 1 92  ? -0.813  -5.567  -10.727 1.00 22.99 ? 81   PRO A CD  1 
ATOM   620  N N   . VAL A 1 93  ? 1.133   -7.942  -8.842  1.00 21.10 ? 82   VAL A N   1 
ATOM   621  C CA  . VAL A 1 93  ? 1.783   -8.588  -7.707  1.00 20.47 ? 82   VAL A CA  1 
ATOM   622  C C   . VAL A 1 93  ? 0.717   -9.041  -6.710  1.00 19.69 ? 82   VAL A C   1 
ATOM   623  O O   . VAL A 1 93  ? -0.360  -8.449  -6.642  1.00 19.41 ? 82   VAL A O   1 
ATOM   624  C CB  . VAL A 1 93  ? 2.752   -7.610  -6.995  1.00 23.76 ? 82   VAL A CB  1 
ATOM   625  C CG1 . VAL A 1 93  ? 1.982   -6.428  -6.454  1.00 23.80 ? 82   VAL A CG1 1 
ATOM   626  C CG2 . VAL A 1 93  ? 3.485   -8.320  -5.872  1.00 23.91 ? 82   VAL A CG2 1 
ATOM   627  N N   . ASN A 1 94  ? 1.005   -10.098 -5.955  1.00 16.66 ? 83   ASN A N   1 
ATOM   628  C CA  . ASN A 1 94  ? 0.049   -10.583 -4.965  1.00 15.25 ? 83   ASN A CA  1 
ATOM   629  C C   . ASN A 1 94  ? 0.033   -9.587  -3.811  1.00 14.62 ? 83   ASN A C   1 
ATOM   630  O O   . ASN A 1 94  ? 1.085   -9.210  -3.290  1.00 14.50 ? 83   ASN A O   1 
ATOM   631  C CB  . ASN A 1 94  ? 0.435   -11.976 -4.466  1.00 15.45 ? 83   ASN A CB  1 
ATOM   632  C CG  . ASN A 1 94  ? 0.194   -13.057 -5.511  1.00 18.55 ? 83   ASN A CG  1 
ATOM   633  O OD1 . ASN A 1 94  ? -0.860  -13.096 -6.149  1.00 17.81 ? 83   ASN A OD1 1 
ATOM   634  N ND2 . ASN A 1 94  ? 1.164   -13.945 -5.677  1.00 17.37 ? 83   ASN A ND2 1 
ATOM   635  N N   . ILE A 1 95  ? -1.169  -9.179  -3.416  1.00 13.92 ? 84   ILE A N   1 
ATOM   636  C CA  . ILE A 1 95  ? -1.358  -8.189  -2.359  1.00 13.98 ? 84   ILE A CA  1 
ATOM   637  C C   . ILE A 1 95  ? -2.180  -8.650  -1.158  1.00 12.53 ? 84   ILE A C   1 
ATOM   638  O O   . ILE A 1 95  ? -3.308  -9.121  -1.309  1.00 13.09 ? 84   ILE A O   1 
ATOM   639  C CB  . ILE A 1 95  ? -2.054  -6.938  -2.944  1.00 15.26 ? 84   ILE A CB  1 
ATOM   640  C CG1 . ILE A 1 95  ? -1.166  -6.305  -4.013  1.00 14.35 ? 84   ILE A CG1 1 
ATOM   641  C CG2 . ILE A 1 95  ? -2.398  -5.943  -1.835  1.00 12.93 ? 84   ILE A CG2 1 
ATOM   642  C CD1 . ILE A 1 95  ? -1.916  -5.344  -4.907  1.00 20.09 ? 84   ILE A CD1 1 
ATOM   643  N N   . ILE A 1 96  ? -1.609  -8.512  0.034   1.00 11.32 ? 85   ILE A N   1 
ATOM   644  C CA  . ILE A 1 96  ? -2.320  -8.852  1.261   1.00 11.89 ? 85   ILE A CA  1 
ATOM   645  C C   . ILE A 1 96  ? -2.751  -7.499  1.823   1.00 12.32 ? 85   ILE A C   1 
ATOM   646  O O   . ILE A 1 96  ? -1.917  -6.717  2.288   1.00 12.92 ? 85   ILE A O   1 
ATOM   647  C CB  . ILE A 1 96  ? -1.415  -9.545  2.299   1.00 13.73 ? 85   ILE A CB  1 
ATOM   648  C CG1 . ILE A 1 96  ? -0.906  -10.882 1.753   1.00 14.37 ? 85   ILE A CG1 1 
ATOM   649  C CG2 . ILE A 1 96  ? -2.185  -9.744  3.595   1.00 15.09 ? 85   ILE A CG2 1 
ATOM   650  C CD1 . ILE A 1 96  ? -1.998  -11.834 1.325   1.00 17.93 ? 85   ILE A CD1 1 
ATOM   651  N N   . GLY A 1 97  ? -4.049  -7.230  1.772   1.00 10.51 ? 86   GLY A N   1 
ATOM   652  C CA  . GLY A 1 97  ? -4.564  -5.955  2.242   1.00 11.10 ? 86   GLY A CA  1 
ATOM   653  C C   . GLY A 1 97  ? -5.053  -5.915  3.678   1.00 8.64  ? 86   GLY A C   1 
ATOM   654  O O   . GLY A 1 97  ? -4.947  -6.892  4.412   1.00 9.30  ? 86   GLY A O   1 
ATOM   655  N N   . ARG A 1 98  ? -5.608  -4.770  4.061   1.00 10.07 ? 87   ARG A N   1 
ATOM   656  C CA  . ARG A 1 98  ? -6.092  -4.551  5.419   1.00 10.68 ? 87   ARG A CA  1 
ATOM   657  C C   . ARG A 1 98  ? -7.104  -5.560  5.953   1.00 11.86 ? 87   ARG A C   1 
ATOM   658  O O   . ARG A 1 98  ? -7.086  -5.868  7.146   1.00 13.55 ? 87   ARG A O   1 
ATOM   659  C CB  . ARG A 1 98  ? -6.678  -3.134  5.552   1.00 10.98 ? 87   ARG A CB  1 
ATOM   660  C CG  . ARG A 1 98  ? -5.644  -2.016  5.385   1.00 11.33 ? 87   ARG A CG  1 
ATOM   661  C CD  . ARG A 1 98  ? -6.170  -0.643  5.851   1.00 11.01 ? 87   ARG A CD  1 
ATOM   662  N NE  . ARG A 1 98  ? -7.321  -0.197  5.069   1.00 11.95 ? 87   ARG A NE  1 
ATOM   663  C CZ  . ARG A 1 98  ? -8.586  -0.290  5.464   1.00 13.02 ? 87   ARG A CZ  1 
ATOM   664  N NH1 . ARG A 1 98  ? -8.881  -0.806  6.652   1.00 13.97 ? 87   ARG A NH1 1 
ATOM   665  N NH2 . ARG A 1 98  ? -9.562  0.112   4.658   1.00 11.12 ? 87   ARG A NH2 1 
ATOM   666  N N   . ASN A 1 99  ? -7.982  -6.069  5.094   1.00 10.04 ? 88   ASN A N   1 
ATOM   667  C CA  . ASN A 1 99  ? -9.000  -7.017  5.547   1.00 11.65 ? 88   ASN A CA  1 
ATOM   668  C C   . ASN A 1 99  ? -8.397  -8.273  6.169   1.00 12.29 ? 88   ASN A C   1 
ATOM   669  O O   . ASN A 1 99  ? -9.037  -8.924  6.993   1.00 14.31 ? 88   ASN A O   1 
ATOM   670  C CB  . ASN A 1 99  ? -9.948  -7.396  4.398   1.00 13.39 ? 88   ASN A CB  1 
ATOM   671  C CG  . ASN A 1 99  ? -9.300  -8.320  3.381   1.00 16.15 ? 88   ASN A CG  1 
ATOM   672  O OD1 . ASN A 1 99  ? -8.248  -8.007  2.823   1.00 15.52 ? 88   ASN A OD1 1 
ATOM   673  N ND2 . ASN A 1 99  ? -9.935  -9.465  3.130   1.00 15.15 ? 88   ASN A ND2 1 
ATOM   674  N N   . LEU A 1 100 ? -7.169  -8.615  5.785   1.00 9.70  ? 89   LEU A N   1 
ATOM   675  C CA  . LEU A 1 100 ? -6.509  -9.787  6.349   1.00 10.57 ? 89   LEU A CA  1 
ATOM   676  C C   . LEU A 1 100 ? -5.386  -9.398  7.307   1.00 11.23 ? 89   LEU A C   1 
ATOM   677  O O   . LEU A 1 100 ? -5.077  -10.146 8.236   1.00 12.92 ? 89   LEU A O   1 
ATOM   678  C CB  . LEU A 1 100 ? -5.959  -10.692 5.235   1.00 12.08 ? 89   LEU A CB  1 
ATOM   679  C CG  . LEU A 1 100 ? -7.037  -11.343 4.364   1.00 14.54 ? 89   LEU A CG  1 
ATOM   680  C CD1 . LEU A 1 100 ? -6.377  -12.210 3.295   1.00 18.00 ? 89   LEU A CD1 1 
ATOM   681  C CD2 . LEU A 1 100 ? -7.966  -12.183 5.242   1.00 15.05 ? 89   LEU A CD2 1 
ATOM   682  N N   . LEU A 1 101 ? -4.769  -8.239  7.084   1.00 10.37 ? 90   LEU A N   1 
ATOM   683  C CA  . LEU A 1 101 ? -3.697  -7.783  7.969   1.00 10.13 ? 90   LEU A CA  1 
ATOM   684  C C   . LEU A 1 101 ? -4.211  -7.603  9.399   1.00 11.06 ? 90   LEU A C   1 
ATOM   685  O O   . LEU A 1 101 ? -3.487  -7.867  10.363  1.00 11.56 ? 90   LEU A O   1 
ATOM   686  C CB  . LEU A 1 101 ? -3.104  -6.462  7.460   1.00 12.95 ? 90   LEU A CB  1 
ATOM   687  C CG  . LEU A 1 101 ? -2.244  -6.589  6.196   1.00 12.44 ? 90   LEU A CG  1 
ATOM   688  C CD1 . LEU A 1 101 ? -1.791  -5.219  5.705   1.00 14.12 ? 90   LEU A CD1 1 
ATOM   689  C CD2 . LEU A 1 101 ? -1.048  -7.476  6.517   1.00 14.41 ? 90   LEU A CD2 1 
ATOM   690  N N   . THR A 1 102 ? -5.460  -7.165  9.531   1.00 10.68 ? 91   THR A N   1 
ATOM   691  C CA  . THR A 1 102 ? -6.056  -6.964  10.851  1.00 12.99 ? 91   THR A CA  1 
ATOM   692  C C   . THR A 1 102 ? -6.194  -8.290  11.594  1.00 13.17 ? 91   THR A C   1 
ATOM   693  O O   . THR A 1 102 ? -5.980  -8.359  12.804  1.00 12.45 ? 91   THR A O   1 
ATOM   694  C CB  . THR A 1 102 ? -7.474  -6.331  10.767  1.00 13.36 ? 91   THR A CB  1 
ATOM   695  O OG1 . THR A 1 102 ? -8.323  -7.147  9.947   1.00 12.64 ? 91   THR A OG1 1 
ATOM   696  C CG2 . THR A 1 102 ? -7.406  -4.916  10.191  1.00 13.37 ? 91   THR A CG2 1 
ATOM   697  N N   . GLN A 1 103 ? -6.548  -9.338  10.859  1.00 12.36 ? 92   GLN A N   1 
ATOM   698  C CA  . GLN A 1 103 ? -6.746  -10.659 11.447  1.00 13.72 ? 92   GLN A CA  1 
ATOM   699  C C   . GLN A 1 103 ? -5.495  -11.288 12.049  1.00 16.43 ? 92   GLN A C   1 
ATOM   700  O O   . GLN A 1 103 ? -5.593  -12.121 12.949  1.00 16.76 ? 92   GLN A O   1 
ATOM   701  C CB  . GLN A 1 103 ? -7.354  -11.602 10.405  1.00 14.25 ? 92   GLN A CB  1 
ATOM   702  C CG  . GLN A 1 103 ? -8.681  -11.109 9.850   1.00 11.26 ? 92   GLN A CG  1 
ATOM   703  C CD  . GLN A 1 103 ? -9.715  -10.860 10.944  1.00 15.84 ? 92   GLN A CD  1 
ATOM   704  O OE1 . GLN A 1 103 ? -9.952  -9.717  11.356  1.00 16.76 ? 92   GLN A OE1 1 
ATOM   705  N NE2 . GLN A 1 103 ? -10.324 -11.935 11.427  1.00 11.83 ? 92   GLN A NE2 1 
ATOM   706  N N   . ILE A 1 104 ? -4.321  -10.904 11.559  1.00 17.28 ? 93   ILE A N   1 
ATOM   707  C CA  . ILE A 1 104 ? -3.094  -11.458 12.109  1.00 17.64 ? 93   ILE A CA  1 
ATOM   708  C C   . ILE A 1 104 ? -2.501  -10.505 13.139  1.00 18.48 ? 93   ILE A C   1 
ATOM   709  O O   . ILE A 1 104 ? -1.433  -10.760 13.690  1.00 20.25 ? 93   ILE A O   1 
ATOM   710  C CB  . ILE A 1 104 ? -2.052  -11.766 11.001  1.00 18.63 ? 93   ILE A CB  1 
ATOM   711  C CG1 . ILE A 1 104 ? -1.624  -10.486 10.290  1.00 18.21 ? 93   ILE A CG1 1 
ATOM   712  C CG2 . ILE A 1 104 ? -2.646  -12.744 9.993   1.00 19.91 ? 93   ILE A CG2 1 
ATOM   713  C CD1 . ILE A 1 104 ? -0.477  -10.708 9.316   1.00 20.40 ? 93   ILE A CD1 1 
ATOM   714  N N   . GLY A 1 105 ? -3.218  -9.414  13.402  1.00 19.33 ? 94   GLY A N   1 
ATOM   715  C CA  . GLY A 1 105 ? -2.783  -8.433  14.382  1.00 19.73 ? 94   GLY A CA  1 
ATOM   716  C C   . GLY A 1 105 ? -1.620  -7.567  13.940  1.00 21.42 ? 94   GLY A C   1 
ATOM   717  O O   . GLY A 1 105 ? -0.770  -7.190  14.747  1.00 20.97 ? 94   GLY A O   1 
ATOM   718  N N   . CYS A 1 106 ? -1.585  -7.237  12.656  1.00 20.23 ? 95   CYS A N   1 
ATOM   719  C CA  . CYS A 1 106 ? -0.506  -6.419  12.126  1.00 20.63 ? 95   CYS A CA  1 
ATOM   720  C C   . CYS A 1 106 ? -0.742  -4.934  12.385  1.00 19.20 ? 95   CYS A C   1 
ATOM   721  O O   . CYS A 1 106 ? -1.838  -4.420  12.159  1.00 18.87 ? 95   CYS A O   1 
ATOM   722  C CB  . CYS A 1 106 ? -0.365  -6.668  10.622  1.00 22.95 ? 95   CYS A CB  1 
ATOM   723  S SG  . CYS A 1 106 ? 1.016   -5.812  9.848   1.00 26.61 ? 95   CYS A SG  1 
ATOM   724  N N   . THR A 1 107 ? 0.286   -4.248  12.877  1.00 18.16 ? 96   THR A N   1 
ATOM   725  C CA  . THR A 1 107 ? 0.179   -2.817  13.130  1.00 17.16 ? 96   THR A CA  1 
ATOM   726  C C   . THR A 1 107 ? 1.374   -2.068  12.546  1.00 18.48 ? 96   THR A C   1 
ATOM   727  O O   . THR A 1 107 ? 2.413   -2.661  12.243  1.00 19.11 ? 96   THR A O   1 
ATOM   728  C CB  . THR A 1 107 ? 0.108   -2.492  14.642  1.00 18.84 ? 96   THR A CB  1 
ATOM   729  O OG1 . THR A 1 107 ? 1.299   -2.954  15.290  1.00 18.75 ? 96   THR A OG1 1 
ATOM   730  C CG2 . THR A 1 107 ? -1.113  -3.149  15.276  1.00 19.73 ? 96   THR A CG2 1 
ATOM   731  N N   . LEU A 1 108 ? 1.198   -0.760  12.390  1.00 16.90 ? 97   LEU A N   1 
ATOM   732  C CA  . LEU A 1 108 ? 2.221   0.136   11.873  1.00 19.44 ? 97   LEU A CA  1 
ATOM   733  C C   . LEU A 1 108 ? 2.761   0.849   13.114  1.00 18.76 ? 97   LEU A C   1 
ATOM   734  O O   . LEU A 1 108 ? 1.977   1.346   13.926  1.00 16.88 ? 97   LEU A O   1 
ATOM   735  C CB  . LEU A 1 108 ? 1.562   1.138   10.921  1.00 23.25 ? 97   LEU A CB  1 
ATOM   736  C CG  . LEU A 1 108 ? 2.268   1.602   9.649   1.00 28.07 ? 97   LEU A CG  1 
ATOM   737  C CD1 . LEU A 1 108 ? 2.962   0.438   8.952   1.00 28.09 ? 97   LEU A CD1 1 
ATOM   738  C CD2 . LEU A 1 108 ? 1.229   2.237   8.734   1.00 27.44 ? 97   LEU A CD2 1 
ATOM   739  N N   . ASN A 1 109 ? 4.081   0.898   13.271  1.00 20.15 ? 98   ASN A N   1 
ATOM   740  C CA  . ASN A 1 109 ? 4.668   1.544   14.444  1.00 21.93 ? 98   ASN A CA  1 
ATOM   741  C C   . ASN A 1 109 ? 5.869   2.439   14.161  1.00 22.34 ? 98   ASN A C   1 
ATOM   742  O O   . ASN A 1 109 ? 6.736   2.096   13.358  1.00 21.21 ? 98   ASN A O   1 
ATOM   743  C CB  . ASN A 1 109 ? 5.099   0.491   15.466  1.00 24.50 ? 98   ASN A CB  1 
ATOM   744  C CG  . ASN A 1 109 ? 3.970   -0.425  15.875  1.00 26.43 ? 98   ASN A CG  1 
ATOM   745  O OD1 . ASN A 1 109 ? 3.550   -1.298  15.113  1.00 29.76 ? 98   ASN A OD1 1 
ATOM   746  N ND2 . ASN A 1 109 ? 3.462   -0.225  17.084  1.00 27.62 ? 98   ASN A ND2 1 
ATOM   747  N N   . PHE A 1 110 ? 5.912   3.582   14.843  1.00 23.34 ? 99   PHE A N   1 
ATOM   748  C CA  . PHE A 1 110 ? 7.016   4.530   14.721  1.00 25.54 ? 99   PHE A CA  1 
ATOM   749  C C   . PHE A 1 110 ? 7.008   5.523   15.880  1.00 27.86 ? 99   PHE A C   1 
ATOM   750  O O   . PHE A 1 110 ? 7.821   6.471   15.853  1.00 28.89 ? 99   PHE A O   1 
ATOM   751  C CB  . PHE A 1 110 ? 6.958   5.285   13.385  1.00 26.07 ? 99   PHE A CB  1 
ATOM   752  C CG  . PHE A 1 110 ? 5.719   6.120   13.196  1.00 28.07 ? 99   PHE A CG  1 
ATOM   753  C CD1 . PHE A 1 110 ? 4.509   5.531   12.845  1.00 28.31 ? 99   PHE A CD1 1 
ATOM   754  C CD2 . PHE A 1 110 ? 5.771   7.502   13.346  1.00 28.57 ? 99   PHE A CD2 1 
ATOM   755  C CE1 . PHE A 1 110 ? 3.367   6.307   12.644  1.00 28.34 ? 99   PHE A CE1 1 
ATOM   756  C CE2 . PHE A 1 110 ? 4.635   8.287   13.148  1.00 30.24 ? 99   PHE A CE2 1 
ATOM   757  C CZ  . PHE A 1 110 ? 3.430   7.687   12.795  1.00 29.98 ? 99   PHE A CZ  1 
ATOM   758  O OXT . PHE A 1 110 ? 6.195   5.333   16.811  1.00 27.91 ? 99   PHE A OXT 1 
ATOM   759  N N   . PRO B 1 12  ? 3.917   6.210   17.685  1.00 34.11 ? 1    PRO B N   1 
ATOM   760  C CA  . PRO B 1 12  ? 2.561   5.682   17.952  1.00 33.36 ? 1    PRO B CA  1 
ATOM   761  C C   . PRO B 1 12  ? 2.346   4.340   17.263  1.00 32.47 ? 1    PRO B C   1 
ATOM   762  O O   . PRO B 1 12  ? 3.112   3.954   16.381  1.00 31.23 ? 1    PRO B O   1 
ATOM   763  C CB  . PRO B 1 12  ? 1.578   6.713   17.423  1.00 33.45 ? 1    PRO B CB  1 
ATOM   764  C CG  . PRO B 1 12  ? 2.386   7.335   16.292  1.00 34.29 ? 1    PRO B CG  1 
ATOM   765  C CD  . PRO B 1 12  ? 3.819   7.428   16.857  1.00 35.30 ? 1    PRO B CD  1 
ATOM   766  N N   . GLN B 1 13  ? 1.304   3.629   17.685  1.00 31.62 ? 2    GLN B N   1 
ATOM   767  C CA  . GLN B 1 13  ? 0.960   2.335   17.107  1.00 29.76 ? 2    GLN B CA  1 
ATOM   768  C C   . GLN B 1 13  ? -0.356  2.513   16.367  1.00 27.96 ? 2    GLN B C   1 
ATOM   769  O O   . GLN B 1 13  ? -1.337  2.997   16.936  1.00 27.85 ? 2    GLN B O   1 
ATOM   770  C CB  . GLN B 1 13  ? 0.814   1.280   18.202  1.00 32.71 ? 2    GLN B CB  1 
ATOM   771  C CG  . GLN B 1 13  ? 0.287   -0.051  17.701  1.00 36.47 ? 2    GLN B CG  1 
ATOM   772  C CD  . GLN B 1 13  ? 0.345   -1.132  18.757  1.00 39.50 ? 2    GLN B CD  1 
ATOM   773  O OE1 . GLN B 1 13  ? 1.426   -1.545  19.180  1.00 41.24 ? 2    GLN B OE1 1 
ATOM   774  N NE2 . GLN B 1 13  ? -0.820  -1.595  19.193  1.00 41.02 ? 2    GLN B NE2 1 
ATOM   775  N N   . ILE B 1 14  ? -0.374  2.124   15.097  1.00 24.24 ? 3    ILE B N   1 
ATOM   776  C CA  . ILE B 1 14  ? -1.561  2.279   14.268  1.00 21.50 ? 3    ILE B CA  1 
ATOM   777  C C   . ILE B 1 14  ? -2.123  0.945   13.783  1.00 20.23 ? 3    ILE B C   1 
ATOM   778  O O   . ILE B 1 14  ? -1.421  0.155   13.147  1.00 17.29 ? 3    ILE B O   1 
ATOM   779  C CB  . ILE B 1 14  ? -1.237  3.172   13.047  1.00 21.87 ? 3    ILE B CB  1 
ATOM   780  C CG1 . ILE B 1 14  ? -0.742  4.538   13.535  1.00 23.23 ? 3    ILE B CG1 1 
ATOM   781  C CG2 . ILE B 1 14  ? -2.464  3.317   12.148  1.00 23.45 ? 3    ILE B CG2 1 
ATOM   782  C CD1 . ILE B 1 14  ? -0.224  5.432   12.439  1.00 23.74 ? 3    ILE B CD1 1 
ATOM   783  N N   . THR B 1 15  ? -3.390  0.696   14.104  1.00 18.07 ? 4    THR B N   1 
ATOM   784  C CA  . THR B 1 15  ? -4.058  -0.531  13.684  1.00 17.15 ? 4    THR B CA  1 
ATOM   785  C C   . THR B 1 15  ? -4.609  -0.296  12.279  1.00 13.58 ? 4    THR B C   1 
ATOM   786  O O   . THR B 1 15  ? -4.643  0.840   11.806  1.00 15.73 ? 4    THR B O   1 
ATOM   787  C CB  . THR B 1 15  ? -5.199  -0.909  14.653  1.00 17.40 ? 4    THR B CB  1 
ATOM   788  O OG1 . THR B 1 15  ? -6.117  0.183   14.762  1.00 20.92 ? 4    THR B OG1 1 
ATOM   789  C CG2 . THR B 1 15  ? -4.633  -1.224  16.038  1.00 19.76 ? 4    THR B CG2 1 
ATOM   790  N N   . LEU B 1 16  ? -5.054  -1.357  11.616  1.00 12.21 ? 5    LEU B N   1 
ATOM   791  C CA  . LEU B 1 16  ? -5.531  -1.235  10.247  1.00 10.61 ? 5    LEU B CA  1 
ATOM   792  C C   . LEU B 1 16  ? -7.014  -1.524  10.007  1.00 12.21 ? 5    LEU B C   1 
ATOM   793  O O   . LEU B 1 16  ? -7.416  -1.888  8.900   1.00 13.10 ? 5    LEU B O   1 
ATOM   794  C CB  . LEU B 1 16  ? -4.658  -2.127  9.362   1.00 10.29 ? 5    LEU B CB  1 
ATOM   795  C CG  . LEU B 1 16  ? -3.165  -1.785  9.480   1.00 13.25 ? 5    LEU B CG  1 
ATOM   796  C CD1 . LEU B 1 16  ? -2.307  -2.880  8.845   1.00 12.38 ? 5    LEU B CD1 1 
ATOM   797  C CD2 . LEU B 1 16  ? -2.909  -0.431  8.815   1.00 12.85 ? 5    LEU B CD2 1 
ATOM   798  N N   . TRP B 1 17  ? -7.836  -1.351  11.034  1.00 13.36 ? 6    TRP B N   1 
ATOM   799  C CA  . TRP B 1 17  ? -9.267  -1.589  10.878  1.00 14.40 ? 6    TRP B CA  1 
ATOM   800  C C   . TRP B 1 17  ? -9.846  -0.529  9.940   1.00 15.31 ? 6    TRP B C   1 
ATOM   801  O O   . TRP B 1 17  ? -10.856 -0.754  9.278   1.00 15.21 ? 6    TRP B O   1 
ATOM   802  C CB  . TRP B 1 17  ? -9.953  -1.556  12.245  1.00 14.70 ? 6    TRP B CB  1 
ATOM   803  C CG  . TRP B 1 17  ? -9.366  -2.573  13.169  1.00 15.07 ? 6    TRP B CG  1 
ATOM   804  C CD1 . TRP B 1 17  ? -8.408  -2.363  14.120  1.00 14.72 ? 6    TRP B CD1 1 
ATOM   805  C CD2 . TRP B 1 17  ? -9.629  -3.983  13.167  1.00 16.48 ? 6    TRP B CD2 1 
ATOM   806  N NE1 . TRP B 1 17  ? -8.057  -3.557  14.710  1.00 17.30 ? 6    TRP B NE1 1 
ATOM   807  C CE2 . TRP B 1 17  ? -8.791  -4.566  14.143  1.00 15.89 ? 6    TRP B CE2 1 
ATOM   808  C CE3 . TRP B 1 17  ? -10.494 -4.810  12.433  1.00 15.86 ? 6    TRP B CE3 1 
ATOM   809  C CZ2 . TRP B 1 17  ? -8.790  -5.941  14.407  1.00 16.01 ? 6    TRP B CZ2 1 
ATOM   810  C CZ3 . TRP B 1 17  ? -10.491 -6.177  12.696  1.00 13.53 ? 6    TRP B CZ3 1 
ATOM   811  C CH2 . TRP B 1 17  ? -9.644  -6.727  13.675  1.00 15.85 ? 6    TRP B CH2 1 
ATOM   812  N N   . GLN B 1 18  ? -9.183  0.622   9.887   1.00 14.12 ? 7    GLN B N   1 
ATOM   813  C CA  . GLN B 1 18  ? -9.579  1.718   9.006   1.00 15.26 ? 7    GLN B CA  1 
ATOM   814  C C   . GLN B 1 18  ? -8.309  2.120   8.251   1.00 13.83 ? 7    GLN B C   1 
ATOM   815  O O   . GLN B 1 18  ? -7.216  1.675   8.599   1.00 10.65 ? 7    GLN B O   1 
ATOM   816  C CB  . GLN B 1 18  ? -10.107 2.906   9.823   1.00 21.23 ? 7    GLN B CB  1 
ATOM   817  C CG  . GLN B 1 18  ? -9.050  3.628   10.640  1.00 29.26 ? 7    GLN B CG  1 
ATOM   818  C CD  . GLN B 1 18  ? -9.641  4.663   11.589  1.00 34.84 ? 7    GLN B CD  1 
ATOM   819  O OE1 . GLN B 1 18  ? -10.457 5.497   11.193  1.00 37.84 ? 7    GLN B OE1 1 
ATOM   820  N NE2 . GLN B 1 18  ? -9.217  4.617   12.848  1.00 37.71 ? 7    GLN B NE2 1 
ATOM   821  N N   . ARG B 1 19  ? -8.444  2.932   7.208   1.00 12.80 ? 8    ARG B N   1 
ATOM   822  C CA  . ARG B 1 19  ? -7.269  3.365   6.454   1.00 12.85 ? 8    ARG B CA  1 
ATOM   823  C C   . ARG B 1 19  ? -6.307  4.132   7.358   1.00 12.24 ? 8    ARG B C   1 
ATOM   824  O O   . ARG B 1 19  ? -6.728  4.986   8.137   1.00 12.55 ? 8    ARG B O   1 
ATOM   825  C CB  . ARG B 1 19  ? -7.679  4.257   5.280   1.00 12.97 ? 8    ARG B CB  1 
ATOM   826  C CG  . ARG B 1 19  ? -8.323  3.507   4.136   1.00 15.45 ? 8    ARG B CG  1 
ATOM   827  C CD  . ARG B 1 19  ? -8.584  4.422   2.951   1.00 18.12 ? 8    ARG B CD  1 
ATOM   828  N NE  . ARG B 1 19  ? -9.091  3.677   1.808   1.00 18.41 ? 8    ARG B NE  1 
ATOM   829  C CZ  . ARG B 1 19  ? -9.487  4.233   0.669   1.00 23.49 ? 8    ARG B CZ  1 
ATOM   830  N NH1 . ARG B 1 19  ? -9.437  5.553   0.520   1.00 21.71 ? 8    ARG B NH1 1 
ATOM   831  N NH2 . ARG B 1 19  ? -9.923  3.468   -0.325  1.00 22.60 ? 8    ARG B NH2 1 
ATOM   832  N N   . PRO B 1 20  ? -4.999  3.834   7.267   1.00 10.85 ? 9    PRO B N   1 
ATOM   833  C CA  . PRO B 1 20  ? -4.016  4.530   8.105   1.00 11.86 ? 9    PRO B CA  1 
ATOM   834  C C   . PRO B 1 20  ? -3.713  5.938   7.599   1.00 12.86 ? 9    PRO B C   1 
ATOM   835  O O   . PRO B 1 20  ? -2.641  6.189   7.061   1.00 11.07 ? 9    PRO B O   1 
ATOM   836  C CB  . PRO B 1 20  ? -2.795  3.613   8.042   1.00 12.66 ? 9    PRO B CB  1 
ATOM   837  C CG  . PRO B 1 20  ? -2.882  3.033   6.657   1.00 9.14  ? 9    PRO B CG  1 
ATOM   838  C CD  . PRO B 1 20  ? -4.370  2.719   6.531   1.00 12.10 ? 9    PRO B CD  1 
ATOM   839  N N   . LEU B 1 21  ? -4.670  6.843   7.781   1.00 12.93 ? 10   LEU B N   1 
ATOM   840  C CA  . LEU B 1 21  ? -4.520  8.229   7.359   1.00 15.73 ? 10   LEU B CA  1 
ATOM   841  C C   . LEU B 1 21  ? -3.916  9.071   8.476   1.00 17.69 ? 10   LEU B C   1 
ATOM   842  O O   . LEU B 1 21  ? -4.243  8.887   9.650   1.00 18.33 ? 10   LEU B O   1 
ATOM   843  C CB  . LEU B 1 21  ? -5.882  8.815   6.978   1.00 18.71 ? 10   LEU B CB  1 
ATOM   844  C CG  . LEU B 1 21  ? -6.651  8.108   5.866   1.00 21.55 ? 10   LEU B CG  1 
ATOM   845  C CD1 . LEU B 1 21  ? -8.038  8.726   5.727   1.00 24.68 ? 10   LEU B CD1 1 
ATOM   846  C CD2 . LEU B 1 21  ? -5.878  8.215   4.564   1.00 23.38 ? 10   LEU B CD2 1 
ATOM   847  N N   . VAL B 1 22  ? -3.021  9.983   8.111   1.00 16.60 ? 11   VAL B N   1 
ATOM   848  C CA  . VAL B 1 22  ? -2.392  10.870  9.081   1.00 14.81 ? 11   VAL B CA  1 
ATOM   849  C C   . VAL B 1 22  ? -2.325  12.257  8.468   1.00 15.89 ? 11   VAL B C   1 
ATOM   850  O O   . VAL B 1 22  ? -2.604  12.433  7.283   1.00 15.93 ? 11   VAL B O   1 
ATOM   851  C CB  . VAL B 1 22  ? -0.945  10.428  9.446   1.00 15.77 ? 11   VAL B CB  1 
ATOM   852  C CG1 . VAL B 1 22  ? -0.960  9.041   10.067  1.00 18.13 ? 11   VAL B CG1 1 
ATOM   853  C CG2 . VAL B 1 22  ? -0.058  10.456  8.215   1.00 14.60 ? 11   VAL B CG2 1 
ATOM   854  N N   . THR B 1 23  ? -1.978  13.245  9.280   1.00 15.23 ? 12   THR B N   1 
ATOM   855  C CA  . THR B 1 23  ? -1.857  14.606  8.786   1.00 16.68 ? 12   THR B CA  1 
ATOM   856  C C   . THR B 1 23  ? -0.392  14.878  8.487   1.00 15.34 ? 12   THR B C   1 
ATOM   857  O O   . THR B 1 23  ? 0.484   14.514  9.273   1.00 16.50 ? 12   THR B O   1 
ATOM   858  C CB  . THR B 1 23  ? -2.343  15.639  9.834   1.00 18.87 ? 12   THR B CB  1 
ATOM   859  O OG1 . THR B 1 23  ? -3.750  15.478  10.048  1.00 21.14 ? 12   THR B OG1 1 
ATOM   860  C CG2 . THR B 1 23  ? -2.069  17.050  9.351   1.00 19.52 ? 12   THR B CG2 1 
ATOM   861  N N   . ILE B 1 24  ? -0.125  15.494  7.341   1.00 14.64 ? 13   ILE B N   1 
ATOM   862  C CA  . ILE B 1 24  ? 1.242   15.845  6.976   1.00 14.92 ? 13   ILE B CA  1 
ATOM   863  C C   . ILE B 1 24  ? 1.253   17.351  6.738   1.00 15.29 ? 13   ILE B C   1 
ATOM   864  O O   . ILE B 1 24  ? 0.212   17.949  6.488   1.00 15.56 ? 13   ILE B O   1 
ATOM   865  C CB  . ILE B 1 24  ? 1.711   15.137  5.673   1.00 15.37 ? 13   ILE B CB  1 
ATOM   866  C CG1 . ILE B 1 24  ? 0.800   15.522  4.504   1.00 17.28 ? 13   ILE B CG1 1 
ATOM   867  C CG2 . ILE B 1 24  ? 1.709   13.630  5.870   1.00 15.25 ? 13   ILE B CG2 1 
ATOM   868  C CD1 . ILE B 1 24  ? 1.305   15.059  3.142   1.00 18.40 ? 13   ILE B CD1 1 
ATOM   869  N N   . LYS B 1 25  ? 2.427   17.960  6.827   1.00 14.04 ? 14   LYS B N   1 
ATOM   870  C CA  . LYS B 1 25  ? 2.548   19.388  6.593   1.00 15.63 ? 14   LYS B CA  1 
ATOM   871  C C   . LYS B 1 25  ? 3.600   19.587  5.507   1.00 15.22 ? 14   LYS B C   1 
ATOM   872  O O   . LYS B 1 25  ? 4.738   19.138  5.639   1.00 15.64 ? 14   LYS B O   1 
ATOM   873  C CB  . LYS B 1 25  ? 2.966   20.101  7.887   1.00 16.72 ? 14   LYS B CB  1 
ATOM   874  C CG  . LYS B 1 25  ? 3.025   21.617  7.782   1.00 20.53 ? 14   LYS B CG  1 
ATOM   875  C CD  . LYS B 1 25  ? 3.404   22.232  9.128   1.00 21.95 ? 14   LYS B CD  1 
ATOM   876  C CE  . LYS B 1 25  ? 3.520   23.738  9.040   1.00 26.19 ? 14   LYS B CE  1 
ATOM   877  N NZ  . LYS B 1 25  ? 3.886   24.326  10.365  1.00 24.87 ? 14   LYS B NZ  1 
ATOM   878  N N   . ILE B 1 26  ? 3.208   20.237  4.421   1.00 15.28 ? 15   ILE B N   1 
ATOM   879  C CA  . ILE B 1 26  ? 4.126   20.483  3.323   1.00 18.10 ? 15   ILE B CA  1 
ATOM   880  C C   . ILE B 1 26  ? 3.792   21.833  2.710   1.00 20.21 ? 15   ILE B C   1 
ATOM   881  O O   . ILE B 1 26  ? 2.629   22.133  2.429   1.00 21.07 ? 15   ILE B O   1 
ATOM   882  C CB  . ILE B 1 26  ? 4.032   19.353  2.250   1.00 19.41 ? 15   ILE B CB  1 
ATOM   883  C CG1 . ILE B 1 26  ? 5.040   19.603  1.127   1.00 19.85 ? 15   ILE B CG1 1 
ATOM   884  C CG2 . ILE B 1 26  ? 2.621   19.258  1.702   1.00 19.05 ? 15   ILE B CG2 1 
ATOM   885  C CD1 . ILE B 1 26  ? 5.138   18.452  0.133   1.00 22.98 ? 15   ILE B CD1 1 
ATOM   886  N N   . GLY B 1 27  ? 4.818   22.653  2.518   1.00 22.41 ? 16   GLY B N   1 
ATOM   887  C CA  . GLY B 1 27  ? 4.607   23.972  1.958   1.00 24.68 ? 16   GLY B CA  1 
ATOM   888  C C   . GLY B 1 27  ? 3.690   24.792  2.843   1.00 25.48 ? 16   GLY B C   1 
ATOM   889  O O   . GLY B 1 27  ? 2.844   25.536  2.352   1.00 26.66 ? 16   GLY B O   1 
ATOM   890  N N   . GLY B 1 28  ? 3.850   24.643  4.155   1.00 26.43 ? 17   GLY B N   1 
ATOM   891  C CA  . GLY B 1 28  ? 3.027   25.382  5.098   1.00 26.09 ? 17   GLY B CA  1 
ATOM   892  C C   . GLY B 1 28  ? 1.556   24.990  5.124   1.00 26.90 ? 17   GLY B C   1 
ATOM   893  O O   . GLY B 1 28  ? 0.758   25.628  5.814   1.00 26.83 ? 17   GLY B O   1 
ATOM   894  N N   . GLN B 1 29  ? 1.192   23.944  4.387   1.00 25.20 ? 18   GLN B N   1 
ATOM   895  C CA  . GLN B 1 29  ? -0.197  23.492  4.335   1.00 24.66 ? 18   GLN B CA  1 
ATOM   896  C C   . GLN B 1 29  ? -0.398  22.110  4.949   1.00 22.24 ? 18   GLN B C   1 
ATOM   897  O O   . GLN B 1 29  ? 0.464   21.243  4.829   1.00 19.67 ? 18   GLN B O   1 
ATOM   898  C CB  . GLN B 1 29  ? -0.690  23.430  2.888   1.00 28.74 ? 18   GLN B CB  1 
ATOM   899  C CG  . GLN B 1 29  ? -0.744  24.749  2.153   1.00 34.97 ? 18   GLN B CG  1 
ATOM   900  C CD  . GLN B 1 29  ? -1.417  24.606  0.796   1.00 40.23 ? 18   GLN B CD  1 
ATOM   901  O OE1 . GLN B 1 29  ? -0.910  23.919  -0.095  1.00 42.17 ? 18   GLN B OE1 1 
ATOM   902  N NE2 . GLN B 1 29  ? -2.575  25.245  0.639   1.00 41.92 ? 18   GLN B NE2 1 
ATOM   903  N N   . LEU B 1 30  ? -1.546  21.909  5.591   1.00 19.93 ? 19   LEU B N   1 
ATOM   904  C CA  . LEU B 1 30  ? -1.870  20.616  6.187   1.00 18.13 ? 19   LEU B CA  1 
ATOM   905  C C   . LEU B 1 30  ? -2.661  19.807  5.165   1.00 18.66 ? 19   LEU B C   1 
ATOM   906  O O   . LEU B 1 30  ? -3.562  20.333  4.511   1.00 18.13 ? 19   LEU B O   1 
ATOM   907  C CB  . LEU B 1 30  ? -2.725  20.781  7.448   1.00 17.61 ? 19   LEU B CB  1 
ATOM   908  C CG  . LEU B 1 30  ? -2.132  21.467  8.679   1.00 19.91 ? 19   LEU B CG  1 
ATOM   909  C CD1 . LEU B 1 30  ? -3.150  21.413  9.823   1.00 20.36 ? 19   LEU B CD1 1 
ATOM   910  C CD2 . LEU B 1 30  ? -0.841  20.777  9.088   1.00 17.98 ? 19   LEU B CD2 1 
ATOM   911  N N   . LYS B 1 31  ? -2.319  18.530  5.032   1.00 17.50 ? 20   LYS B N   1 
ATOM   912  C CA  . LYS B 1 31  ? -3.001  17.637  4.102   1.00 18.07 ? 20   LYS B CA  1 
ATOM   913  C C   . LYS B 1 31  ? -3.120  16.273  4.766   1.00 18.10 ? 20   LYS B C   1 
ATOM   914  O O   . LYS B 1 31  ? -2.423  15.995  5.737   1.00 17.70 ? 20   LYS B O   1 
ATOM   915  C CB  . LYS B 1 31  ? -2.193  17.485  2.811   1.00 19.80 ? 20   LYS B CB  1 
ATOM   916  C CG  . LYS B 1 31  ? -2.055  18.742  1.977   1.00 23.38 ? 20   LYS B CG  1 
ATOM   917  C CD  . LYS B 1 31  ? -1.210  18.466  0.739   1.00 26.14 ? 20   LYS B CD  1 
ATOM   918  C CE  . LYS B 1 31  ? -1.206  19.646  -0.218  1.00 28.66 ? 20   LYS B CE  1 
ATOM   919  N NZ  . LYS B 1 31  ? -2.576  19.910  -0.732  1.00 31.98 ? 20   LYS B NZ  1 
ATOM   920  N N   . GLU B 1 32  ? -4.016  15.430  4.257   1.00 16.55 ? 21   GLU B N   1 
ATOM   921  C CA  . GLU B 1 32  ? -4.166  14.082  4.793   1.00 15.73 ? 21   GLU B CA  1 
ATOM   922  C C   . GLU B 1 32  ? -3.507  13.136  3.804   1.00 13.78 ? 21   GLU B C   1 
ATOM   923  O O   . GLU B 1 32  ? -3.651  13.302  2.592   1.00 12.89 ? 21   GLU B O   1 
ATOM   924  C CB  . GLU B 1 32  ? -5.638  13.685  4.941   1.00 21.33 ? 21   GLU B CB  1 
ATOM   925  C CG  . GLU B 1 32  ? -6.336  14.215  6.182   1.00 30.59 ? 21   GLU B CG  1 
ATOM   926  C CD  . GLU B 1 32  ? -7.422  13.266  6.672   1.00 35.59 ? 21   GLU B CD  1 
ATOM   927  O OE1 . GLU B 1 32  ? -8.306  12.893  5.867   1.00 37.04 ? 21   GLU B OE1 1 
ATOM   928  O OE2 . GLU B 1 32  ? -7.388  12.887  7.864   1.00 39.81 ? 21   GLU B OE2 1 
ATOM   929  N N   . ALA B 1 33  ? -2.785  12.145  4.315   1.00 11.99 ? 22   ALA B N   1 
ATOM   930  C CA  . ALA B 1 33  ? -2.116  11.185  3.450   1.00 10.09 ? 22   ALA B CA  1 
ATOM   931  C C   . ALA B 1 33  ? -2.168  9.799   4.062   1.00 10.15 ? 22   ALA B C   1 
ATOM   932  O O   . ALA B 1 33  ? -2.365  9.644   5.271   1.00 12.96 ? 22   ALA B O   1 
ATOM   933  C CB  . ALA B 1 33  ? -0.668  11.602  3.206   1.00 9.91  ? 22   ALA B CB  1 
ATOM   934  N N   . LEU B 1 34  ? -1.986  8.793   3.216   1.00 8.44  ? 23   LEU B N   1 
ATOM   935  C CA  . LEU B 1 34  ? -2.035  7.401   3.636   1.00 10.37 ? 23   LEU B CA  1 
ATOM   936  C C   . LEU B 1 34  ? -0.644  6.809   3.841   1.00 10.28 ? 23   LEU B C   1 
ATOM   937  O O   . LEU B 1 34  ? 0.231   6.975   2.995   1.00 9.74  ? 23   LEU B O   1 
ATOM   938  C CB  . LEU B 1 34  ? -2.772  6.592   2.568   1.00 13.89 ? 23   LEU B CB  1 
ATOM   939  C CG  . LEU B 1 34  ? -2.982  5.092   2.763   1.00 17.93 ? 23   LEU B CG  1 
ATOM   940  C CD1 . LEU B 1 34  ? -3.969  4.853   3.884   1.00 19.23 ? 23   LEU B CD1 1 
ATOM   941  C CD2 . LEU B 1 34  ? -3.520  4.496   1.468   1.00 21.85 ? 23   LEU B CD2 1 
ATOM   942  N N   . LEU B 1 35  ? -0.440  6.123   4.964   1.00 10.11 ? 24   LEU B N   1 
ATOM   943  C CA  . LEU B 1 35  ? 0.842   5.468   5.232   1.00 10.47 ? 24   LEU B CA  1 
ATOM   944  C C   . LEU B 1 35  ? 0.723   4.156   4.454   1.00 11.48 ? 24   LEU B C   1 
ATOM   945  O O   . LEU B 1 35  ? -0.011  3.251   4.854   1.00 13.39 ? 24   LEU B O   1 
ATOM   946  C CB  . LEU B 1 35  ? 0.998   5.200   6.731   1.00 9.82  ? 24   LEU B CB  1 
ATOM   947  C CG  . LEU B 1 35  ? 1.003   6.428   7.645   1.00 14.15 ? 24   LEU B CG  1 
ATOM   948  C CD1 . LEU B 1 35  ? 1.391   5.992   9.047   1.00 15.09 ? 24   LEU B CD1 1 
ATOM   949  C CD2 . LEU B 1 35  ? 1.986   7.475   7.121   1.00 12.55 ? 24   LEU B CD2 1 
ATOM   950  N N   . ASP B 1 36  ? 1.464   4.054   3.357   1.00 9.31  ? 25   ASP B N   1 
ATOM   951  C CA  . ASP B 1 36  ? 1.355   2.910   2.453   1.00 10.04 ? 25   ASP B CA  1 
ATOM   952  C C   . ASP B 1 36  ? 2.621   2.073   2.261   1.00 11.79 ? 25   ASP B C   1 
ATOM   953  O O   . ASP B 1 36  ? 3.495   2.446   1.482   1.00 9.42  ? 25   ASP B O   1 
ATOM   954  C CB  . ASP B 1 36  ? 0.891   3.450   1.097   1.00 13.36 ? 25   ASP B CB  1 
ATOM   955  C CG  . ASP B 1 36  ? 0.434   2.363   0.149   1.00 15.50 ? 25   ASP B CG  1 
ATOM   956  O OD1 . ASP B 1 36  ? 0.621   1.165   0.453   1.00 16.71 ? 25   ASP B OD1 1 
ATOM   957  O OD2 . ASP B 1 36  ? -0.113  2.723   -0.907  1.00 19.29 ? 25   ASP B OD2 1 
ATOM   958  N N   . THR B 1 37  ? 2.706   0.936   2.947   1.00 10.06 ? 26   THR B N   1 
ATOM   959  C CA  . THR B 1 37  ? 3.876   0.070   2.831   1.00 10.08 ? 26   THR B CA  1 
ATOM   960  C C   . THR B 1 37  ? 3.989   -0.573  1.452   1.00 10.41 ? 26   THR B C   1 
ATOM   961  O O   . THR B 1 37  ? 5.046   -1.092  1.084   1.00 11.47 ? 26   THR B O   1 
ATOM   962  C CB  . THR B 1 37  ? 3.846   -1.048  3.882   1.00 9.18  ? 26   THR B CB  1 
ATOM   963  O OG1 . THR B 1 37  ? 2.653   -1.820  3.718   1.00 10.86 ? 26   THR B OG1 1 
ATOM   964  C CG2 . THR B 1 37  ? 3.885   -0.459  5.282   1.00 12.79 ? 26   THR B CG2 1 
ATOM   965  N N   . GLY B 1 38  ? 2.902   -0.538  0.691   1.00 7.98  ? 27   GLY B N   1 
ATOM   966  C CA  . GLY B 1 38  ? 2.919   -1.126  -0.635  1.00 9.48  ? 27   GLY B CA  1 
ATOM   967  C C   . GLY B 1 38  ? 3.432   -0.184  -1.709  1.00 9.26  ? 27   GLY B C   1 
ATOM   968  O O   . GLY B 1 38  ? 3.630   -0.593  -2.850  1.00 10.65 ? 27   GLY B O   1 
ATOM   969  N N   . ALA B 1 39  ? 3.645   1.077   -1.349  1.00 10.36 ? 28   ALA B N   1 
ATOM   970  C CA  . ALA B 1 39  ? 4.136   2.078   -2.296  1.00 10.03 ? 28   ALA B CA  1 
ATOM   971  C C   . ALA B 1 39  ? 5.645   2.279   -2.131  1.00 10.32 ? 28   ALA B C   1 
ATOM   972  O O   . ALA B 1 39  ? 6.113   2.571   -1.033  1.00 8.82  ? 28   ALA B O   1 
ATOM   973  C CB  . ALA B 1 39  ? 3.412   3.397   -2.063  1.00 10.88 ? 28   ALA B CB  1 
ATOM   974  N N   . ASP B 1 40  ? 6.412   2.119   -3.208  1.00 10.18 ? 29   ASP B N   1 
ATOM   975  C CA  . ASP B 1 40  ? 7.865   2.312   -3.109  1.00 12.34 ? 29   ASP B CA  1 
ATOM   976  C C   . ASP B 1 40  ? 8.213   3.781   -2.861  1.00 12.65 ? 29   ASP B C   1 
ATOM   977  O O   . ASP B 1 40  ? 9.149   4.097   -2.120  1.00 12.01 ? 29   ASP B O   1 
ATOM   978  C CB  . ASP B 1 40  ? 8.578   1.882   -4.393  1.00 14.72 ? 29   ASP B CB  1 
ATOM   979  C CG  . ASP B 1 40  ? 8.416   0.409   -4.698  1.00 16.10 ? 29   ASP B CG  1 
ATOM   980  O OD1 . ASP B 1 40  ? 8.306   -0.395  -3.756  1.00 17.10 ? 29   ASP B OD1 1 
ATOM   981  O OD2 . ASP B 1 40  ? 8.418   0.058   -5.896  1.00 19.86 ? 29   ASP B OD2 1 
ATOM   982  N N   . ASP B 1 41  ? 7.457   4.668   -3.498  1.00 11.44 ? 30   ASP B N   1 
ATOM   983  C CA  . ASP B 1 41  ? 7.692   6.100   -3.396  1.00 12.70 ? 30   ASP B CA  1 
ATOM   984  C C   . ASP B 1 41  ? 6.510   6.862   -2.814  1.00 12.28 ? 30   ASP B C   1 
ATOM   985  O O   . ASP B 1 41  ? 5.446   6.301   -2.558  1.00 13.49 ? 30   ASP B O   1 
ATOM   986  C CB  . ASP B 1 41  ? 8.024   6.662   -4.780  1.00 15.03 ? 30   ASP B CB  1 
ATOM   987  C CG  . ASP B 1 41  ? 9.132   5.886   -5.475  1.00 19.77 ? 30   ASP B CG  1 
ATOM   988  O OD1 . ASP B 1 41  ? 10.244  5.816   -4.918  1.00 20.55 ? 30   ASP B OD1 1 
ATOM   989  O OD2 . ASP B 1 41  ? 8.889   5.341   -6.574  1.00 23.31 ? 30   ASP B OD2 1 
ATOM   990  N N   . THR B 1 42  ? 6.716   8.161   -2.620  1.00 11.31 ? 31   THR B N   1 
ATOM   991  C CA  . THR B 1 42  ? 5.705   9.054   -2.070  1.00 10.22 ? 31   THR B CA  1 
ATOM   992  C C   . THR B 1 42  ? 5.144   9.911   -3.205  1.00 11.59 ? 31   THR B C   1 
ATOM   993  O O   . THR B 1 42  ? 5.896   10.564  -3.929  1.00 10.56 ? 31   THR B O   1 
ATOM   994  C CB  . THR B 1 42  ? 6.336   9.952   -0.975  1.00 10.43 ? 31   THR B CB  1 
ATOM   995  O OG1 . THR B 1 42  ? 6.712   9.135   0.143   1.00 11.17 ? 31   THR B OG1 1 
ATOM   996  C CG2 . THR B 1 42  ? 5.361   11.029  -0.510  1.00 12.19 ? 31   THR B CG2 1 
ATOM   997  N N   . VAL B 1 43  ? 3.824   9.893   -3.368  1.00 12.16 ? 32   VAL B N   1 
ATOM   998  C CA  . VAL B 1 43  ? 3.180   10.668  -4.425  1.00 11.83 ? 32   VAL B CA  1 
ATOM   999  C C   . VAL B 1 43  ? 2.013   11.472  -3.871  1.00 11.94 ? 32   VAL B C   1 
ATOM   1000 O O   . VAL B 1 43  ? 1.166   10.942  -3.159  1.00 12.24 ? 32   VAL B O   1 
ATOM   1001 C CB  . VAL B 1 43  ? 2.657   9.751   -5.548  1.00 13.99 ? 32   VAL B CB  1 
ATOM   1002 C CG1 . VAL B 1 43  ? 2.092   10.590  -6.688  1.00 12.34 ? 32   VAL B CG1 1 
ATOM   1003 C CG2 . VAL B 1 43  ? 3.779   8.873   -6.055  1.00 19.84 ? 32   VAL B CG2 1 
ATOM   1004 N N   . LEU B 1 44  ? 1.967   12.753  -4.208  1.00 12.05 ? 33   LEU B N   1 
ATOM   1005 C CA  . LEU B 1 44  ? 0.900   13.622  -3.727  1.00 12.61 ? 33   LEU B CA  1 
ATOM   1006 C C   . LEU B 1 44  ? 0.086   14.176  -4.886  1.00 12.59 ? 33   LEU B C   1 
ATOM   1007 O O   . LEU B 1 44  ? 0.564   14.243  -6.022  1.00 11.78 ? 33   LEU B O   1 
ATOM   1008 C CB  . LEU B 1 44  ? 1.490   14.786  -2.928  1.00 12.12 ? 33   LEU B CB  1 
ATOM   1009 C CG  . LEU B 1 44  ? 2.404   14.424  -1.755  1.00 13.35 ? 33   LEU B CG  1 
ATOM   1010 C CD1 . LEU B 1 44  ? 3.023   15.691  -1.186  1.00 15.00 ? 33   LEU B CD1 1 
ATOM   1011 C CD2 . LEU B 1 44  ? 1.620   13.691  -0.687  1.00 14.13 ? 33   LEU B CD2 1 
ATOM   1012 N N   . GLU B 1 45  ? -1.148  14.567  -4.589  1.00 13.02 ? 34   GLU B N   1 
ATOM   1013 C CA  . GLU B 1 45  ? -2.042  15.141  -5.585  1.00 16.26 ? 34   GLU B CA  1 
ATOM   1014 C C   . GLU B 1 45  ? -1.457  16.444  -6.119  1.00 17.81 ? 34   GLU B C   1 
ATOM   1015 O O   . GLU B 1 45  ? -0.639  17.091  -5.462  1.00 16.17 ? 34   GLU B O   1 
ATOM   1016 C CB  . GLU B 1 45  ? -3.413  15.399  -4.958  1.00 17.99 ? 34   GLU B CB  1 
ATOM   1017 C CG  . GLU B 1 45  ? -4.179  14.130  -4.616  1.00 22.60 ? 34   GLU B CG  1 
ATOM   1018 C CD  . GLU B 1 45  ? -5.297  14.372  -3.614  1.00 26.49 ? 34   GLU B CD  1 
ATOM   1019 O OE1 . GLU B 1 45  ? -5.798  15.512  -3.543  1.00 28.09 ? 34   GLU B OE1 1 
ATOM   1020 O OE2 . GLU B 1 45  ? -5.681  13.418  -2.906  1.00 28.86 ? 34   GLU B OE2 1 
ATOM   1021 N N   . GLU B 1 46  ? -1.887  16.825  -7.316  1.00 20.59 ? 35   GLU B N   1 
ATOM   1022 C CA  . GLU B 1 46  ? -1.403  18.034  -7.966  1.00 23.75 ? 35   GLU B CA  1 
ATOM   1023 C C   . GLU B 1 46  ? -1.278  19.223  -7.018  1.00 24.17 ? 35   GLU B C   1 
ATOM   1024 O O   . GLU B 1 46  ? -2.218  19.574  -6.298  1.00 23.10 ? 35   GLU B O   1 
ATOM   1025 C CB  . GLU B 1 46  ? -2.314  18.389  -9.151  1.00 26.92 ? 35   GLU B CB  1 
ATOM   1026 C CG  . GLU B 1 46  ? -1.863  19.605  -9.949  1.00 30.71 ? 35   GLU B CG  1 
ATOM   1027 C CD  . GLU B 1 46  ? -0.421  19.498  -10.422 1.00 33.18 ? 35   GLU B CD  1 
ATOM   1028 O OE1 . GLU B 1 46  ? -0.066  18.464  -11.028 1.00 32.92 ? 35   GLU B OE1 1 
ATOM   1029 O OE2 . GLU B 1 46  ? 0.352   20.452  -10.189 1.00 36.11 ? 35   GLU B OE2 1 
ATOM   1030 N N   . MET B 1 47  ? -0.096  19.830  -7.019  1.00 23.33 ? 36   MET B N   1 
ATOM   1031 C CA  . MET B 1 47  ? 0.182   20.982  -6.180  1.00 25.77 ? 36   MET B CA  1 
ATOM   1032 C C   . MET B 1 47  ? 1.451   21.650  -6.684  1.00 26.99 ? 36   MET B C   1 
ATOM   1033 O O   . MET B 1 47  ? 2.114   21.137  -7.586  1.00 26.67 ? 36   MET B O   1 
ATOM   1034 C CB  . MET B 1 47  ? 0.370   20.560  -4.721  1.00 27.10 ? 36   MET B CB  1 
ATOM   1035 C CG  . MET B 1 47  ? 1.624   19.742  -4.458  1.00 27.57 ? 36   MET B CG  1 
ATOM   1036 S SD  . MET B 1 47  ? 1.894   19.484  -2.694  1.00 31.45 ? 36   MET B SD  1 
ATOM   1037 C CE  . MET B 1 47  ? 2.332   21.143  -2.190  1.00 31.11 ? 36   MET B CE  1 
ATOM   1038 N N   . SER B 1 48  ? 1.791   22.791  -6.098  1.00 28.02 ? 37   SER B N   1 
ATOM   1039 C CA  . SER B 1 48  ? 2.983   23.513  -6.510  1.00 29.37 ? 37   SER B CA  1 
ATOM   1040 C C   . SER B 1 48  ? 4.135   23.330  -5.537  1.00 28.16 ? 37   SER B C   1 
ATOM   1041 O O   . SER B 1 48  ? 3.986   23.548  -4.334  1.00 29.10 ? 37   SER B O   1 
ATOM   1042 C CB  . SER B 1 48  ? 2.677   25.004  -6.655  1.00 31.51 ? 37   SER B CB  1 
ATOM   1043 O OG  . SER B 1 48  ? 3.831   25.704  -7.083  1.00 36.05 ? 37   SER B OG  1 
ATOM   1044 N N   . LEU B 1 49  ? 5.282   22.923  -6.069  1.00 26.93 ? 38   LEU B N   1 
ATOM   1045 C CA  . LEU B 1 49  ? 6.484   22.727  -5.269  1.00 26.75 ? 38   LEU B CA  1 
ATOM   1046 C C   . LEU B 1 49  ? 7.620   23.530  -5.893  1.00 27.81 ? 38   LEU B C   1 
ATOM   1047 O O   . LEU B 1 49  ? 7.592   23.836  -7.085  1.00 27.16 ? 38   LEU B O   1 
ATOM   1048 C CB  . LEU B 1 49  ? 6.858   21.244  -5.211  1.00 27.20 ? 38   LEU B CB  1 
ATOM   1049 C CG  . LEU B 1 49  ? 5.938   20.355  -4.370  1.00 27.32 ? 38   LEU B CG  1 
ATOM   1050 C CD1 . LEU B 1 49  ? 6.372   18.905  -4.494  1.00 28.02 ? 38   LEU B CD1 1 
ATOM   1051 C CD2 . LEU B 1 49  ? 5.989   20.801  -2.920  1.00 28.00 ? 38   LEU B CD2 1 
ATOM   1052 N N   . PRO B 1 50  ? 8.637   23.882  -5.091  1.00 28.38 ? 39   PRO B N   1 
ATOM   1053 C CA  . PRO B 1 50  ? 9.782   24.657  -5.568  1.00 28.76 ? 39   PRO B CA  1 
ATOM   1054 C C   . PRO B 1 50  ? 10.835  23.852  -6.324  1.00 27.84 ? 39   PRO B C   1 
ATOM   1055 O O   . PRO B 1 50  ? 10.946  22.637  -6.163  1.00 28.76 ? 39   PRO B O   1 
ATOM   1056 C CB  . PRO B 1 50  ? 10.341  25.246  -4.281  1.00 29.18 ? 39   PRO B CB  1 
ATOM   1057 C CG  . PRO B 1 50  ? 10.153  24.112  -3.322  1.00 30.43 ? 39   PRO B CG  1 
ATOM   1058 C CD  . PRO B 1 50  ? 8.733   23.658  -3.636  1.00 28.95 ? 39   PRO B CD  1 
ATOM   1059 N N   . GLY B 1 51  ? 11.606  24.548  -7.153  1.00 27.18 ? 40   GLY B N   1 
ATOM   1060 C CA  . GLY B 1 51  ? 12.674  23.908  -7.893  1.00 26.08 ? 40   GLY B CA  1 
ATOM   1061 C C   . GLY B 1 51  ? 12.297  23.256  -9.203  1.00 24.79 ? 40   GLY B C   1 
ATOM   1062 O O   . GLY B 1 51  ? 11.156  23.344  -9.663  1.00 25.71 ? 40   GLY B O   1 
ATOM   1063 N N   . ARG B 1 52  ? 13.280  22.603  -9.810  1.00 21.42 ? 41   ARG B N   1 
ATOM   1064 C CA  . ARG B 1 52  ? 13.078  21.911  -11.074 1.00 20.21 ? 41   ARG B CA  1 
ATOM   1065 C C   . ARG B 1 52  ? 12.628  20.487  -10.796 1.00 19.23 ? 41   ARG B C   1 
ATOM   1066 O O   . ARG B 1 52  ? 12.876  19.951  -9.717  1.00 19.68 ? 41   ARG B O   1 
ATOM   1067 C CB  . ARG B 1 52  ? 14.383  21.880  -11.876 1.00 20.43 ? 41   ARG B CB  1 
ATOM   1068 C CG  . ARG B 1 52  ? 14.823  23.240  -12.401 1.00 21.64 ? 41   ARG B CG  1 
ATOM   1069 C CD  . ARG B 1 52  ? 16.165  23.142  -13.105 1.00 22.02 ? 41   ARG B CD  1 
ATOM   1070 N NE  . ARG B 1 52  ? 16.152  22.208  -14.232 1.00 21.25 ? 41   ARG B NE  1 
ATOM   1071 C CZ  . ARG B 1 52  ? 15.668  22.484  -15.442 1.00 19.94 ? 41   ARG B CZ  1 
ATOM   1072 N NH1 . ARG B 1 52  ? 15.141  23.675  -15.705 1.00 16.09 ? 41   ARG B NH1 1 
ATOM   1073 N NH2 . ARG B 1 52  ? 15.735  21.568  -16.402 1.00 17.51 ? 41   ARG B NH2 1 
ATOM   1074 N N   . TRP B 1 53  ? 11.962  19.881  -11.768 1.00 16.53 ? 42   TRP B N   1 
ATOM   1075 C CA  . TRP B 1 53  ? 11.506  18.511  -11.613 1.00 15.98 ? 42   TRP B CA  1 
ATOM   1076 C C   . TRP B 1 53  ? 12.014  17.656  -12.761 1.00 16.76 ? 42   TRP B C   1 
ATOM   1077 O O   . TRP B 1 53  ? 12.443  18.175  -13.796 1.00 14.42 ? 42   TRP B O   1 
ATOM   1078 C CB  . TRP B 1 53  ? 9.973   18.446  -11.547 1.00 14.38 ? 42   TRP B CB  1 
ATOM   1079 C CG  . TRP B 1 53  ? 9.251   19.033  -12.737 1.00 13.83 ? 42   TRP B CG  1 
ATOM   1080 C CD1 . TRP B 1 53  ? 8.942   20.347  -12.949 1.00 13.20 ? 42   TRP B CD1 1 
ATOM   1081 C CD2 . TRP B 1 53  ? 8.735   18.315  -13.864 1.00 14.75 ? 42   TRP B CD2 1 
ATOM   1082 N NE1 . TRP B 1 53  ? 8.262   20.491  -14.138 1.00 15.09 ? 42   TRP B NE1 1 
ATOM   1083 C CE2 . TRP B 1 53  ? 8.124   19.260  -14.719 1.00 15.05 ? 42   TRP B CE2 1 
ATOM   1084 C CE3 . TRP B 1 53  ? 8.732   16.965  -14.236 1.00 16.22 ? 42   TRP B CE3 1 
ATOM   1085 C CZ2 . TRP B 1 53  ? 7.513   18.894  -15.923 1.00 15.91 ? 42   TRP B CZ2 1 
ATOM   1086 C CZ3 . TRP B 1 53  ? 8.127   16.603  -15.432 1.00 16.41 ? 42   TRP B CZ3 1 
ATOM   1087 C CH2 . TRP B 1 53  ? 7.526   17.565  -16.260 1.00 16.04 ? 42   TRP B CH2 1 
ATOM   1088 N N   . LYS B 1 54  ? 11.989  16.345  -12.552 1.00 16.52 ? 43   LYS B N   1 
ATOM   1089 C CA  . LYS B 1 54  ? 12.417  15.384  -13.554 1.00 17.95 ? 43   LYS B CA  1 
ATOM   1090 C C   . LYS B 1 54  ? 11.233  14.463  -13.770 1.00 18.15 ? 43   LYS B C   1 
ATOM   1091 O O   . LYS B 1 54  ? 10.373  14.335  -12.901 1.00 18.23 ? 43   LYS B O   1 
ATOM   1092 C CB  . LYS B 1 54  ? 13.623  14.581  -13.067 1.00 20.21 ? 43   LYS B CB  1 
ATOM   1093 C CG  . LYS B 1 54  ? 14.917  15.376  -13.040 1.00 26.21 ? 43   LYS B CG  1 
ATOM   1094 C CD  . LYS B 1 54  ? 16.077  14.516  -12.566 1.00 30.23 ? 43   LYS B CD  1 
ATOM   1095 C CE  . LYS B 1 54  ? 17.395  15.266  -12.667 1.00 32.63 ? 43   LYS B CE  1 
ATOM   1096 N NZ  . LYS B 1 54  ? 18.543  14.418  -12.234 1.00 34.64 ? 43   LYS B NZ  1 
ATOM   1097 N N   . PRO B 1 55  ? 11.175  13.799  -14.928 1.00 18.39 ? 44   PRO B N   1 
ATOM   1098 C CA  . PRO B 1 55  ? 10.057  12.899  -15.214 1.00 16.86 ? 44   PRO B CA  1 
ATOM   1099 C C   . PRO B 1 55  ? 10.206  11.498  -14.627 1.00 17.88 ? 44   PRO B C   1 
ATOM   1100 O O   . PRO B 1 55  ? 11.315  10.981  -14.491 1.00 16.10 ? 44   PRO B O   1 
ATOM   1101 C CB  . PRO B 1 55  ? 10.042  12.875  -16.735 1.00 18.00 ? 44   PRO B CB  1 
ATOM   1102 C CG  . PRO B 1 55  ? 11.521  12.836  -17.039 1.00 19.92 ? 44   PRO B CG  1 
ATOM   1103 C CD  . PRO B 1 55  ? 12.106  13.865  -16.070 1.00 18.98 ? 44   PRO B CD  1 
ATOM   1104 N N   . LYS B 1 56  ? 9.079   10.896  -14.265 1.00 17.71 ? 45   LYS B N   1 
ATOM   1105 C CA  . LYS B 1 56  ? 9.082   9.535   -13.750 1.00 18.69 ? 45   LYS B CA  1 
ATOM   1106 C C   . LYS B 1 56  ? 7.748   8.875   -14.044 1.00 18.71 ? 45   LYS B C   1 
ATOM   1107 O O   . LYS B 1 56  ? 6.715   9.541   -14.122 1.00 15.51 ? 45   LYS B O   1 
ATOM   1108 C CB  . LYS B 1 56  ? 9.357   9.484   -12.243 1.00 19.71 ? 45   LYS B CB  1 
ATOM   1109 C CG  . LYS B 1 56  ? 9.582   8.042   -11.768 1.00 21.92 ? 45   LYS B CG  1 
ATOM   1110 C CD  . LYS B 1 56  ? 9.970   7.922   -10.310 1.00 24.23 ? 45   LYS B CD  1 
ATOM   1111 C CE  . LYS B 1 56  ? 10.347  6.476   -9.989  1.00 25.71 ? 45   LYS B CE  1 
ATOM   1112 N NZ  . LYS B 1 56  ? 10.704  6.279   -8.559  1.00 28.12 ? 45   LYS B NZ  1 
ATOM   1113 N N   . MET B 1 57  ? 7.796   7.561   -14.226 1.00 19.73 ? 46   MET B N   1 
ATOM   1114 C CA  . MET B 1 57  ? 6.622   6.758   -14.511 1.00 21.21 ? 46   MET B CA  1 
ATOM   1115 C C   . MET B 1 57  ? 6.486   5.762   -13.373 1.00 21.19 ? 46   MET B C   1 
ATOM   1116 O O   . MET B 1 57  ? 7.460   5.104   -13.004 1.00 21.23 ? 46   MET B O   1 
ATOM   1117 C CB  . MET B 1 57  ? 6.814   5.981   -15.816 1.00 27.17 ? 46   MET B CB  1 
ATOM   1118 C CG  . MET B 1 57  ? 6.913   6.838   -17.060 1.00 32.90 ? 46   MET B CG  1 
ATOM   1119 S SD  . MET B 1 57  ? 5.295   7.351   -17.637 1.00 42.97 ? 46   MET B SD  1 
ATOM   1120 C CE  . MET B 1 57  ? 4.843   5.919   -18.608 1.00 38.79 ? 46   MET B CE  1 
ATOM   1121 N N   . ILE B 1 58  ? 5.295   5.663   -12.799 1.00 19.44 ? 47   ILE B N   1 
ATOM   1122 C CA  . ILE B 1 58  ? 5.077   4.708   -11.725 1.00 19.91 ? 47   ILE B CA  1 
ATOM   1123 C C   . ILE B 1 58  ? 3.887   3.838   -12.087 1.00 18.41 ? 47   ILE B C   1 
ATOM   1124 O O   . ILE B 1 58  ? 2.887   4.326   -12.612 1.00 18.86 ? 47   ILE B O   1 
ATOM   1125 C CB  . ILE B 1 58  ? 4.819   5.400   -10.371 1.00 17.27 ? 47   ILE B CB  1 
ATOM   1126 C CG1 . ILE B 1 58  ? 3.676   6.404   -10.497 1.00 20.12 ? 47   ILE B CG1 1 
ATOM   1127 C CG2 . ILE B 1 58  ? 6.100   6.073   -9.884  1.00 19.26 ? 47   ILE B CG2 1 
ATOM   1128 C CD1 . ILE B 1 58  ? 3.326   7.087   -9.184  1.00 19.90 ? 47   ILE B CD1 1 
ATOM   1129 N N   . GLY B 1 59  ? 4.016   2.546   -11.815 1.00 18.88 ? 48   GLY B N   1 
ATOM   1130 C CA  . GLY B 1 59  ? 2.950   1.617   -12.129 1.00 17.23 ? 48   GLY B CA  1 
ATOM   1131 C C   . GLY B 1 59  ? 2.238   1.095   -10.901 1.00 16.93 ? 48   GLY B C   1 
ATOM   1132 O O   . GLY B 1 59  ? 2.859   0.729   -9.908  1.00 15.83 ? 48   GLY B O   1 
ATOM   1133 N N   . GLY B 1 60  ? 0.916   1.069   -10.978 1.00 18.23 ? 49   GLY B N   1 
ATOM   1134 C CA  . GLY B 1 60  ? 0.122   0.582   -9.873  1.00 18.27 ? 49   GLY B CA  1 
ATOM   1135 C C   . GLY B 1 60  ? -0.794  -0.534  -10.323 1.00 18.93 ? 49   GLY B C   1 
ATOM   1136 O O   . GLY B 1 60  ? -0.637  -1.101  -11.411 1.00 16.41 ? 49   GLY B O   1 
ATOM   1137 N N   . ILE B 1 61  ? -1.778  -0.828  -9.489  1.00 18.37 ? 50   ILE B N   1 
ATOM   1138 C CA  . ILE B 1 61  ? -2.720  -1.897  -9.765  1.00 22.30 ? 50   ILE B CA  1 
ATOM   1139 C C   . ILE B 1 61  ? -3.445  -1.771  -11.105 1.00 24.11 ? 50   ILE B C   1 
ATOM   1140 O O   . ILE B 1 61  ? -3.767  -2.783  -11.726 1.00 27.88 ? 50   ILE B O   1 
ATOM   1141 C CB  . ILE B 1 61  ? -3.749  -2.000  -8.623  1.00 22.35 ? 50   ILE B CB  1 
ATOM   1142 C CG1 . ILE B 1 61  ? -4.110  -3.462  -8.386  1.00 28.27 ? 50   ILE B CG1 1 
ATOM   1143 C CG2 . ILE B 1 61  ? -4.986  -1.189  -8.952  1.00 24.50 ? 50   ILE B CG2 1 
ATOM   1144 C CD1 . ILE B 1 61  ? -4.952  -3.675  -7.154  1.00 30.34 ? 50   ILE B CD1 1 
ATOM   1145 N N   . GLY B 1 62  ? -3.692  -0.543  -11.559 1.00 24.02 ? 51   GLY B N   1 
ATOM   1146 C CA  . GLY B 1 62  ? -4.402  -0.366  -12.819 1.00 24.07 ? 51   GLY B CA  1 
ATOM   1147 C C   . GLY B 1 62  ? -3.609  0.133   -14.017 1.00 24.04 ? 51   GLY B C   1 
ATOM   1148 O O   . GLY B 1 62  ? -4.186  0.457   -15.055 1.00 25.17 ? 51   GLY B O   1 
ATOM   1149 N N   . GLY B 1 63  ? -2.292  0.191   -13.894 1.00 22.15 ? 52   GLY B N   1 
ATOM   1150 C CA  . GLY B 1 63  ? -1.480  0.667   -14.999 1.00 22.71 ? 52   GLY B CA  1 
ATOM   1151 C C   . GLY B 1 63  ? -0.510  1.729   -14.525 1.00 22.24 ? 52   GLY B C   1 
ATOM   1152 O O   . GLY B 1 63  ? -0.250  1.830   -13.330 1.00 19.84 ? 52   GLY B O   1 
ATOM   1153 N N   . PHE B 1 64  ? 0.014   2.530   -15.450 1.00 23.30 ? 53   PHE B N   1 
ATOM   1154 C CA  . PHE B 1 64  ? 0.973   3.574   -15.096 1.00 23.37 ? 53   PHE B CA  1 
ATOM   1155 C C   . PHE B 1 64  ? 0.447   4.997   -15.235 1.00 23.15 ? 53   PHE B C   1 
ATOM   1156 O O   . PHE B 1 64  ? -0.538  5.258   -15.927 1.00 22.73 ? 53   PHE B O   1 
ATOM   1157 C CB  . PHE B 1 64  ? 2.236   3.458   -15.957 1.00 26.88 ? 53   PHE B CB  1 
ATOM   1158 C CG  . PHE B 1 64  ? 2.975   2.163   -15.794 1.00 29.36 ? 53   PHE B CG  1 
ATOM   1159 C CD1 . PHE B 1 64  ? 2.456   0.977   -16.304 1.00 31.98 ? 53   PHE B CD1 1 
ATOM   1160 C CD2 . PHE B 1 64  ? 4.203   2.131   -15.143 1.00 31.79 ? 53   PHE B CD2 1 
ATOM   1161 C CE1 . PHE B 1 64  ? 3.152   -0.222  -16.168 1.00 32.54 ? 53   PHE B CE1 1 
ATOM   1162 C CE2 . PHE B 1 64  ? 4.907   0.937   -15.002 1.00 32.94 ? 53   PHE B CE2 1 
ATOM   1163 C CZ  . PHE B 1 64  ? 4.380   -0.242  -15.517 1.00 33.05 ? 53   PHE B CZ  1 
ATOM   1164 N N   . ILE B 1 65  ? 1.124   5.918   -14.560 1.00 20.70 ? 54   ILE B N   1 
ATOM   1165 C CA  . ILE B 1 65  ? 0.786   7.330   -14.627 1.00 20.09 ? 54   ILE B CA  1 
ATOM   1166 C C   . ILE B 1 65  ? 2.105   8.088   -14.624 1.00 19.75 ? 54   ILE B C   1 
ATOM   1167 O O   . ILE B 1 65  ? 3.098   7.619   -14.062 1.00 17.42 ? 54   ILE B O   1 
ATOM   1168 C CB  . ILE B 1 65  ? -0.069  7.808   -13.421 1.00 20.44 ? 54   ILE B CB  1 
ATOM   1169 C CG1 . ILE B 1 65  ? 0.680   7.573   -12.107 1.00 22.42 ? 54   ILE B CG1 1 
ATOM   1170 C CG2 . ILE B 1 65  ? -1.413  7.099   -13.423 1.00 23.68 ? 54   ILE B CG2 1 
ATOM   1171 C CD1 . ILE B 1 65  ? 0.024   8.238   -10.904 1.00 20.34 ? 54   ILE B CD1 1 
ATOM   1172 N N   . LYS B 1 66  ? 2.119   9.242   -15.280 1.00 18.88 ? 55   LYS B N   1 
ATOM   1173 C CA  . LYS B 1 66  ? 3.312   10.070  -15.338 1.00 19.87 ? 55   LYS B CA  1 
ATOM   1174 C C   . LYS B 1 66  ? 3.252   11.054  -14.181 1.00 18.56 ? 55   LYS B C   1 
ATOM   1175 O O   . LYS B 1 66  ? 2.206   11.644  -13.904 1.00 18.13 ? 55   LYS B O   1 
ATOM   1176 C CB  . LYS B 1 66  ? 3.374   10.837  -16.663 1.00 23.60 ? 55   LYS B CB  1 
ATOM   1177 C CG  . LYS B 1 66  ? 3.400   9.942   -17.896 1.00 29.55 ? 55   LYS B CG  1 
ATOM   1178 C CD  . LYS B 1 66  ? 3.588   10.749  -19.180 1.00 34.28 ? 55   LYS B CD  1 
ATOM   1179 C CE  . LYS B 1 66  ? 4.935   11.471  -19.202 1.00 37.22 ? 55   LYS B CE  1 
ATOM   1180 N NZ  . LYS B 1 66  ? 6.097   10.533  -19.128 1.00 39.76 ? 55   LYS B NZ  1 
ATOM   1181 N N   . VAL B 1 67  ? 4.375   11.226  -13.500 1.00 17.21 ? 56   VAL B N   1 
ATOM   1182 C CA  . VAL B 1 67  ? 4.429   12.142  -12.379 1.00 15.55 ? 56   VAL B CA  1 
ATOM   1183 C C   . VAL B 1 67  ? 5.667   13.022  -12.463 1.00 15.37 ? 56   VAL B C   1 
ATOM   1184 O O   . VAL B 1 67  ? 6.589   12.746  -13.238 1.00 15.83 ? 56   VAL B O   1 
ATOM   1185 C CB  . VAL B 1 67  ? 4.457   11.371  -11.042 1.00 16.17 ? 56   VAL B CB  1 
ATOM   1186 C CG1 . VAL B 1 67  ? 3.154   10.597  -10.864 1.00 16.43 ? 56   VAL B CG1 1 
ATOM   1187 C CG2 . VAL B 1 67  ? 5.657   10.415  -11.014 1.00 17.26 ? 56   VAL B CG2 1 
ATOM   1188 N N   . ARG B 1 68  ? 5.680   14.080  -11.663 1.00 13.78 ? 57   ARG B N   1 
ATOM   1189 C CA  . ARG B 1 68  ? 6.811   14.993  -11.616 1.00 14.72 ? 57   ARG B CA  1 
ATOM   1190 C C   . ARG B 1 68  ? 7.604   14.694  -10.341 1.00 15.76 ? 57   ARG B C   1 
ATOM   1191 O O   . ARG B 1 68  ? 7.033   14.602  -9.255  1.00 14.76 ? 57   ARG B O   1 
ATOM   1192 C CB  . ARG B 1 68  ? 6.313   16.442  -11.601 1.00 16.74 ? 57   ARG B CB  1 
ATOM   1193 C CG  . ARG B 1 68  ? 5.335   16.772  -12.721 1.00 19.05 ? 57   ARG B CG  1 
ATOM   1194 C CD  . ARG B 1 68  ? 5.254   18.274  -12.957 1.00 20.83 ? 57   ARG B CD  1 
ATOM   1195 N NE  . ARG B 1 68  ? 4.853   19.022  -11.767 1.00 22.39 ? 57   ARG B NE  1 
ATOM   1196 C CZ  . ARG B 1 68  ? 3.610   19.074  -11.293 1.00 24.61 ? 57   ARG B CZ  1 
ATOM   1197 N NH1 . ARG B 1 68  ? 2.630   18.418  -11.904 1.00 26.15 ? 57   ARG B NH1 1 
ATOM   1198 N NH2 . ARG B 1 68  ? 3.343   19.793  -10.212 1.00 24.83 ? 57   ARG B NH2 1 
ATOM   1199 N N   . GLN B 1 69  ? 8.919   14.536  -10.473 1.00 14.40 ? 58   GLN B N   1 
ATOM   1200 C CA  . GLN B 1 69  ? 9.757   14.237  -9.318  1.00 14.20 ? 58   GLN B CA  1 
ATOM   1201 C C   . GLN B 1 69  ? 10.501  15.460  -8.793  1.00 15.51 ? 58   GLN B C   1 
ATOM   1202 O O   . GLN B 1 69  ? 11.230  16.120  -9.540  1.00 14.76 ? 58   GLN B O   1 
ATOM   1203 C CB  . GLN B 1 69  ? 10.780  13.154  -9.678  1.00 12.21 ? 58   GLN B CB  1 
ATOM   1204 C CG  . GLN B 1 69  ? 11.708  12.762  -8.528  1.00 17.11 ? 58   GLN B CG  1 
ATOM   1205 C CD  . GLN B 1 69  ? 12.750  11.742  -8.954  1.00 18.26 ? 58   GLN B CD  1 
ATOM   1206 O OE1 . GLN B 1 69  ? 12.436  10.772  -9.635  1.00 21.03 ? 58   GLN B OE1 1 
ATOM   1207 N NE2 . GLN B 1 69  ? 13.998  11.957  -8.545  1.00 21.56 ? 58   GLN B NE2 1 
ATOM   1208 N N   . TYR B 1 70  ? 10.303  15.764  -7.511  1.00 14.13 ? 59   TYR B N   1 
ATOM   1209 C CA  . TYR B 1 70  ? 10.992  16.874  -6.854  1.00 14.96 ? 59   TYR B CA  1 
ATOM   1210 C C   . TYR B 1 70  ? 11.898  16.278  -5.774  1.00 16.19 ? 59   TYR B C   1 
ATOM   1211 O O   . TYR B 1 70  ? 11.492  15.376  -5.044  1.00 15.71 ? 59   TYR B O   1 
ATOM   1212 C CB  . TYR B 1 70  ? 9.999   17.846  -6.200  1.00 14.68 ? 59   TYR B CB  1 
ATOM   1213 C CG  . TYR B 1 70  ? 9.113   18.590  -7.176  1.00 13.97 ? 59   TYR B CG  1 
ATOM   1214 C CD1 . TYR B 1 70  ? 7.952   18.004  -7.680  1.00 12.99 ? 59   TYR B CD1 1 
ATOM   1215 C CD2 . TYR B 1 70  ? 9.439   19.881  -7.601  1.00 13.60 ? 59   TYR B CD2 1 
ATOM   1216 C CE1 . TYR B 1 70  ? 7.133   18.681  -8.583  1.00 14.17 ? 59   TYR B CE1 1 
ATOM   1217 C CE2 . TYR B 1 70  ? 8.626   20.568  -8.505  1.00 15.00 ? 59   TYR B CE2 1 
ATOM   1218 C CZ  . TYR B 1 70  ? 7.476   19.959  -8.990  1.00 16.02 ? 59   TYR B CZ  1 
ATOM   1219 O OH  . TYR B 1 70  ? 6.668   20.626  -9.883  1.00 19.30 ? 59   TYR B OH  1 
ATOM   1220 N N   . ASP B 1 71  ? 13.122  16.778  -5.659  1.00 17.32 ? 60   ASP B N   1 
ATOM   1221 C CA  . ASP B 1 71  ? 14.031  16.237  -4.657  1.00 18.94 ? 60   ASP B CA  1 
ATOM   1222 C C   . ASP B 1 71  ? 14.283  17.170  -3.484  1.00 18.64 ? 60   ASP B C   1 
ATOM   1223 O O   . ASP B 1 71  ? 14.056  18.376  -3.574  1.00 18.02 ? 60   ASP B O   1 
ATOM   1224 C CB  . ASP B 1 71  ? 15.359  15.851  -5.307  1.00 23.15 ? 60   ASP B CB  1 
ATOM   1225 C CG  . ASP B 1 71  ? 15.201  14.752  -6.339  1.00 26.28 ? 60   ASP B CG  1 
ATOM   1226 O OD1 . ASP B 1 71  ? 14.528  13.742  -6.040  1.00 28.26 ? 60   ASP B OD1 1 
ATOM   1227 O OD2 . ASP B 1 71  ? 15.756  14.892  -7.448  1.00 29.87 ? 60   ASP B OD2 1 
ATOM   1228 N N   . GLN B 1 72  ? 14.748  16.589  -2.381  1.00 18.88 ? 61   GLN B N   1 
ATOM   1229 C CA  . GLN B 1 72  ? 15.047  17.334  -1.160  1.00 20.35 ? 61   GLN B CA  1 
ATOM   1230 C C   . GLN B 1 72  ? 13.913  18.238  -0.711  1.00 19.69 ? 61   GLN B C   1 
ATOM   1231 O O   . GLN B 1 72  ? 14.104  19.436  -0.487  1.00 19.10 ? 61   GLN B O   1 
ATOM   1232 C CB  . GLN B 1 72  ? 16.319  18.168  -1.331  1.00 24.94 ? 61   GLN B CB  1 
ATOM   1233 C CG  . GLN B 1 72  ? 17.603  17.414  -1.048  1.00 32.21 ? 61   GLN B CG  1 
ATOM   1234 C CD  . GLN B 1 72  ? 18.812  18.335  -1.022  1.00 36.35 ? 61   GLN B CD  1 
ATOM   1235 O OE1 . GLN B 1 72  ? 19.172  18.936  -2.038  1.00 39.44 ? 61   GLN B OE1 1 
ATOM   1236 N NE2 . GLN B 1 72  ? 19.436  18.463  0.145   1.00 37.09 ? 61   GLN B NE2 1 
ATOM   1237 N N   . ILE B 1 73  ? 12.731  17.651  -0.570  1.00 17.67 ? 62   ILE B N   1 
ATOM   1238 C CA  . ILE B 1 73  ? 11.554  18.388  -0.139  1.00 16.65 ? 62   ILE B CA  1 
ATOM   1239 C C   . ILE B 1 73  ? 11.292  18.131  1.340   1.00 17.41 ? 62   ILE B C   1 
ATOM   1240 O O   . ILE B 1 73  ? 11.314  16.986  1.800   1.00 17.16 ? 62   ILE B O   1 
ATOM   1241 C CB  . ILE B 1 73  ? 10.306  17.957  -0.947  1.00 17.25 ? 62   ILE B CB  1 
ATOM   1242 C CG1 . ILE B 1 73  ? 10.488  18.312  -2.428  1.00 16.50 ? 62   ILE B CG1 1 
ATOM   1243 C CG2 . ILE B 1 73  ? 9.058   18.609  -0.368  1.00 16.96 ? 62   ILE B CG2 1 
ATOM   1244 C CD1 . ILE B 1 73  ? 10.640  19.792  -2.702  1.00 18.79 ? 62   ILE B CD1 1 
ATOM   1245 N N   . LEU B 1 74  ? 11.045  19.202  2.085   1.00 17.87 ? 63   LEU B N   1 
ATOM   1246 C CA  . LEU B 1 74  ? 10.756  19.076  3.505   1.00 19.99 ? 63   LEU B CA  1 
ATOM   1247 C C   . LEU B 1 74  ? 9.290   18.685  3.690   1.00 19.37 ? 63   LEU B C   1 
ATOM   1248 O O   . LEU B 1 74  ? 8.391   19.288  3.103   1.00 19.96 ? 63   LEU B O   1 
ATOM   1249 C CB  . LEU B 1 74  ? 11.019  20.403  4.227   1.00 22.74 ? 63   LEU B CB  1 
ATOM   1250 C CG  . LEU B 1 74  ? 10.709  20.393  5.728   1.00 25.68 ? 63   LEU B CG  1 
ATOM   1251 C CD1 . LEU B 1 74  ? 11.713  19.506  6.454   1.00 27.56 ? 63   LEU B CD1 1 
ATOM   1252 C CD2 . LEU B 1 74  ? 10.759  21.811  6.282   1.00 28.15 ? 63   LEU B CD2 1 
ATOM   1253 N N   . ILE B 1 75  ? 9.050   17.669  4.507   1.00 18.74 ? 64   ILE B N   1 
ATOM   1254 C CA  . ILE B 1 75  ? 7.692   17.225  4.768   1.00 19.46 ? 64   ILE B CA  1 
ATOM   1255 C C   . ILE B 1 75  ? 7.606   16.720  6.203   1.00 18.91 ? 64   ILE B C   1 
ATOM   1256 O O   . ILE B 1 75  ? 8.466   15.969  6.665   1.00 18.75 ? 64   ILE B O   1 
ATOM   1257 C CB  . ILE B 1 75  ? 7.266   16.109  3.768   1.00 21.88 ? 64   ILE B CB  1 
ATOM   1258 C CG1 . ILE B 1 75  ? 5.834   15.655  4.059   1.00 21.97 ? 64   ILE B CG1 1 
ATOM   1259 C CG2 . ILE B 1 75  ? 8.226   14.936  3.851   1.00 21.68 ? 64   ILE B CG2 1 
ATOM   1260 C CD1 . ILE B 1 75  ? 5.273   14.721  2.996   1.00 25.54 ? 64   ILE B CD1 1 
ATOM   1261 N N   . GLU B 1 76  ? 6.575   17.162  6.912   1.00 19.47 ? 65   GLU B N   1 
ATOM   1262 C CA  . GLU B 1 76  ? 6.368   16.761  8.296   1.00 20.77 ? 65   GLU B CA  1 
ATOM   1263 C C   . GLU B 1 76  ? 5.238   15.738  8.350   1.00 21.45 ? 65   GLU B C   1 
ATOM   1264 O O   . GLU B 1 76  ? 4.120   16.003  7.913   1.00 22.85 ? 65   GLU B O   1 
ATOM   1265 C CB  . GLU B 1 76  ? 6.030   17.990  9.141   1.00 23.04 ? 65   GLU B CB  1 
ATOM   1266 C CG  . GLU B 1 76  ? 5.802   17.702  10.608  1.00 28.97 ? 65   GLU B CG  1 
ATOM   1267 C CD  . GLU B 1 76  ? 5.445   18.956  11.377  1.00 32.76 ? 65   GLU B CD  1 
ATOM   1268 O OE1 . GLU B 1 76  ? 6.311   19.851  11.479  1.00 32.35 ? 65   GLU B OE1 1 
ATOM   1269 O OE2 . GLU B 1 76  ? 4.296   19.049  11.865  1.00 34.48 ? 65   GLU B OE2 1 
ATOM   1270 N N   . ILE B 1 77  ? 5.543   14.565  8.888   1.00 23.30 ? 66   ILE B N   1 
ATOM   1271 C CA  . ILE B 1 77  ? 4.574   13.481  8.977   1.00 24.09 ? 66   ILE B CA  1 
ATOM   1272 C C   . ILE B 1 77  ? 4.314   13.166  10.443  1.00 26.33 ? 66   ILE B C   1 
ATOM   1273 O O   . ILE B 1 77  ? 5.214   12.735  11.158  1.00 25.75 ? 66   ILE B O   1 
ATOM   1274 C CB  . ILE B 1 77  ? 5.122   12.229  8.270   1.00 23.06 ? 66   ILE B CB  1 
ATOM   1275 C CG1 . ILE B 1 77  ? 5.556   12.599  6.851   1.00 23.02 ? 66   ILE B CG1 1 
ATOM   1276 C CG2 . ILE B 1 77  ? 4.063   11.132  8.227   1.00 24.05 ? 66   ILE B CG2 1 
ATOM   1277 C CD1 . ILE B 1 77  ? 6.436   11.564  6.196   1.00 24.51 ? 66   ILE B CD1 1 
ATOM   1278 N N   . CYS B 1 78  ? 3.081   13.379  10.889  1.00 29.11 ? 67   CYS B N   1 
ATOM   1279 C CA  . CYS B 1 78  ? 2.738   13.128  12.283  1.00 32.90 ? 67   CYS B CA  1 
ATOM   1280 C C   . CYS B 1 78  ? 3.734   13.791  13.221  1.00 32.86 ? 67   CYS B C   1 
ATOM   1281 O O   . CYS B 1 78  ? 4.098   13.224  14.249  1.00 33.47 ? 67   CYS B O   1 
ATOM   1282 C CB  . CYS B 1 78  ? 2.711   11.629  12.570  1.00 35.48 ? 67   CYS B CB  1 
ATOM   1283 S SG  . CYS B 1 78  ? 1.144   10.868  12.209  1.00 42.75 ? 67   CYS B SG  1 
ATOM   1284 N N   . GLY B 1 79  ? 4.178   14.988  12.858  1.00 32.64 ? 68   GLY B N   1 
ATOM   1285 C CA  . GLY B 1 79  ? 5.125   15.698  13.696  1.00 33.03 ? 68   GLY B CA  1 
ATOM   1286 C C   . GLY B 1 79  ? 6.580   15.427  13.369  1.00 32.67 ? 68   GLY B C   1 
ATOM   1287 O O   . GLY B 1 79  ? 7.444   16.249  13.677  1.00 33.83 ? 68   GLY B O   1 
ATOM   1288 N N   . HIS B 1 80  ? 6.864   14.282  12.752  1.00 30.67 ? 69   HIS B N   1 
ATOM   1289 C CA  . HIS B 1 80  ? 8.239   13.936  12.396  1.00 29.86 ? 69   HIS B CA  1 
ATOM   1290 C C   . HIS B 1 80  ? 8.675   14.617  11.102  1.00 28.11 ? 69   HIS B C   1 
ATOM   1291 O O   . HIS B 1 80  ? 7.999   14.512  10.077  1.00 25.19 ? 69   HIS B O   1 
ATOM   1292 C CB  . HIS B 1 80  ? 8.391   12.421  12.231  1.00 31.48 ? 69   HIS B CB  1 
ATOM   1293 C CG  . HIS B 1 80  ? 8.088   11.643  13.470  1.00 34.77 ? 69   HIS B CG  1 
ATOM   1294 N ND1 . HIS B 1 80  ? 6.848   11.653  14.072  1.00 37.43 ? 69   HIS B ND1 1 
ATOM   1295 C CD2 . HIS B 1 80  ? 8.865   10.831  14.225  1.00 36.79 ? 69   HIS B CD2 1 
ATOM   1296 C CE1 . HIS B 1 80  ? 6.874   10.882  15.143  1.00 38.24 ? 69   HIS B CE1 1 
ATOM   1297 N NE2 . HIS B 1 80  ? 8.087   10.371  15.259  1.00 38.42 ? 69   HIS B NE2 1 
ATOM   1298 N N   . LYS B 1 81  ? 9.810   15.306  11.150  1.00 26.08 ? 70   LYS B N   1 
ATOM   1299 C CA  . LYS B 1 81  ? 10.325  15.981  9.970   1.00 25.48 ? 70   LYS B CA  1 
ATOM   1300 C C   . LYS B 1 81  ? 11.145  15.037  9.099   1.00 23.67 ? 70   LYS B C   1 
ATOM   1301 O O   . LYS B 1 81  ? 11.999  14.293  9.586   1.00 23.92 ? 70   LYS B O   1 
ATOM   1302 C CB  . LYS B 1 81  ? 11.181  17.187  10.360  1.00 28.41 ? 70   LYS B CB  1 
ATOM   1303 C CG  . LYS B 1 81  ? 10.389  18.354  10.925  1.00 32.84 ? 70   LYS B CG  1 
ATOM   1304 C CD  . LYS B 1 81  ? 11.250  19.608  10.991  1.00 36.28 ? 70   LYS B CD  1 
ATOM   1305 C CE  . LYS B 1 81  ? 10.421  20.836  11.339  1.00 39.03 ? 70   LYS B CE  1 
ATOM   1306 N NZ  . LYS B 1 81  ? 11.200  22.099  11.146  1.00 41.57 ? 70   LYS B NZ  1 
ATOM   1307 N N   . ALA B 1 82  ? 10.868  15.072  7.804   1.00 19.09 ? 71   ALA B N   1 
ATOM   1308 C CA  . ALA B 1 82  ? 11.573  14.240  6.847   1.00 18.40 ? 71   ALA B CA  1 
ATOM   1309 C C   . ALA B 1 82  ? 11.941  15.116  5.662   1.00 17.33 ? 71   ALA B C   1 
ATOM   1310 O O   . ALA B 1 82  ? 11.282  16.121  5.405   1.00 18.89 ? 71   ALA B O   1 
ATOM   1311 C CB  . ALA B 1 82  ? 10.681  13.089  6.395   1.00 15.95 ? 71   ALA B CB  1 
ATOM   1312 N N   . ILE B 1 83  ? 13.007  14.753  4.962   1.00 15.30 ? 72   ILE B N   1 
ATOM   1313 C CA  . ILE B 1 83  ? 13.431  15.510  3.790   1.00 14.53 ? 72   ILE B CA  1 
ATOM   1314 C C   . ILE B 1 83  ? 13.798  14.501  2.723   1.00 13.77 ? 72   ILE B C   1 
ATOM   1315 O O   . ILE B 1 83  ? 14.774  13.770  2.866   1.00 12.87 ? 72   ILE B O   1 
ATOM   1316 C CB  . ILE B 1 83  ? 14.672  16.383  4.058   1.00 14.89 ? 72   ILE B CB  1 
ATOM   1317 C CG1 . ILE B 1 83  ? 14.424  17.317  5.243   1.00 15.32 ? 72   ILE B CG1 1 
ATOM   1318 C CG2 . ILE B 1 83  ? 14.980  17.209  2.813   1.00 15.91 ? 72   ILE B CG2 1 
ATOM   1319 C CD1 . ILE B 1 83  ? 15.586  18.269  5.524   1.00 14.45 ? 72   ILE B CD1 1 
ATOM   1320 N N   . GLY B 1 84  ? 13.018  14.457  1.649   1.00 12.46 ? 73   GLY B N   1 
ATOM   1321 C CA  . GLY B 1 84  ? 13.310  13.496  0.607   1.00 12.70 ? 73   GLY B CA  1 
ATOM   1322 C C   . GLY B 1 84  ? 12.593  13.774  -0.693  1.00 12.74 ? 73   GLY B C   1 
ATOM   1323 O O   . GLY B 1 84  ? 12.075  14.874  -0.914  1.00 11.97 ? 73   GLY B O   1 
ATOM   1324 N N   . THR B 1 85  ? 12.571  12.761  -1.553  1.00 11.93 ? 74   THR B N   1 
ATOM   1325 C CA  . THR B 1 85  ? 11.941  12.860  -2.860  1.00 12.46 ? 74   THR B CA  1 
ATOM   1326 C C   . THR B 1 85  ? 10.431  12.726  -2.792  1.00 11.72 ? 74   THR B C   1 
ATOM   1327 O O   . THR B 1 85  ? 9.900   11.814  -2.159  1.00 11.39 ? 74   THR B O   1 
ATOM   1328 C CB  . THR B 1 85  ? 12.494  11.785  -3.815  1.00 14.13 ? 74   THR B CB  1 
ATOM   1329 O OG1 . THR B 1 85  ? 13.897  12.004  -4.008  1.00 16.14 ? 74   THR B OG1 1 
ATOM   1330 C CG2 . THR B 1 85  ? 11.788  11.846  -5.165  1.00 14.55 ? 74   THR B CG2 1 
ATOM   1331 N N   . VAL B 1 86  ? 9.744   13.651  -3.450  1.00 11.76 ? 75   VAL B N   1 
ATOM   1332 C CA  . VAL B 1 86  ? 8.292   13.648  -3.485  1.00 12.88 ? 75   VAL B CA  1 
ATOM   1333 C C   . VAL B 1 86  ? 7.829   13.695  -4.936  1.00 13.43 ? 75   VAL B C   1 
ATOM   1334 O O   . VAL B 1 86  ? 8.324   14.497  -5.726  1.00 14.12 ? 75   VAL B O   1 
ATOM   1335 C CB  . VAL B 1 86  ? 7.713   14.867  -2.745  1.00 15.90 ? 75   VAL B CB  1 
ATOM   1336 C CG1 . VAL B 1 86  ? 6.195   14.869  -2.854  1.00 17.42 ? 75   VAL B CG1 1 
ATOM   1337 C CG2 . VAL B 1 86  ? 8.138   14.835  -1.281  1.00 16.85 ? 75   VAL B CG2 1 
ATOM   1338 N N   . LEU B 1 87  ? 6.887   12.827  -5.283  1.00 12.36 ? 76   LEU B N   1 
ATOM   1339 C CA  . LEU B 1 87  ? 6.350   12.795  -6.638  1.00 11.41 ? 76   LEU B CA  1 
ATOM   1340 C C   . LEU B 1 87  ? 4.991   13.493  -6.623  1.00 12.91 ? 76   LEU B C   1 
ATOM   1341 O O   . LEU B 1 87  ? 4.259   13.417  -5.635  1.00 12.16 ? 76   LEU B O   1 
ATOM   1342 C CB  . LEU B 1 87  ? 6.195   11.352  -7.106  1.00 11.29 ? 76   LEU B CB  1 
ATOM   1343 C CG  . LEU B 1 87  ? 7.424   10.463  -6.918  1.00 12.85 ? 76   LEU B CG  1 
ATOM   1344 C CD1 . LEU B 1 87  ? 7.090   9.055   -7.390  1.00 10.69 ? 76   LEU B CD1 1 
ATOM   1345 C CD2 . LEU B 1 87  ? 8.620   11.034  -7.686  1.00 11.57 ? 76   LEU B CD2 1 
ATOM   1346 N N   . VAL B 1 88  ? 4.665   14.185  -7.710  1.00 12.19 ? 77   VAL B N   1 
ATOM   1347 C CA  . VAL B 1 88  ? 3.395   14.900  -7.812  1.00 13.19 ? 77   VAL B CA  1 
ATOM   1348 C C   . VAL B 1 88  ? 2.706   14.481  -9.102  1.00 13.87 ? 77   VAL B C   1 
ATOM   1349 O O   . VAL B 1 88  ? 3.316   14.480  -10.173 1.00 11.14 ? 77   VAL B O   1 
ATOM   1350 C CB  . VAL B 1 88  ? 3.609   16.434  -7.835  1.00 13.15 ? 77   VAL B CB  1 
ATOM   1351 C CG1 . VAL B 1 88  ? 2.278   17.152  -8.054  1.00 13.84 ? 77   VAL B CG1 1 
ATOM   1352 C CG2 . VAL B 1 88  ? 4.246   16.886  -6.528  1.00 16.11 ? 77   VAL B CG2 1 
ATOM   1353 N N   . GLY B 1 89  ? 1.433   14.119  -8.997  1.00 15.15 ? 78   GLY B N   1 
ATOM   1354 C CA  . GLY B 1 89  ? 0.712   13.692  -10.177 1.00 16.49 ? 78   GLY B CA  1 
ATOM   1355 C C   . GLY B 1 89  ? -0.731  13.317  -9.909  1.00 17.58 ? 78   GLY B C   1 
ATOM   1356 O O   . GLY B 1 89  ? -1.238  13.525  -8.802  1.00 16.09 ? 78   GLY B O   1 
ATOM   1357 N N   . PRO B 1 90  ? -1.414  12.738  -10.908 1.00 17.19 ? 79   PRO B N   1 
ATOM   1358 C CA  . PRO B 1 90  ? -2.817  12.318  -10.828 1.00 17.92 ? 79   PRO B CA  1 
ATOM   1359 C C   . PRO B 1 90  ? -3.096  11.099  -9.961  1.00 17.56 ? 79   PRO B C   1 
ATOM   1360 O O   . PRO B 1 90  ? -3.750  10.155  -10.401 1.00 17.23 ? 79   PRO B O   1 
ATOM   1361 C CB  . PRO B 1 90  ? -3.181  12.076  -12.290 1.00 17.50 ? 79   PRO B CB  1 
ATOM   1362 C CG  . PRO B 1 90  ? -1.909  11.542  -12.847 1.00 18.72 ? 79   PRO B CG  1 
ATOM   1363 C CD  . PRO B 1 90  ? -0.876  12.485  -12.257 1.00 18.82 ? 79   PRO B CD  1 
ATOM   1364 N N   . THR B 1 91  ? -2.599  11.112  -8.730  1.00 16.40 ? 80   THR B N   1 
ATOM   1365 C CA  . THR B 1 91  ? -2.846  10.002  -7.828  1.00 13.82 ? 80   THR B CA  1 
ATOM   1366 C C   . THR B 1 91  ? -4.214  10.227  -7.194  1.00 13.49 ? 80   THR B C   1 
ATOM   1367 O O   . THR B 1 91  ? -4.611  11.363  -6.971  1.00 14.82 ? 80   THR B O   1 
ATOM   1368 C CB  . THR B 1 91  ? -1.787  9.932   -6.714  1.00 13.86 ? 80   THR B CB  1 
ATOM   1369 O OG1 . THR B 1 91  ? -2.135  8.885   -5.802  1.00 14.20 ? 80   THR B OG1 1 
ATOM   1370 C CG2 . THR B 1 91  ? -1.703  11.260  -5.967  1.00 12.40 ? 80   THR B CG2 1 
ATOM   1371 N N   . PRO B 1 92  ? -4.956  9.145   -6.905  1.00 13.91 ? 81   PRO B N   1 
ATOM   1372 C CA  . PRO B 1 92  ? -6.290  9.231   -6.296  1.00 13.51 ? 81   PRO B CA  1 
ATOM   1373 C C   . PRO B 1 92  ? -6.266  9.758   -4.867  1.00 15.23 ? 81   PRO B C   1 
ATOM   1374 O O   . PRO B 1 92  ? -7.240  10.357  -4.397  1.00 14.73 ? 81   PRO B O   1 
ATOM   1375 C CB  . PRO B 1 92  ? -6.795  7.789   -6.352  1.00 13.22 ? 81   PRO B CB  1 
ATOM   1376 C CG  . PRO B 1 92  ? -6.077  7.216   -7.531  1.00 15.67 ? 81   PRO B CG  1 
ATOM   1377 C CD  . PRO B 1 92  ? -4.682  7.771   -7.356  1.00 14.51 ? 81   PRO B CD  1 
ATOM   1378 N N   . VAL B 1 93  ? -5.154  9.514   -4.174  1.00 13.47 ? 82   VAL B N   1 
ATOM   1379 C CA  . VAL B 1 93  ? -4.987  9.952   -2.794  1.00 13.31 ? 82   VAL B CA  1 
ATOM   1380 C C   . VAL B 1 93  ? -3.518  10.237  -2.516  1.00 13.56 ? 82   VAL B C   1 
ATOM   1381 O O   . VAL B 1 93  ? -2.642  9.706   -3.201  1.00 13.10 ? 82   VAL B O   1 
ATOM   1382 C CB  . VAL B 1 93  ? -5.461  8.868   -1.798  1.00 15.21 ? 82   VAL B CB  1 
ATOM   1383 C CG1 . VAL B 1 93  ? -6.969  8.690   -1.896  1.00 21.18 ? 82   VAL B CG1 1 
ATOM   1384 C CG2 . VAL B 1 93  ? -4.753  7.549   -2.097  1.00 19.17 ? 82   VAL B CG2 1 
ATOM   1385 N N   . ASN B 1 94  ? -3.250  11.074  -1.517  1.00 13.03 ? 83   ASN B N   1 
ATOM   1386 C CA  . ASN B 1 94  ? -1.879  11.402  -1.146  1.00 10.67 ? 83   ASN B CA  1 
ATOM   1387 C C   . ASN B 1 94  ? -1.280  10.150  -0.511  1.00 10.76 ? 83   ASN B C   1 
ATOM   1388 O O   . ASN B 1 94  ? -1.854  9.596   0.422   1.00 10.41 ? 83   ASN B O   1 
ATOM   1389 C CB  . ASN B 1 94  ? -1.859  12.560  -0.144  1.00 13.25 ? 83   ASN B CB  1 
ATOM   1390 C CG  . ASN B 1 94  ? -2.251  13.884  -0.772  1.00 13.98 ? 83   ASN B CG  1 
ATOM   1391 O OD1 . ASN B 1 94  ? -1.820  14.209  -1.876  1.00 15.03 ? 83   ASN B OD1 1 
ATOM   1392 N ND2 . ASN B 1 94  ? -3.053  14.667  -0.058  1.00 14.71 ? 83   ASN B ND2 1 
ATOM   1393 N N   . ILE B 1 95  ? -0.127  9.717   -1.017  1.00 9.40  ? 84   ILE B N   1 
ATOM   1394 C CA  . ILE B 1 95  ? 0.531   8.502   -0.534  1.00 9.95  ? 84   ILE B CA  1 
ATOM   1395 C C   . ILE B 1 95  ? 1.937   8.713   0.035   1.00 9.08  ? 84   ILE B C   1 
ATOM   1396 O O   . ILE B 1 95  ? 2.787   9.296   -0.622  1.00 9.38  ? 84   ILE B O   1 
ATOM   1397 C CB  . ILE B 1 95  ? 0.663   7.470   -1.680  1.00 11.87 ? 84   ILE B CB  1 
ATOM   1398 C CG1 . ILE B 1 95  ? -0.723  7.087   -2.199  1.00 12.13 ? 84   ILE B CG1 1 
ATOM   1399 C CG2 . ILE B 1 95  ? 1.422   6.228   -1.191  1.00 10.02 ? 84   ILE B CG2 1 
ATOM   1400 C CD1 . ILE B 1 95  ? -0.684  6.448   -3.559  1.00 18.05 ? 84   ILE B CD1 1 
ATOM   1401 N N   . ILE B 1 96  ? 2.163   8.239   1.258   1.00 9.62  ? 85   ILE B N   1 
ATOM   1402 C CA  . ILE B 1 96  ? 3.476   8.317   1.893   1.00 7.77  ? 85   ILE B CA  1 
ATOM   1403 C C   . ILE B 1 96  ? 4.064   6.915   1.699   1.00 10.91 ? 85   ILE B C   1 
ATOM   1404 O O   . ILE B 1 96  ? 3.571   5.939   2.280   1.00 10.39 ? 85   ILE B O   1 
ATOM   1405 C CB  . ILE B 1 96  ? 3.371   8.621   3.402   1.00 8.30  ? 85   ILE B CB  1 
ATOM   1406 C CG1 . ILE B 1 96  ? 2.677   9.973   3.614   1.00 8.65  ? 85   ILE B CG1 1 
ATOM   1407 C CG2 . ILE B 1 96  ? 4.758   8.628   4.028   1.00 8.75  ? 85   ILE B CG2 1 
ATOM   1408 C CD1 . ILE B 1 96  ? 3.386   11.156  2.978   1.00 13.52 ? 85   ILE B CD1 1 
ATOM   1409 N N   . GLY B 1 97  ? 5.100   6.822   0.869   1.00 9.57  ? 86   GLY B N   1 
ATOM   1410 C CA  . GLY B 1 97  ? 5.707   5.536   0.559   1.00 9.68  ? 86   GLY B CA  1 
ATOM   1411 C C   . GLY B 1 97  ? 6.893   5.132   1.409   1.00 8.63  ? 86   GLY B C   1 
ATOM   1412 O O   . GLY B 1 97  ? 7.282   5.841   2.333   1.00 7.32  ? 86   GLY B O   1 
ATOM   1413 N N   . ARG B 1 98  ? 7.480   3.984   1.088   1.00 9.79  ? 87   ARG B N   1 
ATOM   1414 C CA  . ARG B 1 98  ? 8.606   3.479   1.866   1.00 10.50 ? 87   ARG B CA  1 
ATOM   1415 C C   . ARG B 1 98  ? 9.804   4.417   1.955   1.00 10.79 ? 87   ARG B C   1 
ATOM   1416 O O   . ARG B 1 98  ? 10.516  4.414   2.962   1.00 12.18 ? 87   ARG B O   1 
ATOM   1417 C CB  . ARG B 1 98  ? 9.052   2.111   1.328   1.00 11.18 ? 87   ARG B CB  1 
ATOM   1418 C CG  . ARG B 1 98  ? 8.046   0.990   1.598   1.00 10.75 ? 87   ARG B CG  1 
ATOM   1419 C CD  . ARG B 1 98  ? 8.635   -0.394  1.270   1.00 13.97 ? 87   ARG B CD  1 
ATOM   1420 N NE  . ARG B 1 98  ? 8.990   -0.531  -0.143  1.00 12.85 ? 87   ARG B NE  1 
ATOM   1421 C CZ  . ARG B 1 98  ? 10.228  -0.438  -0.620  1.00 15.92 ? 87   ARG B CZ  1 
ATOM   1422 N NH1 . ARG B 1 98  ? 11.246  -0.217  0.199   1.00 14.83 ? 87   ARG B NH1 1 
ATOM   1423 N NH2 . ARG B 1 98  ? 10.445  -0.545  -1.924  1.00 18.31 ? 87   ARG B NH2 1 
ATOM   1424 N N   . ASN B 1 99  ? 10.030  5.231   0.926   1.00 10.07 ? 88   ASN B N   1 
ATOM   1425 C CA  . ASN B 1 99  ? 11.178  6.138   0.956   1.00 12.00 ? 88   ASN B CA  1 
ATOM   1426 C C   . ASN B 1 99  ? 11.122  7.095   2.146   1.00 12.54 ? 88   ASN B C   1 
ATOM   1427 O O   . ASN B 1 99  ? 12.160  7.465   2.699   1.00 12.24 ? 88   ASN B O   1 
ATOM   1428 C CB  . ASN B 1 99  ? 11.289  6.930   -0.355  1.00 13.97 ? 88   ASN B CB  1 
ATOM   1429 C CG  . ASN B 1 99  ? 10.229  8.009   -0.487  1.00 11.50 ? 88   ASN B CG  1 
ATOM   1430 O OD1 . ASN B 1 99  ? 9.031   7.733   -0.433  1.00 11.12 ? 88   ASN B OD1 1 
ATOM   1431 N ND2 . ASN B 1 99  ? 10.671  9.250   -0.661  1.00 13.13 ? 88   ASN B ND2 1 
ATOM   1432 N N   . LEU B 1 100 ? 9.919   7.490   2.554   1.00 11.66 ? 89   LEU B N   1 
ATOM   1433 C CA  . LEU B 1 100 ? 9.779   8.398   3.695   1.00 11.25 ? 89   LEU B CA  1 
ATOM   1434 C C   . LEU B 1 100 ? 9.410   7.647   4.975   1.00 12.20 ? 89   LEU B C   1 
ATOM   1435 O O   . LEU B 1 100 ? 9.719   8.099   6.075   1.00 14.15 ? 89   LEU B O   1 
ATOM   1436 C CB  . LEU B 1 100 ? 8.729   9.480   3.407   1.00 10.96 ? 89   LEU B CB  1 
ATOM   1437 C CG  . LEU B 1 100 ? 9.091   10.489  2.310   1.00 13.54 ? 89   LEU B CG  1 
ATOM   1438 C CD1 . LEU B 1 100 ? 8.026   11.574  2.240   1.00 13.72 ? 89   LEU B CD1 1 
ATOM   1439 C CD2 . LEU B 1 100 ? 10.455  11.095  2.596   1.00 12.22 ? 89   LEU B CD2 1 
ATOM   1440 N N   . LEU B 1 101 ? 8.744   6.505   4.833   1.00 11.16 ? 90   LEU B N   1 
ATOM   1441 C CA  . LEU B 1 101 ? 8.377   5.713   5.998   1.00 12.80 ? 90   LEU B CA  1 
ATOM   1442 C C   . LEU B 1 101 ? 9.649   5.278   6.734   1.00 13.99 ? 90   LEU B C   1 
ATOM   1443 O O   . LEU B 1 101 ? 9.682   5.235   7.963   1.00 14.17 ? 90   LEU B O   1 
ATOM   1444 C CB  . LEU B 1 101 ? 7.564   4.483   5.574   1.00 12.08 ? 90   LEU B CB  1 
ATOM   1445 C CG  . LEU B 1 101 ? 6.160   4.786   5.029   1.00 11.42 ? 90   LEU B CG  1 
ATOM   1446 C CD1 . LEU B 1 101 ? 5.470   3.501   4.627   1.00 10.79 ? 90   LEU B CD1 1 
ATOM   1447 C CD2 . LEU B 1 101 ? 5.345   5.513   6.087   1.00 14.17 ? 90   LEU B CD2 1 
ATOM   1448 N N   . THR B 1 102 ? 10.698  4.963   5.982   1.00 14.37 ? 91   THR B N   1 
ATOM   1449 C CA  . THR B 1 102 ? 11.950  4.547   6.605   1.00 15.79 ? 91   THR B CA  1 
ATOM   1450 C C   . THR B 1 102 ? 12.612  5.707   7.339   1.00 16.92 ? 91   THR B C   1 
ATOM   1451 O O   . THR B 1 102 ? 13.282  5.501   8.350   1.00 17.43 ? 91   THR B O   1 
ATOM   1452 C CB  . THR B 1 102 ? 12.942  3.964   5.574   1.00 15.00 ? 91   THR B CB  1 
ATOM   1453 O OG1 . THR B 1 102 ? 13.089  4.865   4.473   1.00 14.93 ? 91   THR B OG1 1 
ATOM   1454 C CG2 . THR B 1 102 ? 12.454  2.618   5.075   1.00 13.28 ? 91   THR B CG2 1 
ATOM   1455 N N   . GLN B 1 103 ? 12.417  6.927   6.844   1.00 15.71 ? 92   GLN B N   1 
ATOM   1456 C CA  . GLN B 1 103 ? 13.002  8.095   7.492   1.00 17.00 ? 92   GLN B CA  1 
ATOM   1457 C C   . GLN B 1 103 ? 12.380  8.371   8.854   1.00 17.62 ? 92   GLN B C   1 
ATOM   1458 O O   . GLN B 1 103 ? 13.032  8.930   9.732   1.00 19.86 ? 92   GLN B O   1 
ATOM   1459 C CB  . GLN B 1 103 ? 12.861  9.349   6.613   1.00 16.45 ? 92   GLN B CB  1 
ATOM   1460 C CG  . GLN B 1 103 ? 13.989  9.529   5.620   1.00 19.13 ? 92   GLN B CG  1 
ATOM   1461 C CD  . GLN B 1 103 ? 14.004  10.906  4.995   1.00 15.96 ? 92   GLN B CD  1 
ATOM   1462 O OE1 . GLN B 1 103 ? 13.784  11.910  5.673   1.00 15.68 ? 92   GLN B OE1 1 
ATOM   1463 N NE2 . GLN B 1 103 ? 14.287  10.965  3.700   1.00 16.31 ? 92   GLN B NE2 1 
ATOM   1464 N N   . ILE B 1 104 ? 11.120  7.996   9.040   1.00 16.37 ? 93   ILE B N   1 
ATOM   1465 C CA  . ILE B 1 104 ? 10.488  8.235   10.329  1.00 16.84 ? 93   ILE B CA  1 
ATOM   1466 C C   . ILE B 1 104 ? 10.558  7.017   11.248  1.00 17.15 ? 93   ILE B C   1 
ATOM   1467 O O   . ILE B 1 104 ? 9.998   7.029   12.342  1.00 20.31 ? 93   ILE B O   1 
ATOM   1468 C CB  . ILE B 1 104 ? 9.022   8.692   10.174  1.00 16.03 ? 93   ILE B CB  1 
ATOM   1469 C CG1 . ILE B 1 104 ? 8.203   7.621   9.457   1.00 17.14 ? 93   ILE B CG1 1 
ATOM   1470 C CG2 . ILE B 1 104 ? 8.975   10.019  9.419   1.00 15.28 ? 93   ILE B CG2 1 
ATOM   1471 C CD1 . ILE B 1 104 ? 6.740   7.995   9.306   1.00 17.26 ? 93   ILE B CD1 1 
ATOM   1472 N N   . GLY B 1 105 ? 11.256  5.976   10.799  1.00 17.18 ? 94   GLY B N   1 
ATOM   1473 C CA  . GLY B 1 105 ? 11.420  4.772   11.604  1.00 18.19 ? 94   GLY B CA  1 
ATOM   1474 C C   . GLY B 1 105 ? 10.204  3.869   11.695  1.00 18.84 ? 94   GLY B C   1 
ATOM   1475 O O   . GLY B 1 105 ? 10.023  3.150   12.677  1.00 17.43 ? 94   GLY B O   1 
ATOM   1476 N N   . CYS B 1 106 ? 9.374   3.889   10.661  1.00 17.04 ? 95   CYS B N   1 
ATOM   1477 C CA  . CYS B 1 106 ? 8.168   3.076   10.650  1.00 16.18 ? 95   CYS B CA  1 
ATOM   1478 C C   . CYS B 1 106 ? 8.432   1.608   10.313  1.00 16.07 ? 95   CYS B C   1 
ATOM   1479 O O   . CYS B 1 106 ? 9.186   1.297   9.387   1.00 16.35 ? 95   CYS B O   1 
ATOM   1480 C CB  . CYS B 1 106 ? 7.172   3.678   9.653   1.00 18.30 ? 95   CYS B CB  1 
ATOM   1481 S SG  . CYS B 1 106 ? 5.545   2.946   9.696   1.00 21.56 ? 95   CYS B SG  1 
ATOM   1482 N N   . THR B 1 107 ? 7.829   0.707   11.086  1.00 15.14 ? 96   THR B N   1 
ATOM   1483 C CA  . THR B 1 107 ? 7.970   -0.728  10.847  1.00 16.09 ? 96   THR B CA  1 
ATOM   1484 C C   . THR B 1 107 ? 6.614   -1.430  10.972  1.00 16.11 ? 96   THR B C   1 
ATOM   1485 O O   . THR B 1 107 ? 5.677   -0.888  11.564  1.00 16.26 ? 96   THR B O   1 
ATOM   1486 C CB  . THR B 1 107 ? 8.937   -1.397  11.856  1.00 18.07 ? 96   THR B CB  1 
ATOM   1487 O OG1 . THR B 1 107 ? 8.374   -1.334  13.172  1.00 16.59 ? 96   THR B OG1 1 
ATOM   1488 C CG2 . THR B 1 107 ? 10.298  -0.695  11.850  1.00 18.24 ? 96   THR B CG2 1 
ATOM   1489 N N   . LEU B 1 108 ? 6.516   -2.625  10.393  1.00 15.17 ? 97   LEU B N   1 
ATOM   1490 C CA  . LEU B 1 108 ? 5.305   -3.439  10.460  1.00 16.51 ? 97   LEU B CA  1 
ATOM   1491 C C   . LEU B 1 108 ? 5.542   -4.474  11.552  1.00 17.43 ? 97   LEU B C   1 
ATOM   1492 O O   . LEU B 1 108 ? 6.613   -5.076  11.609  1.00 17.83 ? 97   LEU B O   1 
ATOM   1493 C CB  . LEU B 1 108 ? 5.060   -4.156  9.133   1.00 17.46 ? 97   LEU B CB  1 
ATOM   1494 C CG  . LEU B 1 108 ? 4.411   -3.361  8.002   1.00 17.14 ? 97   LEU B CG  1 
ATOM   1495 C CD1 . LEU B 1 108 ? 4.421   -4.193  6.728   1.00 18.25 ? 97   LEU B CD1 1 
ATOM   1496 C CD2 . LEU B 1 108 ? 2.978   -3.002  8.392   1.00 18.17 ? 97   LEU B CD2 1 
ATOM   1497 N N   . ASN B 1 109 ? 4.547   -4.683  12.410  1.00 19.20 ? 98   ASN B N   1 
ATOM   1498 C CA  . ASN B 1 109 ? 4.677   -5.633  13.512  1.00 21.86 ? 98   ASN B CA  1 
ATOM   1499 C C   . ASN B 1 109 ? 3.446   -6.514  13.706  1.00 22.59 ? 98   ASN B C   1 
ATOM   1500 O O   . ASN B 1 109 ? 2.317   -6.063  13.539  1.00 21.83 ? 98   ASN B O   1 
ATOM   1501 C CB  . ASN B 1 109 ? 4.943   -4.869  14.809  1.00 23.02 ? 98   ASN B CB  1 
ATOM   1502 C CG  . ASN B 1 109 ? 6.202   -4.035  14.741  1.00 25.35 ? 98   ASN B CG  1 
ATOM   1503 O OD1 . ASN B 1 109 ? 7.288   -4.513  15.055  1.00 29.65 ? 98   ASN B OD1 1 
ATOM   1504 N ND2 . ASN B 1 109 ? 6.065   -2.785  14.315  1.00 25.58 ? 98   ASN B ND2 1 
ATOM   1505 N N   . PHE B 1 110 ? 3.680   -7.771  14.067  1.00 24.82 ? 99   PHE B N   1 
ATOM   1506 C CA  . PHE B 1 110 ? 2.603   -8.722  14.320  1.00 27.62 ? 99   PHE B CA  1 
ATOM   1507 C C   . PHE B 1 110 ? 3.164   -10.000 14.946  1.00 28.92 ? 99   PHE B C   1 
ATOM   1508 O O   . PHE B 1 110 ? 2.425   -10.672 15.693  1.00 28.21 ? 99   PHE B O   1 
ATOM   1509 C CB  . PHE B 1 110 ? 1.834   -9.034  13.026  1.00 29.41 ? 99   PHE B CB  1 
ATOM   1510 C CG  . PHE B 1 110 ? 2.652   -9.727  11.970  1.00 31.24 ? 99   PHE B CG  1 
ATOM   1511 C CD1 . PHE B 1 110 ? 2.910   -11.092 12.050  1.00 32.43 ? 99   PHE B CD1 1 
ATOM   1512 C CD2 . PHE B 1 110 ? 3.151   -9.017  10.886  1.00 31.83 ? 99   PHE B CD2 1 
ATOM   1513 C CE1 . PHE B 1 110 ? 3.651   -11.740 11.064  1.00 33.03 ? 99   PHE B CE1 1 
ATOM   1514 C CE2 . PHE B 1 110 ? 3.893   -9.655  9.893   1.00 31.71 ? 99   PHE B CE2 1 
ATOM   1515 C CZ  . PHE B 1 110 ? 4.142   -11.020 9.983   1.00 32.59 ? 99   PHE B CZ  1 
ATOM   1516 O OXT . PHE B 1 110 ? 4.343   -10.311 14.679  1.00 29.81 ? 99   PHE B OXT 1 
HETATM 1517 C C01 . BE6 C 2 .   ? 1.756   -2.903  -5.708  1.00 25.66 ? 1100 BE6 A C01 1 
HETATM 1518 C C02 . BE6 C 2 .   ? 3.047   -2.947  -5.025  1.00 28.03 ? 1100 BE6 A C02 1 
HETATM 1519 C C03 . BE6 C 2 .   ? 4.301   -2.964  -5.734  1.00 28.67 ? 1100 BE6 A C03 1 
HETATM 1520 C C04 . BE6 C 2 .   ? 4.325   -2.941  -7.190  1.00 28.68 ? 1100 BE6 A C04 1 
HETATM 1521 C C05 . BE6 C 2 .   ? 3.051   -2.894  -7.916  1.00 26.80 ? 1100 BE6 A C05 1 
HETATM 1522 C C06 . BE6 C 2 .   ? 1.797   -2.875  -7.189  1.00 27.59 ? 1100 BE6 A C06 1 
HETATM 1523 C C07 . BE6 C 2 .   ? -4.255  3.964   -2.945  1.00 19.45 ? 1100 BE6 A C07 1 
HETATM 1524 C C08 . BE6 C 2 .   ? -5.012  4.284   -4.155  1.00 23.90 ? 1100 BE6 A C08 1 
HETATM 1525 C C09 . BE6 C 2 .   ? -6.489  4.422   -4.082  1.00 22.04 ? 1100 BE6 A C09 1 
HETATM 1526 C C10 . BE6 C 2 .   ? -7.177  4.232   -2.781  1.00 25.04 ? 1100 BE6 A C10 1 
HETATM 1527 C C11 . BE6 C 2 .   ? -6.372  3.909   -1.584  1.00 24.86 ? 1100 BE6 A C11 1 
HETATM 1528 C C12 . BE6 C 2 .   ? -4.953  3.783   -1.686  1.00 24.96 ? 1100 BE6 A C12 1 
HETATM 1529 C C13 . BE6 C 2 .   ? -2.747  3.791   -2.930  1.00 18.72 ? 1100 BE6 A C13 1 
HETATM 1530 O O14 . BE6 C 2 .   ? -2.252  2.653   -3.686  1.00 17.62 ? 1100 BE6 A O14 1 
HETATM 1531 C C15 . BE6 C 2 .   ? -2.758  1.267   -3.323  1.00 16.47 ? 1100 BE6 A C15 1 
HETATM 1532 C C16 . BE6 C 2 .   ? -1.821  0.158   -3.773  1.00 18.83 ? 1100 BE6 A C16 1 
HETATM 1533 C C17 . BE6 C 2 .   ? -0.426  0.461   -3.376  1.00 18.65 ? 1100 BE6 A C17 1 
HETATM 1534 C C18 . BE6 C 2 .   ? 0.544   -0.418  -4.256  1.00 16.85 ? 1100 BE6 A C18 1 
HETATM 1535 C C19 . BE6 C 2 .   ? 1.186   0.352   -5.388  1.00 14.89 ? 1100 BE6 A C19 1 
HETATM 1536 O O20 . BE6 C 2 .   ? 0.491   0.742   -6.340  1.00 15.48 ? 1100 BE6 A O20 1 
HETATM 1537 N N21 . BE6 C 2 .   ? 2.536   0.588   -5.378  1.00 12.82 ? 1100 BE6 A N21 1 
HETATM 1538 O O22 . BE6 C 2 .   ? -0.183  -1.580  -4.815  1.00 20.80 ? 1100 BE6 A O22 1 
HETATM 1539 C C23 . BE6 C 2 .   ? 0.492   -2.873  -4.823  1.00 22.12 ? 1100 BE6 A C23 1 
HETATM 1540 O O24 . BE6 C 2 .   ? -0.300  0.146   -1.965  1.00 14.08 ? 1100 BE6 A O24 1 
HETATM 1541 O O25 . BE6 C 2 .   ? -2.164  -1.145  -3.176  1.00 22.25 ? 1100 BE6 A O25 1 
HETATM 1542 C C26 . BE6 C 2 .   ? -4.016  0.842   -4.006  1.00 13.83 ? 1100 BE6 A C26 1 
HETATM 1543 O O27 . BE6 C 2 .   ? -4.050  0.860   -5.257  1.00 18.52 ? 1100 BE6 A O27 1 
HETATM 1544 N N28 . BE6 C 2 .   ? -5.075  0.450   -3.221  1.00 14.78 ? 1100 BE6 A N28 1 
HETATM 1545 C C29 . BE6 C 2 .   ? -6.357  0.014   -3.741  1.00 14.53 ? 1100 BE6 A C29 1 
HETATM 1546 C C30 . BE6 C 2 .   ? -6.479  -1.468  -3.586  1.00 16.82 ? 1100 BE6 A C30 1 
HETATM 1547 C C31 . BE6 C 2 .   ? -7.852  -1.826  -3.276  1.00 16.79 ? 1100 BE6 A C31 1 
HETATM 1548 C C32 . BE6 C 2 .   ? -5.472  -2.503  -3.795  1.00 14.38 ? 1100 BE6 A C32 1 
HETATM 1549 C C33 . BE6 C 2 .   ? -5.872  -3.922  -3.689  1.00 17.23 ? 1100 BE6 A C33 1 
HETATM 1550 C C34 . BE6 C 2 .   ? -7.257  -4.255  -3.380  1.00 19.14 ? 1100 BE6 A C34 1 
HETATM 1551 C C35 . BE6 C 2 .   ? -7.653  0.473   -3.001  1.00 15.79 ? 1100 BE6 A C35 1 
HETATM 1552 O O36 . BE6 C 2 .   ? -7.372  0.485   -1.588  1.00 11.51 ? 1100 BE6 A O36 1 
HETATM 1553 C C37 . BE6 C 2 .   ? -8.263  -3.220  -3.171  1.00 18.24 ? 1100 BE6 A C37 1 
HETATM 1554 C C38 . BE6 C 2 .   ? -8.688  -0.612  -3.411  1.00 17.03 ? 1100 BE6 A C38 1 
HETATM 1555 C C39 . BE6 C 2 .   ? 3.212   1.291   -6.442  1.00 12.63 ? 1100 BE6 A C39 1 
HETATM 1556 C C40 . BE6 C 2 .   ? 3.444   2.781   -6.149  1.00 15.72 ? 1100 BE6 A C40 1 
HETATM 1557 C C41 . BE6 C 2 .   ? 4.738   3.173   -6.646  1.00 17.27 ? 1100 BE6 A C41 1 
HETATM 1558 C C42 . BE6 C 2 .   ? 2.631   3.735   -5.411  1.00 16.06 ? 1100 BE6 A C42 1 
HETATM 1559 C C43 . BE6 C 2 .   ? 3.155   5.102   -5.180  1.00 19.67 ? 1100 BE6 A C43 1 
HETATM 1560 C C44 . BE6 C 2 .   ? 4.466   5.460   -5.696  1.00 17.53 ? 1100 BE6 A C44 1 
HETATM 1561 C C45 . BE6 C 2 .   ? 4.659   0.804   -6.688  1.00 14.11 ? 1100 BE6 A C45 1 
HETATM 1562 O O46 . BE6 C 2 .   ? 5.227   0.485   -5.395  1.00 12.98 ? 1100 BE6 A O46 1 
HETATM 1563 C C47 . BE6 C 2 .   ? 5.278   4.515   -6.436  1.00 17.17 ? 1100 BE6 A C47 1 
HETATM 1564 C C48 . BE6 C 2 .   ? 5.324   2.002   -7.378  1.00 16.02 ? 1100 BE6 A C48 1 
HETATM 1565 F F49 . BE6 C 2 .   ? -6.898  3.707   -0.316  1.00 32.20 ? 1100 BE6 A F49 1 
HETATM 1566 F F50 . BE6 C 2 .   ? 5.400   -2.999  -5.096  1.00 36.88 ? 1100 BE6 A F50 1 
HETATM 1567 F F51 . BE6 C 2 .   ? 0.452   -2.817  -7.913  1.00 28.84 ? 1100 BE6 A F51 1 
HETATM 1568 F F52 . BE6 C 2 .   ? -4.439  4.428   -5.202  1.00 23.62 ? 1100 BE6 A F52 1 
HETATM 1569 O O   . HOH D 3 .   ? 13.788  -5.307  12.690  1.00 41.43 ? 2001 HOH A O   1 
HETATM 1570 O O   . HOH D 3 .   ? 11.527  -9.422  13.626  1.00 41.94 ? 2002 HOH A O   1 
HETATM 1571 O O   . HOH D 3 .   ? 10.717  -5.428  4.165   1.00 36.93 ? 2003 HOH A O   1 
HETATM 1572 O O   . HOH D 3 .   ? 13.726  -4.087  5.041   1.00 31.83 ? 2004 HOH A O   1 
HETATM 1573 O O   . HOH D 3 .   ? 16.838  -0.809  10.172  1.00 39.93 ? 2005 HOH A O   1 
HETATM 1574 O O   . HOH D 3 .   ? 15.462  1.409   0.728   1.00 38.09 ? 2006 HOH A O   1 
HETATM 1575 O O   . HOH D 3 .   ? 12.492  -4.299  -2.398  1.00 27.35 ? 2007 HOH A O   1 
HETATM 1576 O O   . HOH D 3 .   ? 8.226   -7.365  -5.675  1.00 36.06 ? 2008 HOH A O   1 
HETATM 1577 O O   . HOH D 3 .   ? 7.855   -15.224 4.430   1.00 41.43 ? 2009 HOH A O   1 
HETATM 1578 O O   . HOH D 3 .   ? -2.174  -16.278 -7.146  1.00 43.51 ? 2010 HOH A O   1 
HETATM 1579 O O   . HOH D 3 .   ? 3.742   -11.547 -5.566  1.00 36.44 ? 2011 HOH A O   1 
HETATM 1580 O O   . HOH D 3 .   ? 4.355   -15.869 -5.823  1.00 38.31 ? 2012 HOH A O   1 
HETATM 1581 O O   . HOH D 3 .   ? -12.367 -0.192  -1.404  1.00 40.31 ? 2013 HOH A O   1 
HETATM 1582 O O   . HOH D 3 .   ? -10.962 -3.399  4.427   1.00 36.06 ? 2014 HOH A O   1 
HETATM 1583 O O   . HOH D 3 .   ? -13.018 -2.968  1.491   1.00 44.47 ? 2015 HOH A O   1 
HETATM 1584 O O   . HOH D 3 .   ? -13.551 -7.780  2.697   1.00 34.10 ? 2016 HOH A O   1 
HETATM 1585 O O   . HOH D 3 .   ? -10.103 -8.890  -0.407  1.00 27.65 ? 2017 HOH A O   1 
HETATM 1586 O O   . HOH D 3 .   ? -3.157  -12.733 -13.329 1.00 41.01 ? 2018 HOH A O   1 
HETATM 1587 O O   . HOH D 3 .   ? -17.434 -17.025 -2.501  1.00 42.82 ? 2019 HOH A O   1 
HETATM 1588 O O   . HOH D 3 .   ? -11.633 0.305   -5.484  1.00 27.72 ? 2020 HOH A O   1 
HETATM 1589 O O   . HOH D 3 .   ? -9.853  2.630   -4.775  1.00 27.33 ? 2021 HOH A O   1 
HETATM 1590 O O   . HOH D 3 .   ? -4.362  7.060   -11.181 1.00 42.81 ? 2022 HOH A O   1 
HETATM 1591 O O   . HOH D 3 .   ? -9.928  2.455   -15.104 1.00 40.06 ? 2023 HOH A O   1 
HETATM 1592 O O   . HOH D 3 .   ? -10.738 -10.184 -14.274 1.00 38.46 ? 2024 HOH A O   1 
HETATM 1593 O O   . HOH D 3 .   ? -9.475  -5.562  -15.776 1.00 26.48 ? 2025 HOH A O   1 
HETATM 1594 O O   . HOH D 3 .   ? -18.424 -13.456 -3.788  1.00 39.26 ? 2026 HOH A O   1 
HETATM 1595 O O   . HOH D 3 .   ? -15.321 -13.520 3.417   1.00 33.52 ? 2027 HOH A O   1 
HETATM 1596 O O   . HOH D 3 .   ? -6.554  -22.067 1.652   1.00 40.97 ? 2028 HOH A O   1 
HETATM 1597 O O   . HOH D 3 .   ? -10.422 -21.623 1.819   1.00 37.49 ? 2029 HOH A O   1 
HETATM 1598 O O   . HOH D 3 .   ? -7.326  -14.825 12.608  1.00 30.22 ? 2030 HOH A O   1 
HETATM 1599 O O   . HOH D 3 .   ? -12.800 -9.834  4.543   1.00 13.48 ? 2031 HOH A O   1 
HETATM 1600 O O   . HOH D 3 .   ? -1.166  -10.946 -12.853 1.00 41.75 ? 2032 HOH A O   1 
HETATM 1601 O O   . HOH D 3 .   ? 3.655   -8.324  -13.031 1.00 45.32 ? 2033 HOH A O   1 
HETATM 1602 O O   . HOH D 3 .   ? -9.740  -3.786  7.368   1.00 31.02 ? 2034 HOH A O   1 
HETATM 1603 O O   . HOH D 3 .   ? -11.823 -0.168  6.067   1.00 44.70 ? 2035 HOH A O   1 
HETATM 1604 O O   . HOH D 3 .   ? -5.806  1.129   3.068   1.00 18.29 ? 2036 HOH A O   1 
HETATM 1605 O O   . HOH D 3 .   ? -5.350  -6.071  14.362  1.00 23.99 ? 2037 HOH A O   1 
HETATM 1606 O O   . HOH D 3 .   ? -10.628 -5.967  8.800   1.00 22.37 ? 2038 HOH A O   1 
HETATM 1607 O O   . HOH D 3 .   ? -9.562  -14.537 10.592  1.00 16.73 ? 2039 HOH A O   1 
HETATM 1608 O O   . HOH D 3 .   ? -4.508  -3.974  12.720  1.00 17.50 ? 2040 HOH A O   1 
HETATM 1609 O O   . HOH D 3 .   ? 1.224   -5.672  16.243  1.00 29.53 ? 2041 HOH A O   1 
HETATM 1610 O O   . HOH D 3 .   ? 10.361  6.133   15.182  1.00 44.49 ? 2042 HOH A O   1 
HETATM 1611 O O   . HOH D 3 .   ? -2.267  0.931   -7.084  1.00 13.14 ? 2043 HOH A O   1 
HETATM 1612 O O   . HOH E 3 .   ? -3.840  -1.537  19.626  1.00 44.21 ? 2001 HOH B O   1 
HETATM 1613 O O   . HOH E 3 .   ? -7.762  10.492  1.919   1.00 37.06 ? 2002 HOH B O   1 
HETATM 1614 O O   . HOH E 3 .   ? -5.657  3.119   10.773  1.00 26.96 ? 2003 HOH B O   1 
HETATM 1615 O O   . HOH E 3 .   ? -4.759  2.833   14.959  1.00 43.61 ? 2004 HOH B O   1 
HETATM 1616 O O   . HOH E 3 .   ? -7.744  1.284   12.887  1.00 21.01 ? 2005 HOH B O   1 
HETATM 1617 O O   . HOH E 3 .   ? -11.273 3.510   6.401   1.00 28.50 ? 2006 HOH B O   1 
HETATM 1618 O O   . HOH E 3 .   ? -8.957  7.718   2.223   1.00 34.37 ? 2007 HOH B O   1 
HETATM 1619 O O   . HOH E 3 .   ? -8.916  6.609   8.588   1.00 29.02 ? 2008 HOH B O   1 
HETATM 1620 O O   . HOH E 3 .   ? -1.750  12.806  12.211  1.00 35.16 ? 2009 HOH B O   1 
HETATM 1621 O O   . HOH E 3 .   ? 6.860   21.005  5.901   1.00 41.91 ? 2010 HOH B O   1 
HETATM 1622 O O   . HOH E 3 .   ? 5.903   23.483  5.835   1.00 36.88 ? 2011 HOH B O   1 
HETATM 1623 O O   . HOH E 3 .   ? 0.923   28.113  7.360   1.00 25.09 ? 2012 HOH B O   1 
HETATM 1624 O O   . HOH E 3 .   ? 3.873   -2.532  -12.265 1.00 33.84 ? 2013 HOH B O   1 
HETATM 1625 O O   . HOH E 3 .   ? -3.488  24.227  6.320   1.00 31.80 ? 2014 HOH B O   1 
HETATM 1626 O O   . HOH E 3 .   ? -5.304  11.935  0.530   1.00 20.25 ? 2015 HOH B O   1 
HETATM 1627 O O   . HOH E 3 .   ? -5.773  16.523  2.046   1.00 26.09 ? 2016 HOH B O   1 
HETATM 1628 O O   . HOH E 3 .   ? -5.452  12.279  9.783   1.00 39.76 ? 2017 HOH B O   1 
HETATM 1629 O O   . HOH E 3 .   ? 0.462   9.026   -18.784 1.00 43.71 ? 2018 HOH B O   1 
HETATM 1630 O O   . HOH E 3 .   ? 8.286   23.076  -0.420  1.00 43.92 ? 2019 HOH B O   1 
HETATM 1631 O O   . HOH E 3 .   ? 6.483   -1.482  -1.179  1.00 16.82 ? 2020 HOH B O   1 
HETATM 1632 O O   . HOH E 3 .   ? 11.688  3.098   -1.427  1.00 25.51 ? 2021 HOH B O   1 
HETATM 1633 O O   . HOH E 3 .   ? 9.621   1.395   -7.770  1.00 38.21 ? 2022 HOH B O   1 
HETATM 1634 O O   . HOH E 3 .   ? 11.761  3.871   -5.960  1.00 44.52 ? 2023 HOH B O   1 
HETATM 1635 O O   . HOH E 3 .   ? 8.513   3.468   -8.773  1.00 36.39 ? 2024 HOH B O   1 
HETATM 1636 O O   . HOH E 3 .   ? 11.146  8.117   -4.573  1.00 36.44 ? 2025 HOH B O   1 
HETATM 1637 O O   . HOH E 3 .   ? -1.392  17.363  -2.668  1.00 32.49 ? 2026 HOH B O   1 
HETATM 1638 O O   . HOH E 3 .   ? -4.123  15.495  -8.747  1.00 28.90 ? 2027 HOH B O   1 
HETATM 1639 O O   . HOH E 3 .   ? 13.605  19.258  -7.156  1.00 24.00 ? 2028 HOH B O   1 
HETATM 1640 O O   . HOH E 3 .   ? 15.290  18.732  -14.308 1.00 27.34 ? 2029 HOH B O   1 
HETATM 1641 O O   . HOH E 3 .   ? 13.196  10.348  -12.439 1.00 36.74 ? 2030 HOH B O   1 
HETATM 1642 O O   . HOH E 3 .   ? 10.536  6.440   -14.886 1.00 33.00 ? 2031 HOH B O   1 
HETATM 1643 O O   . HOH E 3 .   ? 5.327   -0.701  -10.160 1.00 40.42 ? 2032 HOH B O   1 
HETATM 1644 O O   . HOH E 3 .   ? 6.549   1.724   -10.785 1.00 35.85 ? 2033 HOH B O   1 
HETATM 1645 O O   . HOH E 3 .   ? 1.380   -1.511  -13.398 1.00 32.28 ? 2034 HOH B O   1 
HETATM 1646 O O   . HOH E 3 .   ? -2.896  -3.725  -13.988 1.00 36.14 ? 2035 HOH B O   1 
HETATM 1647 O O   . HOH E 3 .   ? -3.162  4.656   -16.487 1.00 41.88 ? 2036 HOH B O   1 
HETATM 1648 O O   . HOH E 3 .   ? -0.948  2.246   -18.089 1.00 40.38 ? 2037 HOH B O   1 
HETATM 1649 O O   . HOH E 3 .   ? 2.290   14.642  -14.344 1.00 39.00 ? 2038 HOH B O   1 
HETATM 1650 O O   . HOH E 3 .   ? -0.282  9.895   -16.289 1.00 28.45 ? 2039 HOH B O   1 
HETATM 1651 O O   . HOH E 3 .   ? 6.743   12.827  -16.011 1.00 36.31 ? 2040 HOH B O   1 
HETATM 1652 O O   . HOH E 3 .   ? 13.964  16.578  -9.421  1.00 34.51 ? 2041 HOH B O   1 
HETATM 1653 O O   . HOH E 3 .   ? 7.543   23.199  -10.454 1.00 35.69 ? 2042 HOH B O   1 
HETATM 1654 O O   . HOH E 3 .   ? 15.496  13.898  -2.259  1.00 18.24 ? 2043 HOH B O   1 
HETATM 1655 O O   . HOH E 3 .   ? 10.863  21.950  0.897   1.00 32.10 ? 2044 HOH B O   1 
HETATM 1656 O O   . HOH E 3 .   ? 7.602   21.972  2.746   1.00 24.55 ? 2045 HOH B O   1 
HETATM 1657 O O   . HOH E 3 .   ? 2.500   16.652  10.560  1.00 39.25 ? 2046 HOH B O   1 
HETATM 1658 O O   . HOH E 3 .   ? 17.354  14.626  2.170   1.00 20.16 ? 2047 HOH B O   1 
HETATM 1659 O O   . HOH E 3 .   ? 9.106   9.534   -3.727  1.00 19.60 ? 2048 HOH B O   1 
HETATM 1660 O O   . HOH E 3 .   ? 13.767  10.060  -0.675  1.00 13.58 ? 2049 HOH B O   1 
HETATM 1661 O O   . HOH E 3 .   ? -5.603  13.501  -7.945  1.00 37.10 ? 2050 HOH B O   1 
HETATM 1662 O O   . HOH E 3 .   ? -9.766  9.076   -4.264  1.00 35.57 ? 2051 HOH B O   1 
HETATM 1663 O O   . HOH E 3 .   ? -4.214  17.097  -1.081  1.00 38.09 ? 2052 HOH B O   1 
HETATM 1664 O O   . HOH E 3 .   ? 13.089  2.742   1.092   1.00 35.07 ? 2053 HOH B O   1 
HETATM 1665 O O   . HOH E 3 .   ? 14.845  4.743   2.460   1.00 32.39 ? 2054 HOH B O   1 
HETATM 1666 O O   . HOH E 3 .   ? 14.635  8.807   2.006   1.00 32.32 ? 2055 HOH B O   1 
HETATM 1667 O O   . HOH E 3 .   ? 9.335   1.101   14.408  1.00 26.47 ? 2056 HOH B O   1 
HETATM 1668 O O   . HOH E 3 .   ? 11.584  0.648   8.360   1.00 24.27 ? 2057 HOH B O   1 
HETATM 1669 O O   . HOH E 3 .   ? 0.256   -9.680  16.729  1.00 44.41 ? 2058 HOH B O   1 
# 
